data_5QRR
# 
_entry.id   5QRR 
# 
_audit_conform.dict_name       mmcif_pdbx.dic 
_audit_conform.dict_version    5.387 
_audit_conform.dict_location   http://mmcif.pdb.org/dictionaries/ascii/mmcif_pdbx.dic 
# 
loop_
_database_2.database_id 
_database_2.database_code 
_database_2.pdbx_database_accession 
_database_2.pdbx_DOI 
PDB   5QRR         pdb_00005qrr 10.2210/pdb5qrr/pdb 
WWPDB D_1001402324 ?            ?                   
# 
loop_
_pdbx_audit_revision_history.ordinal 
_pdbx_audit_revision_history.data_content_type 
_pdbx_audit_revision_history.major_revision 
_pdbx_audit_revision_history.minor_revision 
_pdbx_audit_revision_history.revision_date 
1 'Structure model' 1 0 2019-07-10 
2 'Structure model' 1 1 2019-08-07 
3 'Structure model' 1 2 2024-03-06 
# 
_pdbx_audit_revision_details.ordinal             1 
_pdbx_audit_revision_details.revision_ordinal    1 
_pdbx_audit_revision_details.data_content_type   'Structure model' 
_pdbx_audit_revision_details.provider            repository 
_pdbx_audit_revision_details.type                'Initial release' 
_pdbx_audit_revision_details.description         ? 
_pdbx_audit_revision_details.details             ? 
# 
loop_
_pdbx_audit_revision_group.ordinal 
_pdbx_audit_revision_group.revision_ordinal 
_pdbx_audit_revision_group.data_content_type 
_pdbx_audit_revision_group.group 
1 2 'Structure model' 'Author supporting evidence' 
2 2 'Structure model' 'Data collection'            
3 2 'Structure model' 'Structure summary'          
4 3 'Structure model' 'Data collection'            
5 3 'Structure model' 'Database references'        
6 3 'Structure model' 'Derived calculations'       
# 
loop_
_pdbx_audit_revision_category.ordinal 
_pdbx_audit_revision_category.revision_ordinal 
_pdbx_audit_revision_category.data_content_type 
_pdbx_audit_revision_category.category 
1 2 'Structure model' pdbx_entity_instance_feature 
2 2 'Structure model' pdbx_entry_details           
3 3 'Structure model' chem_comp_atom               
4 3 'Structure model' chem_comp_bond               
5 3 'Structure model' database_2                   
6 3 'Structure model' pdbx_struct_conn_angle       
7 3 'Structure model' struct_conn                  
# 
loop_
_pdbx_audit_revision_item.ordinal 
_pdbx_audit_revision_item.revision_ordinal 
_pdbx_audit_revision_item.data_content_type 
_pdbx_audit_revision_item.item 
1  3 'Structure model' '_database_2.pdbx_DOI'                        
2  3 'Structure model' '_database_2.pdbx_database_accession'         
3  3 'Structure model' '_pdbx_struct_conn_angle.ptnr1_auth_comp_id'  
4  3 'Structure model' '_pdbx_struct_conn_angle.ptnr1_auth_seq_id'   
5  3 'Structure model' '_pdbx_struct_conn_angle.ptnr1_label_alt_id'  
6  3 'Structure model' '_pdbx_struct_conn_angle.ptnr1_label_asym_id' 
7  3 'Structure model' '_pdbx_struct_conn_angle.ptnr1_label_atom_id' 
8  3 'Structure model' '_pdbx_struct_conn_angle.ptnr1_label_comp_id' 
9  3 'Structure model' '_pdbx_struct_conn_angle.ptnr1_label_seq_id'  
10 3 'Structure model' '_pdbx_struct_conn_angle.ptnr1_symmetry'      
11 3 'Structure model' '_pdbx_struct_conn_angle.ptnr2_auth_seq_id'   
12 3 'Structure model' '_pdbx_struct_conn_angle.ptnr2_label_asym_id' 
13 3 'Structure model' '_pdbx_struct_conn_angle.ptnr3_auth_comp_id'  
14 3 'Structure model' '_pdbx_struct_conn_angle.ptnr3_auth_seq_id'   
15 3 'Structure model' '_pdbx_struct_conn_angle.ptnr3_label_alt_id'  
16 3 'Structure model' '_pdbx_struct_conn_angle.ptnr3_label_asym_id' 
17 3 'Structure model' '_pdbx_struct_conn_angle.ptnr3_label_atom_id' 
18 3 'Structure model' '_pdbx_struct_conn_angle.ptnr3_label_comp_id' 
19 3 'Structure model' '_pdbx_struct_conn_angle.ptnr3_label_seq_id'  
20 3 'Structure model' '_pdbx_struct_conn_angle.ptnr3_symmetry'      
21 3 'Structure model' '_pdbx_struct_conn_angle.value'               
22 3 'Structure model' '_struct_conn.pdbx_dist_value'                
23 3 'Structure model' '_struct_conn.pdbx_ptnr1_label_alt_id'        
24 3 'Structure model' '_struct_conn.ptnr1_auth_comp_id'             
25 3 'Structure model' '_struct_conn.ptnr1_auth_seq_id'              
26 3 'Structure model' '_struct_conn.ptnr1_label_asym_id'            
27 3 'Structure model' '_struct_conn.ptnr1_label_atom_id'            
28 3 'Structure model' '_struct_conn.ptnr1_label_comp_id'            
29 3 'Structure model' '_struct_conn.ptnr1_label_seq_id'             
30 3 'Structure model' '_struct_conn.ptnr2_auth_comp_id'             
31 3 'Structure model' '_struct_conn.ptnr2_auth_seq_id'              
32 3 'Structure model' '_struct_conn.ptnr2_label_asym_id'            
33 3 'Structure model' '_struct_conn.ptnr2_label_atom_id'            
34 3 'Structure model' '_struct_conn.ptnr2_label_comp_id'            
35 3 'Structure model' '_struct_conn.ptnr2_symmetry'                 
# 
_pdbx_database_status.entry_id                        5QRR 
_pdbx_database_status.status_code                     REL 
_pdbx_database_status.status_code_sf                  REL 
_pdbx_database_status.status_code_mr                  ? 
_pdbx_database_status.status_code_cs                  ? 
_pdbx_database_status.recvd_initial_deposition_date   2019-05-25 
_pdbx_database_status.deposit_site                    RCSB 
_pdbx_database_status.process_site                    RCSB 
_pdbx_database_status.SG_entry                        ? 
_pdbx_database_status.pdb_format_compatible           Y 
_pdbx_database_status.methods_development_category    ? 
_pdbx_database_status.status_code_nmr_data            ? 
# 
loop_
_audit_author.name 
_audit_author.pdbx_ordinal 
'Newman, J.A.'        1  
'Gavard, A.E.'        2  
'Fernandez-Cid, A.'   3  
'Sherestha, L.'       4  
'Burgess-Brown, N.A.' 5  
'von Delft, F.'       6  
'Arrowsmith, C.H.'    7  
'Edwards, A.'         8  
'Bountra, C.'         9  
'Gileadi, O.'         10 
# 
_citation.id                        primary 
_citation.title                     'PanDDA analysis group deposition' 
_citation.journal_abbrev            'To Be Published' 
_citation.journal_volume            ? 
_citation.page_first                ? 
_citation.page_last                 ? 
_citation.year                      ? 
_citation.journal_id_ASTM           ? 
_citation.country                   ? 
_citation.journal_id_ISSN           ? 
_citation.journal_id_CSD            0353 
_citation.book_publisher            ? 
_citation.pdbx_database_id_PubMed   ? 
_citation.pdbx_database_id_DOI      ? 
# 
loop_
_citation_author.citation_id 
_citation_author.name 
_citation_author.identifier_ORCID 
_citation_author.ordinal 
primary 'Newman, J.A.'        ? 1  
primary 'Gavard, A.E.'        ? 2  
primary 'Fernandez-Cid, A.'   ? 3  
primary 'Sherestha, L.'       ? 4  
primary 'Burgess-Brown, N.A.' ? 5  
primary 'von Delft, F.'       ? 6  
primary 'Arrowsmith, C.H.'    ? 7  
primary 'Edwards, A.'         ? 8  
primary 'Bountra, C.'         ? 9  
primary 'Gileadi, O.'         ? 10 
# 
loop_
_entity.id 
_entity.type 
_entity.src_method 
_entity.pdbx_description 
_entity.formula_weight 
_entity.pdbx_number_of_molecules 
_entity.pdbx_ec 
_entity.pdbx_mutation 
_entity.pdbx_fragment 
_entity.details 
1 polymer     man 'T-box transcription factor T'                                19597.586 1  ? ? ? ? 
2 non-polymer syn 'CADMIUM ION'                                                 112.411   5  ? ? ? ? 
3 non-polymer syn '2-(2-methyl-1,3-thiazol-4-yl)-1-(morpholin-4-yl)ethan-1-one' 226.295   1  ? ? ? ? 
4 water       nat water                                                         18.015    74 ? ? ? ? 
# 
_entity_name_com.entity_id   1 
_entity_name_com.name        'Brachyury protein,Protein T' 
# 
_entity_poly.entity_id                      1 
_entity_poly.type                           'polypeptide(L)' 
_entity_poly.nstd_linkage                   no 
_entity_poly.nstd_monomer                   no 
_entity_poly.pdbx_seq_one_letter_code       
;GELRVGLEESELWLRFKELTNEMIVTKNGRRMFPVLKVNVSGLDPNAMYSFLLDFVAADNHRWKYVNGEWVPGGKPEPQA
PSCVYIHPDSPNFGAHWMKAPVSFSKVKLTNKLNGGGQIMLNSLHKYEPRIHIVRVGGPQRMITSHCFPETQFIAVTAYQ
NEEITALKIKYN
;
_entity_poly.pdbx_seq_one_letter_code_can   
;GELRVGLEESELWLRFKELTNEMIVTKNGRRMFPVLKVNVSGLDPNAMYSFLLDFVAADNHRWKYVNGEWVPGGKPEPQA
PSCVYIHPDSPNFGAHWMKAPVSFSKVKLTNKLNGGGQIMLNSLHKYEPRIHIVRVGGPQRMITSHCFPETQFIAVTAYQ
NEEITALKIKYN
;
_entity_poly.pdbx_strand_id                 A 
_entity_poly.pdbx_target_identifier         ? 
# 
loop_
_pdbx_entity_nonpoly.entity_id 
_pdbx_entity_nonpoly.name 
_pdbx_entity_nonpoly.comp_id 
2 'CADMIUM ION'                                                 CD  
3 '2-(2-methyl-1,3-thiazol-4-yl)-1-(morpholin-4-yl)ethan-1-one' NY1 
4 water                                                         HOH 
# 
loop_
_entity_poly_seq.entity_id 
_entity_poly_seq.num 
_entity_poly_seq.mon_id 
_entity_poly_seq.hetero 
1 1   GLY n 
1 2   GLU n 
1 3   LEU n 
1 4   ARG n 
1 5   VAL n 
1 6   GLY n 
1 7   LEU n 
1 8   GLU n 
1 9   GLU n 
1 10  SER n 
1 11  GLU n 
1 12  LEU n 
1 13  TRP n 
1 14  LEU n 
1 15  ARG n 
1 16  PHE n 
1 17  LYS n 
1 18  GLU n 
1 19  LEU n 
1 20  THR n 
1 21  ASN n 
1 22  GLU n 
1 23  MET n 
1 24  ILE n 
1 25  VAL n 
1 26  THR n 
1 27  LYS n 
1 28  ASN n 
1 29  GLY n 
1 30  ARG n 
1 31  ARG n 
1 32  MET n 
1 33  PHE n 
1 34  PRO n 
1 35  VAL n 
1 36  LEU n 
1 37  LYS n 
1 38  VAL n 
1 39  ASN n 
1 40  VAL n 
1 41  SER n 
1 42  GLY n 
1 43  LEU n 
1 44  ASP n 
1 45  PRO n 
1 46  ASN n 
1 47  ALA n 
1 48  MET n 
1 49  TYR n 
1 50  SER n 
1 51  PHE n 
1 52  LEU n 
1 53  LEU n 
1 54  ASP n 
1 55  PHE n 
1 56  VAL n 
1 57  ALA n 
1 58  ALA n 
1 59  ASP n 
1 60  ASN n 
1 61  HIS n 
1 62  ARG n 
1 63  TRP n 
1 64  LYS n 
1 65  TYR n 
1 66  VAL n 
1 67  ASN n 
1 68  GLY n 
1 69  GLU n 
1 70  TRP n 
1 71  VAL n 
1 72  PRO n 
1 73  GLY n 
1 74  GLY n 
1 75  LYS n 
1 76  PRO n 
1 77  GLU n 
1 78  PRO n 
1 79  GLN n 
1 80  ALA n 
1 81  PRO n 
1 82  SER n 
1 83  CYS n 
1 84  VAL n 
1 85  TYR n 
1 86  ILE n 
1 87  HIS n 
1 88  PRO n 
1 89  ASP n 
1 90  SER n 
1 91  PRO n 
1 92  ASN n 
1 93  PHE n 
1 94  GLY n 
1 95  ALA n 
1 96  HIS n 
1 97  TRP n 
1 98  MET n 
1 99  LYS n 
1 100 ALA n 
1 101 PRO n 
1 102 VAL n 
1 103 SER n 
1 104 PHE n 
1 105 SER n 
1 106 LYS n 
1 107 VAL n 
1 108 LYS n 
1 109 LEU n 
1 110 THR n 
1 111 ASN n 
1 112 LYS n 
1 113 LEU n 
1 114 ASN n 
1 115 GLY n 
1 116 GLY n 
1 117 GLY n 
1 118 GLN n 
1 119 ILE n 
1 120 MET n 
1 121 LEU n 
1 122 ASN n 
1 123 SER n 
1 124 LEU n 
1 125 HIS n 
1 126 LYS n 
1 127 TYR n 
1 128 GLU n 
1 129 PRO n 
1 130 ARG n 
1 131 ILE n 
1 132 HIS n 
1 133 ILE n 
1 134 VAL n 
1 135 ARG n 
1 136 VAL n 
1 137 GLY n 
1 138 GLY n 
1 139 PRO n 
1 140 GLN n 
1 141 ARG n 
1 142 MET n 
1 143 ILE n 
1 144 THR n 
1 145 SER n 
1 146 HIS n 
1 147 CYS n 
1 148 PHE n 
1 149 PRO n 
1 150 GLU n 
1 151 THR n 
1 152 GLN n 
1 153 PHE n 
1 154 ILE n 
1 155 ALA n 
1 156 VAL n 
1 157 THR n 
1 158 ALA n 
1 159 TYR n 
1 160 GLN n 
1 161 ASN n 
1 162 GLU n 
1 163 GLU n 
1 164 ILE n 
1 165 THR n 
1 166 ALA n 
1 167 LEU n 
1 168 LYS n 
1 169 ILE n 
1 170 LYS n 
1 171 TYR n 
1 172 ASN n 
# 
_entity_src_gen.entity_id                          1 
_entity_src_gen.pdbx_src_id                        1 
_entity_src_gen.pdbx_alt_source_flag               sample 
_entity_src_gen.pdbx_seq_type                      'Biological sequence' 
_entity_src_gen.pdbx_beg_seq_num                   1 
_entity_src_gen.pdbx_end_seq_num                   172 
_entity_src_gen.gene_src_common_name               Human 
_entity_src_gen.gene_src_genus                     ? 
_entity_src_gen.pdbx_gene_src_gene                 'TBXT, T' 
_entity_src_gen.gene_src_species                   ? 
_entity_src_gen.gene_src_strain                    ? 
_entity_src_gen.gene_src_tissue                    ? 
_entity_src_gen.gene_src_tissue_fraction           ? 
_entity_src_gen.gene_src_details                   ? 
_entity_src_gen.pdbx_gene_src_fragment             ? 
_entity_src_gen.pdbx_gene_src_scientific_name      'Homo sapiens' 
_entity_src_gen.pdbx_gene_src_ncbi_taxonomy_id     9606 
_entity_src_gen.pdbx_gene_src_variant              ? 
_entity_src_gen.pdbx_gene_src_cell_line            ? 
_entity_src_gen.pdbx_gene_src_atcc                 ? 
_entity_src_gen.pdbx_gene_src_organ                ? 
_entity_src_gen.pdbx_gene_src_organelle            ? 
_entity_src_gen.pdbx_gene_src_cell                 ? 
_entity_src_gen.pdbx_gene_src_cellular_location    ? 
_entity_src_gen.host_org_common_name               ? 
_entity_src_gen.pdbx_host_org_scientific_name      'Escherichia coli' 
_entity_src_gen.pdbx_host_org_ncbi_taxonomy_id     562 
_entity_src_gen.host_org_genus                     ? 
_entity_src_gen.pdbx_host_org_gene                 ? 
_entity_src_gen.pdbx_host_org_organ                ? 
_entity_src_gen.host_org_species                   ? 
_entity_src_gen.pdbx_host_org_tissue               ? 
_entity_src_gen.pdbx_host_org_tissue_fraction      ? 
_entity_src_gen.pdbx_host_org_strain               ? 
_entity_src_gen.pdbx_host_org_variant              ? 
_entity_src_gen.pdbx_host_org_cell_line            ? 
_entity_src_gen.pdbx_host_org_atcc                 ? 
_entity_src_gen.pdbx_host_org_culture_collection   ? 
_entity_src_gen.pdbx_host_org_cell                 ? 
_entity_src_gen.pdbx_host_org_organelle            ? 
_entity_src_gen.pdbx_host_org_cellular_location    ? 
_entity_src_gen.pdbx_host_org_vector_type          ? 
_entity_src_gen.pdbx_host_org_vector               ? 
_entity_src_gen.host_org_details                   ? 
_entity_src_gen.expression_system_id               ? 
_entity_src_gen.plasmid_name                       ? 
_entity_src_gen.plasmid_details                    ? 
_entity_src_gen.pdbx_description                   ? 
# 
loop_
_chem_comp.id 
_chem_comp.type 
_chem_comp.mon_nstd_flag 
_chem_comp.name 
_chem_comp.pdbx_synonyms 
_chem_comp.formula 
_chem_comp.formula_weight 
ALA 'L-peptide linking' y ALANINE                                                       ? 'C3 H7 N O2'      89.093  
ARG 'L-peptide linking' y ARGININE                                                      ? 'C6 H15 N4 O2 1'  175.209 
ASN 'L-peptide linking' y ASPARAGINE                                                    ? 'C4 H8 N2 O3'     132.118 
ASP 'L-peptide linking' y 'ASPARTIC ACID'                                               ? 'C4 H7 N O4'      133.103 
CD  non-polymer         . 'CADMIUM ION'                                                 ? 'Cd 2'            112.411 
CYS 'L-peptide linking' y CYSTEINE                                                      ? 'C3 H7 N O2 S'    121.158 
GLN 'L-peptide linking' y GLUTAMINE                                                     ? 'C5 H10 N2 O3'    146.144 
GLU 'L-peptide linking' y 'GLUTAMIC ACID'                                               ? 'C5 H9 N O4'      147.129 
GLY 'peptide linking'   y GLYCINE                                                       ? 'C2 H5 N O2'      75.067  
HIS 'L-peptide linking' y HISTIDINE                                                     ? 'C6 H10 N3 O2 1'  156.162 
HOH non-polymer         . WATER                                                         ? 'H2 O'            18.015  
ILE 'L-peptide linking' y ISOLEUCINE                                                    ? 'C6 H13 N O2'     131.173 
LEU 'L-peptide linking' y LEUCINE                                                       ? 'C6 H13 N O2'     131.173 
LYS 'L-peptide linking' y LYSINE                                                        ? 'C6 H15 N2 O2 1'  147.195 
MET 'L-peptide linking' y METHIONINE                                                    ? 'C5 H11 N O2 S'   149.211 
NY1 non-polymer         . '2-(2-methyl-1,3-thiazol-4-yl)-1-(morpholin-4-yl)ethan-1-one' ? 'C10 H14 N2 O2 S' 226.295 
PHE 'L-peptide linking' y PHENYLALANINE                                                 ? 'C9 H11 N O2'     165.189 
PRO 'L-peptide linking' y PROLINE                                                       ? 'C5 H9 N O2'      115.130 
SER 'L-peptide linking' y SERINE                                                        ? 'C3 H7 N O3'      105.093 
THR 'L-peptide linking' y THREONINE                                                     ? 'C4 H9 N O3'      119.119 
TRP 'L-peptide linking' y TRYPTOPHAN                                                    ? 'C11 H12 N2 O2'   204.225 
TYR 'L-peptide linking' y TYROSINE                                                      ? 'C9 H11 N O3'     181.189 
VAL 'L-peptide linking' y VALINE                                                        ? 'C5 H11 N O2'     117.146 
# 
loop_
_pdbx_poly_seq_scheme.asym_id 
_pdbx_poly_seq_scheme.entity_id 
_pdbx_poly_seq_scheme.seq_id 
_pdbx_poly_seq_scheme.mon_id 
_pdbx_poly_seq_scheme.ndb_seq_num 
_pdbx_poly_seq_scheme.pdb_seq_num 
_pdbx_poly_seq_scheme.auth_seq_num 
_pdbx_poly_seq_scheme.pdb_mon_id 
_pdbx_poly_seq_scheme.auth_mon_id 
_pdbx_poly_seq_scheme.pdb_strand_id 
_pdbx_poly_seq_scheme.pdb_ins_code 
_pdbx_poly_seq_scheme.hetero 
A 1 1   GLY 1   40  ?   ?   ?   A . n 
A 1 2   GLU 2   41  41  GLU GLU A . n 
A 1 3   LEU 3   42  42  LEU LEU A . n 
A 1 4   ARG 4   43  43  ARG ARG A . n 
A 1 5   VAL 5   44  44  VAL VAL A . n 
A 1 6   GLY 6   45  45  GLY GLY A . n 
A 1 7   LEU 7   46  46  LEU LEU A . n 
A 1 8   GLU 8   47  47  GLU GLU A . n 
A 1 9   GLU 9   48  48  GLU GLU A . n 
A 1 10  SER 10  49  49  SER SER A . n 
A 1 11  GLU 11  50  50  GLU GLU A . n 
A 1 12  LEU 12  51  51  LEU LEU A . n 
A 1 13  TRP 13  52  52  TRP TRP A . n 
A 1 14  LEU 14  53  53  LEU LEU A . n 
A 1 15  ARG 15  54  54  ARG ARG A . n 
A 1 16  PHE 16  55  55  PHE PHE A . n 
A 1 17  LYS 17  56  56  LYS LYS A . n 
A 1 18  GLU 18  57  57  GLU GLU A . n 
A 1 19  LEU 19  58  58  LEU LEU A . n 
A 1 20  THR 20  59  59  THR THR A . n 
A 1 21  ASN 21  60  60  ASN ASN A . n 
A 1 22  GLU 22  61  61  GLU GLU A . n 
A 1 23  MET 23  62  62  MET MET A . n 
A 1 24  ILE 24  63  63  ILE ILE A . n 
A 1 25  VAL 25  64  64  VAL VAL A . n 
A 1 26  THR 26  65  65  THR THR A . n 
A 1 27  LYS 27  66  66  LYS LYS A . n 
A 1 28  ASN 28  67  67  ASN ASN A . n 
A 1 29  GLY 29  68  68  GLY GLY A . n 
A 1 30  ARG 30  69  69  ARG ARG A . n 
A 1 31  ARG 31  70  70  ARG ARG A . n 
A 1 32  MET 32  71  71  MET MET A . n 
A 1 33  PHE 33  72  72  PHE PHE A . n 
A 1 34  PRO 34  73  73  PRO PRO A . n 
A 1 35  VAL 35  74  74  VAL VAL A . n 
A 1 36  LEU 36  75  75  LEU LEU A . n 
A 1 37  LYS 37  76  76  LYS LYS A . n 
A 1 38  VAL 38  77  77  VAL VAL A . n 
A 1 39  ASN 39  78  78  ASN ASN A . n 
A 1 40  VAL 40  79  79  VAL VAL A . n 
A 1 41  SER 41  80  80  SER SER A . n 
A 1 42  GLY 42  81  81  GLY GLY A . n 
A 1 43  LEU 43  82  82  LEU LEU A . n 
A 1 44  ASP 44  83  83  ASP ASP A . n 
A 1 45  PRO 45  84  84  PRO PRO A . n 
A 1 46  ASN 46  85  85  ASN ASN A . n 
A 1 47  ALA 47  86  86  ALA ALA A . n 
A 1 48  MET 48  87  87  MET MET A . n 
A 1 49  TYR 49  88  88  TYR TYR A . n 
A 1 50  SER 50  89  89  SER SER A . n 
A 1 51  PHE 51  90  90  PHE PHE A . n 
A 1 52  LEU 52  91  91  LEU LEU A . n 
A 1 53  LEU 53  92  92  LEU LEU A . n 
A 1 54  ASP 54  93  93  ASP ASP A . n 
A 1 55  PHE 55  94  94  PHE PHE A . n 
A 1 56  VAL 56  95  95  VAL VAL A . n 
A 1 57  ALA 57  96  96  ALA ALA A . n 
A 1 58  ALA 58  97  97  ALA ALA A . n 
A 1 59  ASP 59  98  98  ASP ASP A . n 
A 1 60  ASN 60  99  99  ASN ASN A . n 
A 1 61  HIS 61  100 100 HIS HIS A . n 
A 1 62  ARG 62  101 101 ARG ARG A . n 
A 1 63  TRP 63  102 102 TRP TRP A . n 
A 1 64  LYS 64  103 103 LYS LYS A . n 
A 1 65  TYR 65  104 104 TYR TYR A . n 
A 1 66  VAL 66  105 105 VAL VAL A . n 
A 1 67  ASN 67  106 106 ASN ASN A . n 
A 1 68  GLY 68  107 107 GLY GLY A . n 
A 1 69  GLU 69  108 108 GLU GLU A . n 
A 1 70  TRP 70  109 109 TRP TRP A . n 
A 1 71  VAL 71  110 110 VAL VAL A . n 
A 1 72  PRO 72  111 111 PRO PRO A . n 
A 1 73  GLY 73  112 112 GLY GLY A . n 
A 1 74  GLY 74  113 113 GLY GLY A . n 
A 1 75  LYS 75  114 114 LYS LYS A . n 
A 1 76  PRO 76  115 115 PRO PRO A . n 
A 1 77  GLU 77  116 116 GLU GLU A . n 
A 1 78  PRO 78  117 117 PRO PRO A . n 
A 1 79  GLN 79  118 118 GLN GLN A . n 
A 1 80  ALA 80  119 119 ALA ALA A . n 
A 1 81  PRO 81  120 120 PRO PRO A . n 
A 1 82  SER 82  121 121 SER SER A . n 
A 1 83  CYS 83  122 122 CYS CYS A . n 
A 1 84  VAL 84  123 123 VAL VAL A . n 
A 1 85  TYR 85  124 124 TYR TYR A . n 
A 1 86  ILE 86  125 125 ILE ILE A . n 
A 1 87  HIS 87  126 126 HIS HIS A . n 
A 1 88  PRO 88  127 127 PRO PRO A . n 
A 1 89  ASP 89  128 128 ASP ASP A . n 
A 1 90  SER 90  129 129 SER SER A . n 
A 1 91  PRO 91  130 130 PRO PRO A . n 
A 1 92  ASN 92  131 131 ASN ASN A . n 
A 1 93  PHE 93  132 132 PHE PHE A . n 
A 1 94  GLY 94  133 133 GLY GLY A . n 
A 1 95  ALA 95  134 134 ALA ALA A . n 
A 1 96  HIS 96  135 135 HIS HIS A . n 
A 1 97  TRP 97  136 136 TRP TRP A . n 
A 1 98  MET 98  137 137 MET MET A . n 
A 1 99  LYS 99  138 138 LYS LYS A . n 
A 1 100 ALA 100 139 139 ALA ALA A . n 
A 1 101 PRO 101 140 140 PRO PRO A . n 
A 1 102 VAL 102 141 141 VAL VAL A . n 
A 1 103 SER 103 142 142 SER SER A . n 
A 1 104 PHE 104 143 143 PHE PHE A . n 
A 1 105 SER 105 144 144 SER SER A . n 
A 1 106 LYS 106 145 145 LYS LYS A . n 
A 1 107 VAL 107 146 146 VAL VAL A . n 
A 1 108 LYS 108 147 147 LYS LYS A . n 
A 1 109 LEU 109 148 148 LEU LEU A . n 
A 1 110 THR 110 149 149 THR THR A . n 
A 1 111 ASN 111 150 150 ASN ASN A . n 
A 1 112 LYS 112 151 151 LYS LYS A . n 
A 1 113 LEU 113 152 152 LEU LEU A . n 
A 1 114 ASN 114 153 153 ASN ASN A . n 
A 1 115 GLY 115 154 154 GLY GLY A . n 
A 1 116 GLY 116 155 155 GLY GLY A . n 
A 1 117 GLY 117 156 156 GLY GLY A . n 
A 1 118 GLN 118 157 157 GLN GLN A . n 
A 1 119 ILE 119 158 158 ILE ILE A . n 
A 1 120 MET 120 159 159 MET MET A . n 
A 1 121 LEU 121 160 160 LEU LEU A . n 
A 1 122 ASN 122 161 161 ASN ASN A . n 
A 1 123 SER 123 162 162 SER SER A . n 
A 1 124 LEU 124 163 163 LEU LEU A . n 
A 1 125 HIS 125 164 164 HIS HIS A . n 
A 1 126 LYS 126 165 165 LYS LYS A . n 
A 1 127 TYR 127 166 166 TYR TYR A . n 
A 1 128 GLU 128 167 167 GLU GLU A . n 
A 1 129 PRO 129 168 168 PRO PRO A . n 
A 1 130 ARG 130 169 169 ARG ARG A . n 
A 1 131 ILE 131 170 170 ILE ILE A . n 
A 1 132 HIS 132 171 171 HIS HIS A . n 
A 1 133 ILE 133 172 172 ILE ILE A . n 
A 1 134 VAL 134 173 173 VAL VAL A . n 
A 1 135 ARG 135 174 174 ARG ARG A . n 
A 1 136 VAL 136 175 175 VAL VAL A . n 
A 1 137 GLY 137 176 176 GLY GLY A . n 
A 1 138 GLY 138 177 177 GLY GLY A . n 
A 1 139 PRO 139 178 178 PRO PRO A . n 
A 1 140 GLN 140 179 179 GLN GLN A . n 
A 1 141 ARG 141 180 180 ARG ARG A . n 
A 1 142 MET 142 181 181 MET MET A . n 
A 1 143 ILE 143 182 182 ILE ILE A . n 
A 1 144 THR 144 183 183 THR THR A . n 
A 1 145 SER 145 184 184 SER SER A . n 
A 1 146 HIS 146 185 185 HIS HIS A . n 
A 1 147 CYS 147 186 186 CYS CYS A . n 
A 1 148 PHE 148 187 187 PHE PHE A . n 
A 1 149 PRO 149 188 188 PRO PRO A . n 
A 1 150 GLU 150 189 189 GLU GLU A . n 
A 1 151 THR 151 190 190 THR THR A . n 
A 1 152 GLN 152 191 191 GLN GLN A . n 
A 1 153 PHE 153 192 192 PHE PHE A . n 
A 1 154 ILE 154 193 193 ILE ILE A . n 
A 1 155 ALA 155 194 194 ALA ALA A . n 
A 1 156 VAL 156 195 195 VAL VAL A . n 
A 1 157 THR 157 196 196 THR THR A . n 
A 1 158 ALA 158 197 197 ALA ALA A . n 
A 1 159 TYR 159 198 198 TYR TYR A . n 
A 1 160 GLN 160 199 199 GLN GLN A . n 
A 1 161 ASN 161 200 200 ASN ASN A . n 
A 1 162 GLU 162 201 201 GLU GLU A . n 
A 1 163 GLU 163 202 202 GLU GLU A . n 
A 1 164 ILE 164 203 203 ILE ILE A . n 
A 1 165 THR 165 204 204 THR THR A . n 
A 1 166 ALA 166 205 205 ALA ALA A . n 
A 1 167 LEU 167 206 206 LEU LEU A . n 
A 1 168 LYS 168 207 207 LYS LYS A . n 
A 1 169 ILE 169 208 208 ILE ILE A . n 
A 1 170 LYS 170 209 209 LYS LYS A . n 
A 1 171 TYR 171 210 210 TYR TYR A . n 
A 1 172 ASN 172 211 211 ASN ASN A . n 
# 
loop_
_pdbx_nonpoly_scheme.asym_id 
_pdbx_nonpoly_scheme.entity_id 
_pdbx_nonpoly_scheme.mon_id 
_pdbx_nonpoly_scheme.ndb_seq_num 
_pdbx_nonpoly_scheme.pdb_seq_num 
_pdbx_nonpoly_scheme.auth_seq_num 
_pdbx_nonpoly_scheme.pdb_mon_id 
_pdbx_nonpoly_scheme.auth_mon_id 
_pdbx_nonpoly_scheme.pdb_strand_id 
_pdbx_nonpoly_scheme.pdb_ins_code 
B 2 CD  1  301 1  CD  CD  A . 
C 2 CD  1  302 2  CD  CD  A . 
D 2 CD  1  303 3  CD  CD  A . 
E 2 CD  1  304 4  CD  CD  A . 
F 2 CD  1  305 5  CD  CD  A . 
G 3 NY1 1  306 1  NY1 LIG A . 
H 4 HOH 1  401 68 HOH HOH A . 
H 4 HOH 2  402 42 HOH HOH A . 
H 4 HOH 3  403 48 HOH HOH A . 
H 4 HOH 4  404 45 HOH HOH A . 
H 4 HOH 5  405 76 HOH HOH A . 
H 4 HOH 6  406 79 HOH HOH A . 
H 4 HOH 7  407 70 HOH HOH A . 
H 4 HOH 8  408 21 HOH HOH A . 
H 4 HOH 9  409 53 HOH HOH A . 
H 4 HOH 10 410 41 HOH HOH A . 
H 4 HOH 11 411 16 HOH HOH A . 
H 4 HOH 12 412 51 HOH HOH A . 
H 4 HOH 13 413 71 HOH HOH A . 
H 4 HOH 14 414 58 HOH HOH A . 
H 4 HOH 15 415 32 HOH HOH A . 
H 4 HOH 16 416 50 HOH HOH A . 
H 4 HOH 17 417 54 HOH HOH A . 
H 4 HOH 18 418 24 HOH HOH A . 
H 4 HOH 19 419 14 HOH HOH A . 
H 4 HOH 20 420 44 HOH HOH A . 
H 4 HOH 21 421 61 HOH HOH A . 
H 4 HOH 22 422 52 HOH HOH A . 
H 4 HOH 23 423 4  HOH HOH A . 
H 4 HOH 24 424 63 HOH HOH A . 
H 4 HOH 25 425 10 HOH HOH A . 
H 4 HOH 26 426 69 HOH HOH A . 
H 4 HOH 27 427 31 HOH HOH A . 
H 4 HOH 28 428 1  HOH HOH A . 
H 4 HOH 29 429 47 HOH HOH A . 
H 4 HOH 30 430 6  HOH HOH A . 
H 4 HOH 31 431 17 HOH HOH A . 
H 4 HOH 32 432 67 HOH HOH A . 
H 4 HOH 33 433 49 HOH HOH A . 
H 4 HOH 34 434 56 HOH HOH A . 
H 4 HOH 35 435 52 HOH HOH A . 
H 4 HOH 36 436 55 HOH HOH A . 
H 4 HOH 37 437 33 HOH HOH A . 
H 4 HOH 38 438 75 HOH HOH A . 
H 4 HOH 39 439 30 HOH HOH A . 
H 4 HOH 40 440 45 HOH HOH A . 
H 4 HOH 41 441 11 HOH HOH A . 
H 4 HOH 42 442 73 HOH HOH A . 
H 4 HOH 43 443 60 HOH HOH A . 
H 4 HOH 44 444 8  HOH HOH A . 
H 4 HOH 45 445 8  HOH HOH A . 
H 4 HOH 46 446 23 HOH HOH A . 
H 4 HOH 47 447 14 HOH HOH A . 
H 4 HOH 48 448 66 HOH HOH A . 
H 4 HOH 49 449 2  HOH HOH A . 
H 4 HOH 50 450 28 HOH HOH A . 
H 4 HOH 51 451 18 HOH HOH A . 
H 4 HOH 52 452 64 HOH HOH A . 
H 4 HOH 53 453 15 HOH HOH A . 
H 4 HOH 54 454 57 HOH HOH A . 
H 4 HOH 55 455 46 HOH HOH A . 
H 4 HOH 56 456 4  HOH HOH A . 
H 4 HOH 57 457 1  HOH HOH A . 
H 4 HOH 58 458 77 HOH HOH A . 
H 4 HOH 59 459 6  HOH HOH A . 
H 4 HOH 60 460 65 HOH HOH A . 
H 4 HOH 61 461 3  HOH HOH A . 
H 4 HOH 62 462 5  HOH HOH A . 
H 4 HOH 63 463 7  HOH HOH A . 
H 4 HOH 64 464 18 HOH HOH A . 
H 4 HOH 65 465 3  HOH HOH A . 
H 4 HOH 66 466 72 HOH HOH A . 
H 4 HOH 67 467 17 HOH HOH A . 
H 4 HOH 68 468 10 HOH HOH A . 
H 4 HOH 69 469 59 HOH HOH A . 
H 4 HOH 70 470 62 HOH HOH A . 
H 4 HOH 71 471 78 HOH HOH A . 
H 4 HOH 72 472 13 HOH HOH A . 
H 4 HOH 73 473 43 HOH HOH A . 
H 4 HOH 74 474 16 HOH HOH A . 
# 
loop_
_pdbx_unobs_or_zero_occ_atoms.id 
_pdbx_unobs_or_zero_occ_atoms.PDB_model_num 
_pdbx_unobs_or_zero_occ_atoms.polymer_flag 
_pdbx_unobs_or_zero_occ_atoms.occupancy_flag 
_pdbx_unobs_or_zero_occ_atoms.auth_asym_id 
_pdbx_unobs_or_zero_occ_atoms.auth_comp_id 
_pdbx_unobs_or_zero_occ_atoms.auth_seq_id 
_pdbx_unobs_or_zero_occ_atoms.PDB_ins_code 
_pdbx_unobs_or_zero_occ_atoms.auth_atom_id 
_pdbx_unobs_or_zero_occ_atoms.label_alt_id 
_pdbx_unobs_or_zero_occ_atoms.label_asym_id 
_pdbx_unobs_or_zero_occ_atoms.label_comp_id 
_pdbx_unobs_or_zero_occ_atoms.label_seq_id 
_pdbx_unobs_or_zero_occ_atoms.label_atom_id 
1 1 Y 1 A ARG 43 ? CG  ? A ARG 4 CG  
2 1 Y 1 A ARG 43 ? CD  ? A ARG 4 CD  
3 1 Y 1 A ARG 43 ? NE  ? A ARG 4 NE  
4 1 Y 1 A ARG 43 ? CZ  ? A ARG 4 CZ  
5 1 Y 1 A ARG 43 ? NH1 ? A ARG 4 NH1 
6 1 Y 1 A ARG 43 ? NH2 ? A ARG 4 NH2 
# 
loop_
_software.pdbx_ordinal 
_software.name 
_software.version 
_software.date 
_software.type 
_software.contact_author 
_software.contact_author_email 
_software.classification 
_software.location 
_software.language 
_software.citation_id 
1 REFMAC      5.8.0238 ?               program 'Garib N. Murshudov' garib@ysbl.york.ac.uk    refinement        
http://www.ccp4.ac.uk/dist/html/refmac5.html        Fortran_77 ? 
2 Aimless     0.7.1    27/03/18        program 'Phil Evans'         ?                        'data scaling'    
http://www.mrc-lmb.cam.ac.uk/harry/pre/aimless.html ?          ? 
3 PDB_EXTRACT 3.23     'SEP. 23, 2016' package PDB                  deposit@deposit.rcsb.org 'data extraction' 
http://sw-tools.pdb.org/apps/PDB_EXTRACT/           C++        ? 
4 XDS         .        ?               program ?                    ?                        'data reduction'  ? ?          ? 
5 REFMAC      .        ?               program ?                    ?                        phasing           ? ?          ? 
# 
_cell.entry_id           5QRR 
_cell.length_a           59.924 
_cell.length_b           59.924 
_cell.length_c           109.985 
_cell.angle_alpha        90.000 
_cell.angle_beta         90.000 
_cell.angle_gamma        90.000 
_cell.Z_PDB              8 
_cell.pdbx_unique_axis   ? 
# 
_symmetry.entry_id                         5QRR 
_symmetry.Int_Tables_number                91 
_symmetry.space_group_name_H-M             'P 41 2 2' 
_symmetry.pdbx_full_space_group_name_H-M   ? 
_symmetry.cell_setting                     ? 
# 
_exptl.crystals_number   1 
_exptl.entry_id          5QRR 
_exptl.method            'X-RAY DIFFRACTION' 
# 
_exptl_crystal.id                    1 
_exptl_crystal.pdbx_mosaicity        0.000 
_exptl_crystal.pdbx_mosaicity_esd    ? 
_exptl_crystal.density_Matthews      2.52 
_exptl_crystal.density_diffrn        ? 
_exptl_crystal.density_meas          ? 
_exptl_crystal.density_meas_temp     ? 
_exptl_crystal.density_percent_sol   51.17 
_exptl_crystal.size_max              ? 
_exptl_crystal.size_mid              ? 
_exptl_crystal.size_min              ? 
_exptl_crystal.size_rad              ? 
_exptl_crystal.description           ? 
# 
_exptl_crystal_grow.crystal_id      1 
_exptl_crystal_grow.method          'VAPOR DIFFUSION, SITTING DROP' 
_exptl_crystal_grow.pH              4.5 
_exptl_crystal_grow.temp            298 
_exptl_crystal_grow.pdbx_details    '0.1 M CdCl, 0.1 M Acetate pH 4.5, 32% PEG 400' 
_exptl_crystal_grow.temp_details    ? 
_exptl_crystal_grow.pdbx_pH_range   ? 
# 
_diffrn.id                     1 
_diffrn.ambient_temp           100 
_diffrn.crystal_id             1 
_diffrn.ambient_temp_details   ? 
# 
_diffrn_detector.detector               PIXEL 
_diffrn_detector.type                   'DECTRIS PILATUS 6M' 
_diffrn_detector.pdbx_collection_date   2018-07-21 
_diffrn_detector.diffrn_id              1 
_diffrn_detector.details                ? 
# 
_diffrn_radiation.diffrn_id                        1 
_diffrn_radiation.wavelength_id                    1 
_diffrn_radiation.pdbx_diffrn_protocol             'SINGLE WAVELENGTH' 
_diffrn_radiation.pdbx_monochromatic_or_laue_m_l   M 
_diffrn_radiation.monochromator                    ? 
_diffrn_radiation.pdbx_scattering_type             x-ray 
# 
_diffrn_radiation_wavelength.id           1 
_diffrn_radiation_wavelength.wavelength   0.91587 
_diffrn_radiation_wavelength.wt           1.0 
# 
_diffrn_source.diffrn_id                   1 
_diffrn_source.source                      SYNCHROTRON 
_diffrn_source.type                        'DIAMOND BEAMLINE I04-1' 
_diffrn_source.pdbx_wavelength_list        0.91587 
_diffrn_source.pdbx_synchrotron_site       Diamond 
_diffrn_source.pdbx_synchrotron_beamline   I04-1 
_diffrn_source.pdbx_wavelength             ? 
# 
_reflns.entry_id                     5QRR 
_reflns.pdbx_diffrn_id               1 
_reflns.pdbx_ordinal                 1 
_reflns.observed_criterion_sigma_I   ? 
_reflns.observed_criterion_sigma_F   ? 
_reflns.d_resolution_low             109.990 
_reflns.d_resolution_high            1.690 
_reflns.number_obs                   23241 
_reflns.number_all                   ? 
_reflns.percent_possible_obs         100.000 
_reflns.pdbx_Rmerge_I_obs            0.152 
_reflns.pdbx_Rsym_value              ? 
_reflns.pdbx_netI_over_sigmaI        8.700 
_reflns.B_iso_Wilson_estimate        ? 
_reflns.pdbx_redundancy              12.500 
_reflns.pdbx_Rrim_I_all              0.159 
_reflns.pdbx_Rpim_I_all              0.045 
_reflns.pdbx_CC_half                 0.993 
_reflns.pdbx_netI_over_av_sigmaI     ? 
_reflns.pdbx_number_measured_all     291636 
_reflns.pdbx_scaling_rejects         266 
_reflns.pdbx_chi_squared             ? 
_reflns.Rmerge_F_all                 ? 
_reflns.Rmerge_F_obs                 ? 
_reflns.observed_criterion_F_max     ? 
_reflns.observed_criterion_F_min     ? 
_reflns.observed_criterion_I_max     ? 
_reflns.observed_criterion_I_min     ? 
_reflns.pdbx_d_res_high_opt          ? 
_reflns.pdbx_d_res_low_opt           ? 
_reflns.details                      ? 
# 
loop_
_reflns_shell.pdbx_diffrn_id 
_reflns_shell.pdbx_ordinal 
_reflns_shell.d_res_high 
_reflns_shell.d_res_low 
_reflns_shell.number_measured_obs 
_reflns_shell.number_measured_all 
_reflns_shell.number_unique_obs 
_reflns_shell.pdbx_rejects 
_reflns_shell.Rmerge_I_obs 
_reflns_shell.meanI_over_sigI_obs 
_reflns_shell.pdbx_Rsym_value 
_reflns_shell.pdbx_chi_squared 
_reflns_shell.pdbx_redundancy 
_reflns_shell.percent_possible_obs 
_reflns_shell.pdbx_netI_over_sigmaI_obs 
_reflns_shell.number_possible 
_reflns_shell.number_unique_all 
_reflns_shell.Rmerge_F_all 
_reflns_shell.Rmerge_F_obs 
_reflns_shell.Rmerge_I_all 
_reflns_shell.meanI_over_sigI_all 
_reflns_shell.percent_possible_all 
_reflns_shell.pdbx_Rrim_I_all 
_reflns_shell.pdbx_Rpim_I_all 
_reflns_shell.pdbx_CC_half 
1 1 1.690 1.730   ? 20285 ? ? 2.811 ? ? ? 12.100 ? 1.200  ? 1677 ? ? ? ? 100.000 2.936 0.836 0.782 
1 2 7.560 109.990 ? 3528  ? ? 0.082 ? ? ? 10.500 ? 21.500 ? 336  ? ? ? ? 99.900  0.087 0.027 0.982 
# 
_refine.entry_id                                 5QRR 
_refine.pdbx_refine_id                           'X-RAY DIFFRACTION' 
_refine.ls_d_res_high                            1.6900 
_refine.ls_d_res_low                             59.9200 
_refine.pdbx_ls_sigma_F                          0.000 
_refine.pdbx_data_cutoff_high_absF               ? 
_refine.pdbx_data_cutoff_low_absF                ? 
_refine.ls_percent_reflns_obs                    99.8400 
_refine.ls_number_reflns_obs                     22045 
_refine.ls_number_reflns_all                     ? 
_refine.pdbx_ls_cross_valid_method               THROUGHOUT 
_refine.ls_matrix_type                           ? 
_refine.pdbx_R_Free_selection_details            RANDOM 
_refine.details                                  
'HYDROGENS HAVE BEEN ADDED IN THE RIDING POSITIONS U VALUES      : REFINED INDIVIDUALLY' 
_refine.ls_R_factor_all                          ? 
_refine.ls_R_factor_obs                          0.2254 
_refine.ls_R_factor_R_work                       0.2233 
_refine.ls_wR_factor_R_work                      ? 
_refine.ls_R_factor_R_free                       0.2721 
_refine.ls_wR_factor_R_free                      ? 
_refine.ls_percent_reflns_R_free                 4.9000 
_refine.ls_number_reflns_R_free                  1126 
_refine.ls_number_reflns_R_work                  ? 
_refine.ls_R_factor_R_free_error                 ? 
_refine.B_iso_mean                               37.9170 
_refine.solvent_model_param_bsol                 ? 
_refine.solvent_model_param_ksol                 ? 
_refine.pdbx_isotropic_thermal_model             ? 
_refine.aniso_B[1][1]                            1.4100 
_refine.aniso_B[2][2]                            1.4100 
_refine.aniso_B[3][3]                            -2.8200 
_refine.aniso_B[1][2]                            0.0000 
_refine.aniso_B[1][3]                            -0.0000 
_refine.aniso_B[2][3]                            -0.0000 
_refine.correlation_coeff_Fo_to_Fc               0.9550 
_refine.correlation_coeff_Fo_to_Fc_free          0.9300 
_refine.overall_SU_R_Cruickshank_DPI             ? 
_refine.pdbx_overall_SU_R_free_Cruickshank_DPI   ? 
_refine.pdbx_overall_SU_R_Blow_DPI               ? 
_refine.pdbx_overall_SU_R_free_Blow_DPI          ? 
_refine.overall_SU_R_free                        ? 
_refine.pdbx_overall_ESU_R                       0.1180 
_refine.pdbx_overall_ESU_R_Free                  0.1220 
_refine.overall_SU_ML                            0.0990 
_refine.overall_SU_B                             3.1450 
_refine.solvent_model_details                    MASK 
_refine.pdbx_solvent_vdw_probe_radii             1.2000 
_refine.pdbx_solvent_ion_probe_radii             0.8000 
_refine.pdbx_solvent_shrinkage_radii             0.8000 
_refine.ls_number_parameters                     ? 
_refine.ls_number_restraints                     ? 
_refine.pdbx_starting_model                      6f58 
_refine.pdbx_method_to_determine_struct          'FOURIER SYNTHESIS' 
_refine.pdbx_stereochemistry_target_values       'MAXIMUM LIKELIHOOD' 
_refine.pdbx_stereochem_target_val_spec_case     ? 
_refine.overall_FOM_work_R_set                   ? 
_refine.B_iso_max                                110.210 
_refine.B_iso_min                                18.670 
_refine.pdbx_overall_phase_error                 ? 
_refine.occupancy_max                            ? 
_refine.occupancy_min                            ? 
_refine.pdbx_diffrn_id                           1 
_refine.pdbx_TLS_residual_ADP_flag               ? 
_refine.pdbx_ls_sigma_I                          ? 
_refine.pdbx_data_cutoff_high_rms_absF           ? 
_refine.ls_R_factor_R_free_error_details         ? 
# 
_refine_hist.cycle_id                         final 
_refine_hist.pdbx_refine_id                   'X-RAY DIFFRACTION' 
_refine_hist.d_res_high                       1.6900 
_refine_hist.d_res_low                        59.9200 
_refine_hist.pdbx_number_atoms_ligand         19 
_refine_hist.number_atoms_solvent             74 
_refine_hist.number_atoms_total               1462 
_refine_hist.pdbx_number_residues_total       172 
_refine_hist.pdbx_B_iso_mean_ligand           49.69 
_refine_hist.pdbx_B_iso_mean_solvent          38.84 
_refine_hist.pdbx_number_atoms_protein        1369 
_refine_hist.pdbx_number_atoms_nucleic_acid   0 
# 
loop_
_refine_ls_restr.pdbx_refine_id 
_refine_ls_restr.type 
_refine_ls_restr.number 
_refine_ls_restr.dev_ideal 
_refine_ls_restr.dev_ideal_target 
_refine_ls_restr.weight 
_refine_ls_restr.pdbx_restraint_function 
'X-RAY DIFFRACTION' r_bond_refined_d       1495 0.010  0.013  ? ? 
'X-RAY DIFFRACTION' r_bond_other_d         1344 0.001  0.017  ? ? 
'X-RAY DIFFRACTION' r_angle_refined_deg    1991 1.620  1.643  ? ? 
'X-RAY DIFFRACTION' r_angle_other_deg      3132 1.332  1.570  ? ? 
'X-RAY DIFFRACTION' r_dihedral_angle_1_deg 177  7.815  5.000  ? ? 
'X-RAY DIFFRACTION' r_dihedral_angle_2_deg 75   28.824 22.000 ? ? 
'X-RAY DIFFRACTION' r_dihedral_angle_3_deg 241  16.828 15.000 ? ? 
'X-RAY DIFFRACTION' r_dihedral_angle_4_deg 7    17.070 15.000 ? ? 
'X-RAY DIFFRACTION' r_chiral_restr         179  0.083  0.200  ? ? 
'X-RAY DIFFRACTION' r_gen_planes_refined   1635 0.009  0.020  ? ? 
'X-RAY DIFFRACTION' r_gen_planes_other     302  0.001  0.020  ? ? 
'X-RAY DIFFRACTION' r_mcbond_it            712  3.574  3.820  ? ? 
'X-RAY DIFFRACTION' r_mcbond_other         708  3.575  3.821  ? ? 
'X-RAY DIFFRACTION' r_mcangle_it           881  5.159  5.741  ? ? 
# 
_refine_ls_shell.d_res_high                       1.6900 
_refine_ls_shell.d_res_low                        1.7340 
_refine_ls_shell.pdbx_total_number_of_bins_used   20 
_refine_ls_shell.percent_reflns_obs               98.9300 
_refine_ls_shell.number_reflns_R_work             1572 
_refine_ls_shell.R_factor_all                     ? 
_refine_ls_shell.R_factor_R_work                  0.3270 
_refine_ls_shell.R_factor_R_free                  0.3770 
_refine_ls_shell.percent_reflns_R_free            ? 
_refine_ls_shell.number_reflns_R_free             86 
_refine_ls_shell.R_factor_R_free_error            ? 
_refine_ls_shell.number_reflns_all                1658 
_refine_ls_shell.number_reflns_obs                ? 
_refine_ls_shell.pdbx_refine_id                   'X-RAY DIFFRACTION' 
# 
_struct.entry_id                  5QRR 
_struct.title                     
'PanDDA analysis group deposition -- Crystal Structure of human Brachyury in complex with Z31720228' 
_struct.pdbx_model_details        ? 
_struct.pdbx_CASP_flag            ? 
_struct.pdbx_model_type_details   ? 
# 
_struct_keywords.entry_id        5QRR 
_struct_keywords.text            'SGC - Diamond I04-1 fragment screening, PanDDA, XChemExplorer, TRANSCRIPTION' 
_struct_keywords.pdbx_keywords   TRANSCRIPTION 
# 
loop_
_struct_asym.id 
_struct_asym.pdbx_blank_PDB_chainid_flag 
_struct_asym.pdbx_modified 
_struct_asym.entity_id 
_struct_asym.details 
A N N 1 ? 
B N N 2 ? 
C N N 2 ? 
D N N 2 ? 
E N N 2 ? 
F N N 2 ? 
G N N 3 ? 
H N N 4 ? 
# 
_struct_ref.id                         1 
_struct_ref.db_name                    UNP 
_struct_ref.db_code                    TBXT_HUMAN 
_struct_ref.pdbx_db_accession          O15178 
_struct_ref.pdbx_db_isoform            ? 
_struct_ref.entity_id                  1 
_struct_ref.pdbx_seq_one_letter_code   
;ELRVGLEESELWLRFKELTNEMIVTKNGRRMFPVLKVNVSGLDPNAMYSFLLDFVAADNHRWKYVNGEWVPGGKPEPQAP
SCVYIHPDSPNFGAHWMKAPVSFSKVKLTNKLNGGGQIMLNSLHKYEPRIHIVRVGGPQRMITSHCFPETQFIAVTAYQN
EEITALKIKYN
;
_struct_ref.pdbx_align_begin           41 
# 
_struct_ref_seq.align_id                      1 
_struct_ref_seq.ref_id                        1 
_struct_ref_seq.pdbx_PDB_id_code              5QRR 
_struct_ref_seq.pdbx_strand_id                A 
_struct_ref_seq.seq_align_beg                 2 
_struct_ref_seq.pdbx_seq_align_beg_ins_code   ? 
_struct_ref_seq.seq_align_end                 172 
_struct_ref_seq.pdbx_seq_align_end_ins_code   ? 
_struct_ref_seq.pdbx_db_accession             O15178 
_struct_ref_seq.db_align_beg                  41 
_struct_ref_seq.pdbx_db_align_beg_ins_code    ? 
_struct_ref_seq.db_align_end                  211 
_struct_ref_seq.pdbx_db_align_end_ins_code    ? 
_struct_ref_seq.pdbx_auth_seq_align_beg       41 
_struct_ref_seq.pdbx_auth_seq_align_end       211 
# 
_struct_ref_seq_dif.align_id                     1 
_struct_ref_seq_dif.pdbx_pdb_id_code             5QRR 
_struct_ref_seq_dif.mon_id                       GLY 
_struct_ref_seq_dif.pdbx_pdb_strand_id           A 
_struct_ref_seq_dif.seq_num                      1 
_struct_ref_seq_dif.pdbx_pdb_ins_code            ? 
_struct_ref_seq_dif.pdbx_seq_db_name             UNP 
_struct_ref_seq_dif.pdbx_seq_db_accession_code   O15178 
_struct_ref_seq_dif.db_mon_id                    ? 
_struct_ref_seq_dif.pdbx_seq_db_seq_num          ? 
_struct_ref_seq_dif.details                      'expression tag' 
_struct_ref_seq_dif.pdbx_auth_seq_num            40 
_struct_ref_seq_dif.pdbx_ordinal                 1 
# 
_pdbx_struct_assembly.id                   1 
_pdbx_struct_assembly.details              author_defined_assembly 
_pdbx_struct_assembly.method_details       ? 
_pdbx_struct_assembly.oligomeric_details   monomeric 
_pdbx_struct_assembly.oligomeric_count     1 
# 
_pdbx_struct_assembly_gen.assembly_id       1 
_pdbx_struct_assembly_gen.oper_expression   1 
_pdbx_struct_assembly_gen.asym_id_list      A,B,C,D,E,F,G,H 
# 
_pdbx_struct_oper_list.id                   1 
_pdbx_struct_oper_list.type                 'identity operation' 
_pdbx_struct_oper_list.name                 1_555 
_pdbx_struct_oper_list.symmetry_operation   x,y,z 
_pdbx_struct_oper_list.matrix[1][1]         1.0000000000 
_pdbx_struct_oper_list.matrix[1][2]         0.0000000000 
_pdbx_struct_oper_list.matrix[1][3]         0.0000000000 
_pdbx_struct_oper_list.vector[1]            0.0000000000 
_pdbx_struct_oper_list.matrix[2][1]         0.0000000000 
_pdbx_struct_oper_list.matrix[2][2]         1.0000000000 
_pdbx_struct_oper_list.matrix[2][3]         0.0000000000 
_pdbx_struct_oper_list.vector[2]            0.0000000000 
_pdbx_struct_oper_list.matrix[3][1]         0.0000000000 
_pdbx_struct_oper_list.matrix[3][2]         0.0000000000 
_pdbx_struct_oper_list.matrix[3][3]         1.0000000000 
_pdbx_struct_oper_list.vector[3]            0.0000000000 
# 
loop_
_struct_conf.conf_type_id 
_struct_conf.id 
_struct_conf.pdbx_PDB_helix_id 
_struct_conf.beg_label_comp_id 
_struct_conf.beg_label_asym_id 
_struct_conf.beg_label_seq_id 
_struct_conf.pdbx_beg_PDB_ins_code 
_struct_conf.end_label_comp_id 
_struct_conf.end_label_asym_id 
_struct_conf.end_label_seq_id 
_struct_conf.pdbx_end_PDB_ins_code 
_struct_conf.beg_auth_comp_id 
_struct_conf.beg_auth_asym_id 
_struct_conf.beg_auth_seq_id 
_struct_conf.end_auth_comp_id 
_struct_conf.end_auth_asym_id 
_struct_conf.end_auth_seq_id 
_struct_conf.pdbx_PDB_helix_class 
_struct_conf.details 
_struct_conf.pdbx_PDB_helix_length 
HELX_P HELX_P1 AA1 GLU A 9   ? LEU A 19  ? GLU A 48  LEU A 58  1 ? 11 
HELX_P HELX_P2 AA2 GLY A 94  ? ALA A 100 ? GLY A 133 ALA A 139 1 ? 7  
HELX_P HELX_P3 AA3 PRO A 149 ? GLN A 152 ? PRO A 188 GLN A 191 5 ? 4  
HELX_P HELX_P4 AA4 ASN A 161 ? ASN A 172 ? ASN A 200 ASN A 211 1 ? 12 
# 
_struct_conf_type.id          HELX_P 
_struct_conf_type.criteria    ? 
_struct_conf_type.reference   ? 
# 
loop_
_struct_conn.id 
_struct_conn.conn_type_id 
_struct_conn.pdbx_leaving_atom_flag 
_struct_conn.pdbx_PDB_id 
_struct_conn.ptnr1_label_asym_id 
_struct_conn.ptnr1_label_comp_id 
_struct_conn.ptnr1_label_seq_id 
_struct_conn.ptnr1_label_atom_id 
_struct_conn.pdbx_ptnr1_label_alt_id 
_struct_conn.pdbx_ptnr1_PDB_ins_code 
_struct_conn.pdbx_ptnr1_standard_comp_id 
_struct_conn.ptnr1_symmetry 
_struct_conn.ptnr2_label_asym_id 
_struct_conn.ptnr2_label_comp_id 
_struct_conn.ptnr2_label_seq_id 
_struct_conn.ptnr2_label_atom_id 
_struct_conn.pdbx_ptnr2_label_alt_id 
_struct_conn.pdbx_ptnr2_PDB_ins_code 
_struct_conn.ptnr1_auth_asym_id 
_struct_conn.ptnr1_auth_comp_id 
_struct_conn.ptnr1_auth_seq_id 
_struct_conn.ptnr2_auth_asym_id 
_struct_conn.ptnr2_auth_comp_id 
_struct_conn.ptnr2_auth_seq_id 
_struct_conn.ptnr2_symmetry 
_struct_conn.pdbx_ptnr3_label_atom_id 
_struct_conn.pdbx_ptnr3_label_seq_id 
_struct_conn.pdbx_ptnr3_label_comp_id 
_struct_conn.pdbx_ptnr3_label_asym_id 
_struct_conn.pdbx_ptnr3_label_alt_id 
_struct_conn.pdbx_ptnr3_PDB_ins_code 
_struct_conn.details 
_struct_conn.pdbx_dist_value 
_struct_conn.pdbx_value_order 
_struct_conn.pdbx_role 
metalc1  metalc ? ? A HIS 61  NE2 ? ? ? 1_555 E CD  . CD ? ? A HIS 100 A CD  304 1_555 ? ? ? ? ? ? ? 2.161 ? ? 
metalc2  metalc ? ? A CYS 83  SG  ? ? ? 1_555 D CD  . CD ? ? A CYS 122 A CD  303 1_555 ? ? ? ? ? ? ? 2.752 ? ? 
metalc3  metalc ? ? A CYS 83  SG  ? ? ? 1_555 F CD  . CD ? ? A CYS 122 A CD  305 1_555 ? ? ? ? ? ? ? 2.297 ? ? 
metalc4  metalc ? ? A GLU 128 OE1 ? ? ? 1_555 B CD  . CD ? ? A GLU 167 A CD  301 1_555 ? ? ? ? ? ? ? 2.474 ? ? 
metalc5  metalc ? ? A GLU 128 OE1 ? ? ? 1_555 B CD  . CD ? ? A GLU 167 A CD  301 5_655 ? ? ? ? ? ? ? 2.474 ? ? 
metalc6  metalc ? ? A GLU 128 OE1 ? ? ? 1_555 C CD  . CD ? ? A GLU 167 A CD  302 1_555 ? ? ? ? ? ? ? 2.673 ? ? 
metalc7  metalc ? ? A GLU 128 OE2 ? ? ? 1_555 C CD  . CD ? ? A GLU 167 A CD  302 1_555 ? ? ? ? ? ? ? 2.238 ? ? 
metalc8  metalc ? ? A CYS 147 SG  A ? ? 1_555 B CD  . CD ? ? A CYS 186 A CD  301 1_555 ? ? ? ? ? ? ? 2.560 ? ? 
metalc9  metalc ? ? A CYS 147 SG  B ? ? 1_555 B CD  . CD ? ? A CYS 186 A CD  301 1_555 ? ? ? ? ? ? ? 2.457 ? ? 
metalc10 metalc ? ? A CYS 147 SG  A ? ? 1_555 B CD  . CD ? ? A CYS 186 A CD  301 5_655 ? ? ? ? ? ? ? 2.560 ? ? 
metalc11 metalc ? ? A CYS 147 SG  B ? ? 1_555 B CD  . CD ? ? A CYS 186 A CD  301 5_655 ? ? ? ? ? ? ? 2.457 ? ? 
metalc12 metalc ? ? A CYS 147 SG  A ? ? 1_555 C CD  . CD ? ? A CYS 186 A CD  302 5_655 ? ? ? ? ? ? ? 2.615 ? ? 
metalc13 metalc ? ? A CYS 147 SG  B ? ? 1_555 C CD  . CD ? ? A CYS 186 A CD  302 5_655 ? ? ? ? ? ? ? 2.437 ? ? 
metalc14 metalc ? ? B CD  .   CD  ? ? ? 1_555 H HOH . O  ? ? A CD  301 A HOH 457 1_555 ? ? ? ? ? ? ? 2.269 ? ? 
metalc15 metalc ? ? B CD  .   CD  ? ? ? 1_555 H HOH . O  ? ? A CD  301 A HOH 457 5_655 ? ? ? ? ? ? ? 2.269 ? ? 
metalc16 metalc ? ? C CD  .   CD  ? ? ? 1_555 H HOH . O  ? ? A CD  302 A HOH 456 5_655 ? ? ? ? ? ? ? 2.417 ? ? 
metalc17 metalc ? ? C CD  .   CD  ? ? ? 1_555 H HOH . O  ? ? A CD  302 A HOH 461 1_555 ? ? ? ? ? ? ? 2.398 ? ? 
metalc18 metalc ? ? D CD  .   CD  ? ? ? 1_555 H HOH . O  ? ? A CD  303 A HOH 446 1_555 ? ? ? ? ? ? ? 2.646 ? ? 
metalc19 metalc ? ? D CD  .   CD  ? ? ? 1_555 H HOH . O  ? ? A CD  303 A HOH 458 1_555 ? ? ? ? ? ? ? 2.427 ? ? 
metalc20 metalc ? ? D CD  .   CD  ? ? ? 1_555 H HOH . O  ? ? A CD  303 A HOH 467 1_555 ? ? ? ? ? ? ? 2.666 ? ? 
metalc21 metalc ? ? E CD  .   CD  ? ? ? 1_555 H HOH . O  ? ? A CD  304 A HOH 459 1_555 ? ? ? ? ? ? ? 2.304 ? ? 
metalc22 metalc ? ? E CD  .   CD  ? ? ? 1_555 H HOH . O  ? ? A CD  304 A HOH 462 1_555 ? ? ? ? ? ? ? 2.080 ? ? 
metalc23 metalc ? ? E CD  .   CD  ? ? ? 1_555 H HOH . O  ? ? A CD  304 A HOH 463 1_555 ? ? ? ? ? ? ? 2.428 ? ? 
metalc24 metalc ? ? F CD  .   CD  ? ? ? 1_555 G NY1 . N1 ? ? A CD  305 A NY1 306 1_555 ? ? ? ? ? ? ? 2.515 ? ? 
metalc25 metalc ? ? F CD  .   CD  ? ? ? 1_555 G NY1 . O1 ? ? A CD  305 A NY1 306 1_555 ? ? ? ? ? ? ? 2.388 ? ? 
metalc26 metalc ? ? F CD  .   CD  ? ? ? 1_555 H HOH . O  ? ? A CD  305 A HOH 464 1_555 ? ? ? ? ? ? ? 2.227 ? ? 
# 
_struct_conn_type.id          metalc 
_struct_conn_type.criteria    ? 
_struct_conn_type.reference   ? 
# 
loop_
_pdbx_struct_conn_angle.id 
_pdbx_struct_conn_angle.ptnr1_label_atom_id 
_pdbx_struct_conn_angle.ptnr1_label_alt_id 
_pdbx_struct_conn_angle.ptnr1_label_asym_id 
_pdbx_struct_conn_angle.ptnr1_label_comp_id 
_pdbx_struct_conn_angle.ptnr1_label_seq_id 
_pdbx_struct_conn_angle.ptnr1_auth_atom_id 
_pdbx_struct_conn_angle.ptnr1_auth_asym_id 
_pdbx_struct_conn_angle.ptnr1_auth_comp_id 
_pdbx_struct_conn_angle.ptnr1_auth_seq_id 
_pdbx_struct_conn_angle.ptnr1_PDB_ins_code 
_pdbx_struct_conn_angle.ptnr1_symmetry 
_pdbx_struct_conn_angle.ptnr2_label_atom_id 
_pdbx_struct_conn_angle.ptnr2_label_alt_id 
_pdbx_struct_conn_angle.ptnr2_label_asym_id 
_pdbx_struct_conn_angle.ptnr2_label_comp_id 
_pdbx_struct_conn_angle.ptnr2_label_seq_id 
_pdbx_struct_conn_angle.ptnr2_auth_atom_id 
_pdbx_struct_conn_angle.ptnr2_auth_asym_id 
_pdbx_struct_conn_angle.ptnr2_auth_comp_id 
_pdbx_struct_conn_angle.ptnr2_auth_seq_id 
_pdbx_struct_conn_angle.ptnr2_PDB_ins_code 
_pdbx_struct_conn_angle.ptnr2_symmetry 
_pdbx_struct_conn_angle.ptnr3_label_atom_id 
_pdbx_struct_conn_angle.ptnr3_label_alt_id 
_pdbx_struct_conn_angle.ptnr3_label_asym_id 
_pdbx_struct_conn_angle.ptnr3_label_comp_id 
_pdbx_struct_conn_angle.ptnr3_label_seq_id 
_pdbx_struct_conn_angle.ptnr3_auth_atom_id 
_pdbx_struct_conn_angle.ptnr3_auth_asym_id 
_pdbx_struct_conn_angle.ptnr3_auth_comp_id 
_pdbx_struct_conn_angle.ptnr3_auth_seq_id 
_pdbx_struct_conn_angle.ptnr3_PDB_ins_code 
_pdbx_struct_conn_angle.ptnr3_symmetry 
_pdbx_struct_conn_angle.value 
_pdbx_struct_conn_angle.value_esd 
1  NE2 ? A HIS 61  ? A HIS 100 ? 1_555 CD ? E CD . ? A CD 304 ? 1_555 O   ? H HOH .   ? A HOH 459 ? 1_555 99.3  ? 
2  NE2 ? A HIS 61  ? A HIS 100 ? 1_555 CD ? E CD . ? A CD 304 ? 1_555 O   ? H HOH .   ? A HOH 462 ? 1_555 111.6 ? 
3  O   ? H HOH .   ? A HOH 459 ? 1_555 CD ? E CD . ? A CD 304 ? 1_555 O   ? H HOH .   ? A HOH 462 ? 1_555 113.0 ? 
4  NE2 ? A HIS 61  ? A HIS 100 ? 1_555 CD ? E CD . ? A CD 304 ? 1_555 O   ? H HOH .   ? A HOH 463 ? 1_555 102.4 ? 
5  O   ? H HOH .   ? A HOH 459 ? 1_555 CD ? E CD . ? A CD 304 ? 1_555 O   ? H HOH .   ? A HOH 463 ? 1_555 114.9 ? 
6  O   ? H HOH .   ? A HOH 462 ? 1_555 CD ? E CD . ? A CD 304 ? 1_555 O   ? H HOH .   ? A HOH 463 ? 1_555 114.0 ? 
7  SG  ? A CYS 83  ? A CYS 122 ? 1_555 CD ? D CD . ? A CD 303 ? 1_555 O   ? H HOH .   ? A HOH 446 ? 1_555 109.6 ? 
8  SG  ? A CYS 83  ? A CYS 122 ? 1_555 CD ? D CD . ? A CD 303 ? 1_555 O   ? H HOH .   ? A HOH 458 ? 1_555 95.3  ? 
9  O   ? H HOH .   ? A HOH 446 ? 1_555 CD ? D CD . ? A CD 303 ? 1_555 O   ? H HOH .   ? A HOH 458 ? 1_555 81.3  ? 
10 SG  ? A CYS 83  ? A CYS 122 ? 1_555 CD ? D CD . ? A CD 303 ? 1_555 O   ? H HOH .   ? A HOH 467 ? 1_555 80.0  ? 
11 O   ? H HOH .   ? A HOH 446 ? 1_555 CD ? D CD . ? A CD 303 ? 1_555 O   ? H HOH .   ? A HOH 467 ? 1_555 94.2  ? 
12 O   ? H HOH .   ? A HOH 458 ? 1_555 CD ? D CD . ? A CD 303 ? 1_555 O   ? H HOH .   ? A HOH 467 ? 1_555 172.1 ? 
13 SG  ? A CYS 83  ? A CYS 122 ? 1_555 CD ? F CD . ? A CD 305 ? 1_555 N1  ? G NY1 .   ? A NY1 306 ? 1_555 105.8 ? 
14 SG  ? A CYS 83  ? A CYS 122 ? 1_555 CD ? F CD . ? A CD 305 ? 1_555 O1  ? G NY1 .   ? A NY1 306 ? 1_555 102.0 ? 
15 N1  ? G NY1 .   ? A NY1 306 ? 1_555 CD ? F CD . ? A CD 305 ? 1_555 O1  ? G NY1 .   ? A NY1 306 ? 1_555 74.3  ? 
16 SG  ? A CYS 83  ? A CYS 122 ? 1_555 CD ? F CD . ? A CD 305 ? 1_555 O   ? H HOH .   ? A HOH 464 ? 1_555 88.2  ? 
17 N1  ? G NY1 .   ? A NY1 306 ? 1_555 CD ? F CD . ? A CD 305 ? 1_555 O   ? H HOH .   ? A HOH 464 ? 1_555 101.3 ? 
18 O1  ? G NY1 .   ? A NY1 306 ? 1_555 CD ? F CD . ? A CD 305 ? 1_555 O   ? H HOH .   ? A HOH 464 ? 1_555 169.7 ? 
19 OE1 ? A GLU 128 ? A GLU 167 ? 1_555 CD ? B CD . ? A CD 301 ? 1_555 OE1 ? A GLU 128 ? A GLU 167 ? 1_555 0.0   ? 
20 OE1 ? A GLU 128 ? A GLU 167 ? 1_555 CD ? B CD . ? A CD 301 ? 1_555 SG  A A CYS 147 ? A CYS 186 ? 1_555 92.9  ? 
21 OE1 ? A GLU 128 ? A GLU 167 ? 1_555 CD ? B CD . ? A CD 301 ? 1_555 SG  A A CYS 147 ? A CYS 186 ? 1_555 92.9  ? 
22 OE1 ? A GLU 128 ? A GLU 167 ? 1_555 CD ? B CD . ? A CD 301 ? 1_555 SG  B A CYS 147 ? A CYS 186 ? 1_555 89.9  ? 
23 OE1 ? A GLU 128 ? A GLU 167 ? 1_555 CD ? B CD . ? A CD 301 ? 1_555 SG  B A CYS 147 ? A CYS 186 ? 1_555 89.9  ? 
24 SG  A A CYS 147 ? A CYS 186 ? 1_555 CD ? B CD . ? A CD 301 ? 1_555 SG  B A CYS 147 ? A CYS 186 ? 1_555 38.6  ? 
25 OE1 ? A GLU 128 ? A GLU 167 ? 1_555 CD ? B CD . ? A CD 301 ? 1_555 SG  A A CYS 147 ? A CYS 186 ? 1_555 92.9  ? 
26 OE1 ? A GLU 128 ? A GLU 167 ? 1_555 CD ? B CD . ? A CD 301 ? 1_555 SG  A A CYS 147 ? A CYS 186 ? 1_555 92.9  ? 
27 SG  A A CYS 147 ? A CYS 186 ? 1_555 CD ? B CD . ? A CD 301 ? 1_555 SG  A A CYS 147 ? A CYS 186 ? 1_555 0.0   ? 
28 SG  B A CYS 147 ? A CYS 186 ? 1_555 CD ? B CD . ? A CD 301 ? 1_555 SG  A A CYS 147 ? A CYS 186 ? 1_555 38.6  ? 
29 OE1 ? A GLU 128 ? A GLU 167 ? 1_555 CD ? B CD . ? A CD 301 ? 1_555 SG  B A CYS 147 ? A CYS 186 ? 1_555 89.9  ? 
30 OE1 ? A GLU 128 ? A GLU 167 ? 1_555 CD ? B CD . ? A CD 301 ? 1_555 SG  B A CYS 147 ? A CYS 186 ? 1_555 89.9  ? 
31 SG  A A CYS 147 ? A CYS 186 ? 1_555 CD ? B CD . ? A CD 301 ? 1_555 SG  B A CYS 147 ? A CYS 186 ? 1_555 38.6  ? 
32 SG  B A CYS 147 ? A CYS 186 ? 1_555 CD ? B CD . ? A CD 301 ? 1_555 SG  B A CYS 147 ? A CYS 186 ? 1_555 0.0   ? 
33 SG  A A CYS 147 ? A CYS 186 ? 1_555 CD ? B CD . ? A CD 301 ? 1_555 SG  B A CYS 147 ? A CYS 186 ? 1_555 38.6  ? 
34 OE1 ? A GLU 128 ? A GLU 167 ? 1_555 CD ? B CD . ? A CD 301 ? 1_555 O   ? H HOH .   ? A HOH 457 ? 1_555 89.1  ? 
35 OE1 ? A GLU 128 ? A GLU 167 ? 1_555 CD ? B CD . ? A CD 301 ? 1_555 O   ? H HOH .   ? A HOH 457 ? 1_555 89.1  ? 
36 SG  A A CYS 147 ? A CYS 186 ? 1_555 CD ? B CD . ? A CD 301 ? 1_555 O   ? H HOH .   ? A HOH 457 ? 1_555 109.4 ? 
37 SG  B A CYS 147 ? A CYS 186 ? 1_555 CD ? B CD . ? A CD 301 ? 1_555 O   ? H HOH .   ? A HOH 457 ? 1_555 147.8 ? 
38 SG  A A CYS 147 ? A CYS 186 ? 1_555 CD ? B CD . ? A CD 301 ? 1_555 O   ? H HOH .   ? A HOH 457 ? 1_555 109.4 ? 
39 SG  B A CYS 147 ? A CYS 186 ? 1_555 CD ? B CD . ? A CD 301 ? 1_555 O   ? H HOH .   ? A HOH 457 ? 1_555 147.8 ? 
40 OE1 ? A GLU 128 ? A GLU 167 ? 1_555 CD ? B CD . ? A CD 301 ? 1_555 O   ? H HOH .   ? A HOH 457 ? 5_655 94.2  ? 
41 OE1 ? A GLU 128 ? A GLU 167 ? 1_555 CD ? B CD . ? A CD 301 ? 1_555 O   ? H HOH .   ? A HOH 457 ? 5_655 94.2  ? 
42 SG  A A CYS 147 ? A CYS 186 ? 1_555 CD ? B CD . ? A CD 301 ? 1_555 O   ? H HOH .   ? A HOH 457 ? 5_655 75.6  ? 
43 SG  B A CYS 147 ? A CYS 186 ? 1_555 CD ? B CD . ? A CD 301 ? 1_555 O   ? H HOH .   ? A HOH 457 ? 5_655 114.2 ? 
44 SG  A A CYS 147 ? A CYS 186 ? 1_555 CD ? B CD . ? A CD 301 ? 1_555 O   ? H HOH .   ? A HOH 457 ? 5_655 75.6  ? 
45 SG  B A CYS 147 ? A CYS 186 ? 1_555 CD ? B CD . ? A CD 301 ? 1_555 O   ? H HOH .   ? A HOH 457 ? 5_655 114.2 ? 
46 O   ? H HOH .   ? A HOH 457 ? 1_555 CD ? B CD . ? A CD 301 ? 1_555 O   ? H HOH .   ? A HOH 457 ? 5_655 34.0  ? 
47 OE1 ? A GLU 128 ? A GLU 167 ? 1_555 CD ? C CD . ? A CD 302 ? 1_555 OE2 ? A GLU 128 ? A GLU 167 ? 1_555 52.4  ? 
48 OE1 ? A GLU 128 ? A GLU 167 ? 1_555 CD ? C CD . ? A CD 302 ? 1_555 SG  A A CYS 147 ? A CYS 186 ? 1_555 31.2  ? 
49 OE2 ? A GLU 128 ? A GLU 167 ? 1_555 CD ? C CD . ? A CD 302 ? 1_555 SG  A A CYS 147 ? A CYS 186 ? 1_555 75.3  ? 
50 OE1 ? A GLU 128 ? A GLU 167 ? 1_555 CD ? C CD . ? A CD 302 ? 1_555 SG  B A CYS 147 ? A CYS 186 ? 1_555 44.0  ? 
51 OE2 ? A GLU 128 ? A GLU 167 ? 1_555 CD ? C CD . ? A CD 302 ? 1_555 SG  B A CYS 147 ? A CYS 186 ? 1_555 77.9  ? 
52 SG  A A CYS 147 ? A CYS 186 ? 1_555 CD ? C CD . ? A CD 302 ? 1_555 SG  B A CYS 147 ? A CYS 186 ? 1_555 16.0  ? 
53 OE1 ? A GLU 128 ? A GLU 167 ? 1_555 CD ? C CD . ? A CD 302 ? 1_555 O   ? H HOH .   ? A HOH 456 ? 5_655 142.9 ? 
54 OE2 ? A GLU 128 ? A GLU 167 ? 1_555 CD ? C CD . ? A CD 302 ? 1_555 O   ? H HOH .   ? A HOH 456 ? 5_655 102.1 ? 
55 SG  A A CYS 147 ? A CYS 186 ? 1_555 CD ? C CD . ? A CD 302 ? 1_555 O   ? H HOH .   ? A HOH 456 ? 5_655 127.3 ? 
56 SG  B A CYS 147 ? A CYS 186 ? 1_555 CD ? C CD . ? A CD 302 ? 1_555 O   ? H HOH .   ? A HOH 456 ? 5_655 111.3 ? 
57 OE1 ? A GLU 128 ? A GLU 167 ? 1_555 CD ? C CD . ? A CD 302 ? 1_555 O   ? H HOH .   ? A HOH 461 ? 1_555 106.6 ? 
58 OE2 ? A GLU 128 ? A GLU 167 ? 1_555 CD ? C CD . ? A CD 302 ? 1_555 O   ? H HOH .   ? A HOH 461 ? 1_555 105.1 ? 
59 SG  A A CYS 147 ? A CYS 186 ? 1_555 CD ? C CD . ? A CD 302 ? 1_555 O   ? H HOH .   ? A HOH 461 ? 1_555 125.7 ? 
60 SG  B A CYS 147 ? A CYS 186 ? 1_555 CD ? C CD . ? A CD 302 ? 1_555 O   ? H HOH .   ? A HOH 461 ? 1_555 140.9 ? 
61 O   ? H HOH .   ? A HOH 456 ? 5_655 CD ? C CD . ? A CD 302 ? 1_555 O   ? H HOH .   ? A HOH 461 ? 1_555 106.2 ? 
# 
loop_
_struct_mon_prot_cis.pdbx_id 
_struct_mon_prot_cis.label_comp_id 
_struct_mon_prot_cis.label_seq_id 
_struct_mon_prot_cis.label_asym_id 
_struct_mon_prot_cis.label_alt_id 
_struct_mon_prot_cis.pdbx_PDB_ins_code 
_struct_mon_prot_cis.auth_comp_id 
_struct_mon_prot_cis.auth_seq_id 
_struct_mon_prot_cis.auth_asym_id 
_struct_mon_prot_cis.pdbx_label_comp_id_2 
_struct_mon_prot_cis.pdbx_label_seq_id_2 
_struct_mon_prot_cis.pdbx_label_asym_id_2 
_struct_mon_prot_cis.pdbx_PDB_ins_code_2 
_struct_mon_prot_cis.pdbx_auth_comp_id_2 
_struct_mon_prot_cis.pdbx_auth_seq_id_2 
_struct_mon_prot_cis.pdbx_auth_asym_id_2 
_struct_mon_prot_cis.pdbx_PDB_model_num 
_struct_mon_prot_cis.pdbx_omega_angle 
1 PHE 33 A . ? PHE 72  A PRO 34 A ? PRO 73  A 1 -4.72  
2 SER 90 A . ? SER 129 A PRO 91 A ? PRO 130 A 1 -18.59 
# 
loop_
_struct_sheet.id 
_struct_sheet.type 
_struct_sheet.number_strands 
_struct_sheet.details 
AA1 ? 3 ? 
AA2 ? 5 ? 
AA3 ? 4 ? 
AA4 ? 3 ? 
AA5 ? 2 ? 
# 
loop_
_struct_sheet_order.sheet_id 
_struct_sheet_order.range_id_1 
_struct_sheet_order.range_id_2 
_struct_sheet_order.offset 
_struct_sheet_order.sense 
AA1 1 2 ? anti-parallel 
AA1 2 3 ? anti-parallel 
AA2 1 2 ? parallel      
AA2 2 3 ? anti-parallel 
AA2 3 4 ? anti-parallel 
AA2 4 5 ? anti-parallel 
AA3 1 2 ? anti-parallel 
AA3 2 3 ? anti-parallel 
AA3 3 4 ? anti-parallel 
AA4 1 2 ? anti-parallel 
AA4 2 3 ? parallel      
AA5 1 2 ? anti-parallel 
# 
loop_
_struct_sheet_range.sheet_id 
_struct_sheet_range.id 
_struct_sheet_range.beg_label_comp_id 
_struct_sheet_range.beg_label_asym_id 
_struct_sheet_range.beg_label_seq_id 
_struct_sheet_range.pdbx_beg_PDB_ins_code 
_struct_sheet_range.end_label_comp_id 
_struct_sheet_range.end_label_asym_id 
_struct_sheet_range.end_label_seq_id 
_struct_sheet_range.pdbx_end_PDB_ins_code 
_struct_sheet_range.beg_auth_comp_id 
_struct_sheet_range.beg_auth_asym_id 
_struct_sheet_range.beg_auth_seq_id 
_struct_sheet_range.end_auth_comp_id 
_struct_sheet_range.end_auth_asym_id 
_struct_sheet_range.end_auth_seq_id 
AA1 1 ARG A 4   ? LEU A 7   ? ARG A 43  LEU A 46  
AA1 2 LYS A 37  ? SER A 41  ? LYS A 76  SER A 80  
AA1 3 VAL A 102 ? SER A 103 ? VAL A 141 SER A 142 
AA2 1 GLU A 22  ? ILE A 24  ? GLU A 61  ILE A 63  
AA2 2 PHE A 153 ? VAL A 156 ? PHE A 192 VAL A 195 
AA2 3 LYS A 126 ? VAL A 136 ? LYS A 165 VAL A 175 
AA2 4 MET A 48  ? ALA A 57  ? MET A 87  ALA A 96  
AA2 5 ASN A 92  ? PHE A 93  ? ASN A 131 PHE A 132 
AA3 1 TYR A 85  ? ILE A 86  ? TYR A 124 ILE A 125 
AA3 2 MET A 48  ? ALA A 57  ? MET A 87  ALA A 96  
AA3 3 LYS A 126 ? VAL A 136 ? LYS A 165 VAL A 175 
AA3 4 MET A 142 ? CYS A 147 ? MET A 181 CYS A 186 
AA4 1 ARG A 30  ? ARG A 31  ? ARG A 69  ARG A 70  
AA4 2 LYS A 108 ? THR A 110 ? LYS A 147 THR A 149 
AA4 3 ILE A 119 ? MET A 120 ? ILE A 158 MET A 159 
AA5 1 TRP A 63  ? VAL A 66  ? TRP A 102 VAL A 105 
AA5 2 GLU A 69  ? PRO A 72  ? GLU A 108 PRO A 111 
# 
loop_
_pdbx_struct_sheet_hbond.sheet_id 
_pdbx_struct_sheet_hbond.range_id_1 
_pdbx_struct_sheet_hbond.range_id_2 
_pdbx_struct_sheet_hbond.range_1_label_atom_id 
_pdbx_struct_sheet_hbond.range_1_label_comp_id 
_pdbx_struct_sheet_hbond.range_1_label_asym_id 
_pdbx_struct_sheet_hbond.range_1_label_seq_id 
_pdbx_struct_sheet_hbond.range_1_PDB_ins_code 
_pdbx_struct_sheet_hbond.range_1_auth_atom_id 
_pdbx_struct_sheet_hbond.range_1_auth_comp_id 
_pdbx_struct_sheet_hbond.range_1_auth_asym_id 
_pdbx_struct_sheet_hbond.range_1_auth_seq_id 
_pdbx_struct_sheet_hbond.range_2_label_atom_id 
_pdbx_struct_sheet_hbond.range_2_label_comp_id 
_pdbx_struct_sheet_hbond.range_2_label_asym_id 
_pdbx_struct_sheet_hbond.range_2_label_seq_id 
_pdbx_struct_sheet_hbond.range_2_PDB_ins_code 
_pdbx_struct_sheet_hbond.range_2_auth_atom_id 
_pdbx_struct_sheet_hbond.range_2_auth_comp_id 
_pdbx_struct_sheet_hbond.range_2_auth_asym_id 
_pdbx_struct_sheet_hbond.range_2_auth_seq_id 
AA1 1 2 N GLY A 6   ? N GLY A 45  O ASN A 39  ? O ASN A 78  
AA1 2 3 N VAL A 38  ? N VAL A 77  O VAL A 102 ? O VAL A 141 
AA2 1 2 N MET A 23  ? N MET A 62  O VAL A 156 ? O VAL A 195 
AA2 2 3 O PHE A 153 ? O PHE A 192 N TYR A 127 ? N TYR A 166 
AA2 3 4 O ARG A 130 ? O ARG A 169 N ASP A 54  ? N ASP A 93  
AA2 4 5 N TYR A 49  ? N TYR A 88  O ASN A 92  ? O ASN A 131 
AA3 1 2 O TYR A 85  ? O TYR A 124 N LEU A 53  ? N LEU A 92  
AA3 2 3 N ASP A 54  ? N ASP A 93  O ARG A 130 ? O ARG A 169 
AA3 3 4 N ILE A 133 ? N ILE A 172 O THR A 144 ? O THR A 183 
AA4 1 2 N ARG A 30  ? N ARG A 69  O LEU A 109 ? O LEU A 148 
AA4 2 3 N LYS A 108 ? N LYS A 147 O ILE A 119 ? O ILE A 158 
AA5 1 2 N VAL A 66  ? N VAL A 105 O GLU A 69  ? O GLU A 108 
# 
loop_
_struct_site.id 
_struct_site.pdbx_evidence_code 
_struct_site.pdbx_auth_asym_id 
_struct_site.pdbx_auth_comp_id 
_struct_site.pdbx_auth_seq_id 
_struct_site.pdbx_auth_ins_code 
_struct_site.pdbx_num_residues 
_struct_site.details 
AC1 Software A CD  301 ? 8 'binding site for residue CD A 301'  
AC2 Software A CD  302 ? 6 'binding site for residue CD A 302'  
AC3 Software A CD  303 ? 4 'binding site for residue CD A 303'  
AC4 Software A CD  304 ? 5 'binding site for residue CD A 304'  
AC5 Software A CD  305 ? 4 'binding site for residue CD A 305'  
AC6 Software A NY1 306 ? 7 'binding site for residue NY1 A 306' 
# 
loop_
_struct_site_gen.id 
_struct_site_gen.site_id 
_struct_site_gen.pdbx_num_res 
_struct_site_gen.label_comp_id 
_struct_site_gen.label_asym_id 
_struct_site_gen.label_seq_id 
_struct_site_gen.pdbx_auth_ins_code 
_struct_site_gen.auth_comp_id 
_struct_site_gen.auth_asym_id 
_struct_site_gen.auth_seq_id 
_struct_site_gen.label_atom_id 
_struct_site_gen.label_alt_id 
_struct_site_gen.symmetry 
_struct_site_gen.details 
1  AC1 8 GLU A 128 ? GLU A 167 . ? 1_555 ? 
2  AC1 8 GLU A 128 ? GLU A 167 . ? 5_655 ? 
3  AC1 8 CYS A 147 ? CYS A 186 . ? 5_655 ? 
4  AC1 8 CYS A 147 ? CYS A 186 . ? 1_555 ? 
5  AC1 8 CD  C .   ? CD  A 302 . ? 5_655 ? 
6  AC1 8 CD  C .   ? CD  A 302 . ? 1_555 ? 
7  AC1 8 HOH H .   ? HOH A 457 . ? 5_655 ? 
8  AC1 8 HOH H .   ? HOH A 457 . ? 1_555 ? 
9  AC2 6 GLU A 128 ? GLU A 167 . ? 1_555 ? 
10 AC2 6 CYS A 147 ? CYS A 186 . ? 5_655 ? 
11 AC2 6 CD  B .   ? CD  A 301 . ? 5_655 ? 
12 AC2 6 CD  B .   ? CD  A 301 . ? 1_555 ? 
13 AC2 6 HOH H .   ? HOH A 456 . ? 5_655 ? 
14 AC2 6 HOH H .   ? HOH A 461 . ? 1_555 ? 
15 AC3 4 CYS A 83  ? CYS A 122 . ? 1_555 ? 
16 AC3 4 HOH H .   ? HOH A 446 . ? 1_555 ? 
17 AC3 4 HOH H .   ? HOH A 458 . ? 1_555 ? 
18 AC3 4 HOH H .   ? HOH A 467 . ? 1_555 ? 
19 AC4 5 HIS A 61  ? HIS A 100 . ? 1_555 ? 
20 AC4 5 HOH H .   ? HOH A 454 . ? 1_555 ? 
21 AC4 5 HOH H .   ? HOH A 459 . ? 1_555 ? 
22 AC4 5 HOH H .   ? HOH A 462 . ? 1_555 ? 
23 AC4 5 HOH H .   ? HOH A 463 . ? 1_555 ? 
24 AC5 4 CYS A 83  ? CYS A 122 . ? 1_555 ? 
25 AC5 4 NY1 G .   ? NY1 A 306 . ? 1_555 ? 
26 AC5 4 HOH H .   ? HOH A 464 . ? 1_555 ? 
27 AC5 4 HOH H .   ? HOH A 467 . ? 1_555 ? 
28 AC6 7 ASN A 60  ? ASN A 99  . ? 5_655 ? 
29 AC6 7 PRO A 81  ? PRO A 120 . ? 1_555 ? 
30 AC6 7 SER A 82  ? SER A 121 . ? 1_555 ? 
31 AC6 7 CYS A 83  ? CYS A 122 . ? 1_555 ? 
32 AC6 7 VAL A 84  ? VAL A 123 . ? 1_555 ? 
33 AC6 7 ILE A 86  ? ILE A 125 . ? 1_555 ? 
34 AC6 7 CD  F .   ? CD  A 305 . ? 1_555 ? 
# 
loop_
_pdbx_validate_torsion.id 
_pdbx_validate_torsion.PDB_model_num 
_pdbx_validate_torsion.auth_comp_id 
_pdbx_validate_torsion.auth_asym_id 
_pdbx_validate_torsion.auth_seq_id 
_pdbx_validate_torsion.PDB_ins_code 
_pdbx_validate_torsion.label_alt_id 
_pdbx_validate_torsion.phi 
_pdbx_validate_torsion.psi 
1 1 GLU A 50  ? ? -27.04  -61.60 
2 1 THR A 59  ? ? 71.79   100.64 
3 1 LYS A 114 ? ? -111.20 74.49  
# 
loop_
_pdbx_struct_special_symmetry.id 
_pdbx_struct_special_symmetry.PDB_model_num 
_pdbx_struct_special_symmetry.auth_asym_id 
_pdbx_struct_special_symmetry.auth_comp_id 
_pdbx_struct_special_symmetry.auth_seq_id 
_pdbx_struct_special_symmetry.PDB_ins_code 
_pdbx_struct_special_symmetry.label_asym_id 
_pdbx_struct_special_symmetry.label_comp_id 
_pdbx_struct_special_symmetry.label_seq_id 
1 1 A CD  301 ? B CD  . 
2 1 A HOH 404 ? H HOH . 
# 
_phasing.method   MR 
# 
_pdbx_entry_details.entry_id                 5QRR 
_pdbx_entry_details.has_ligand_of_interest   Y 
_pdbx_entry_details.compound_details         ? 
_pdbx_entry_details.source_details           ? 
_pdbx_entry_details.nonpolymer_details       ? 
_pdbx_entry_details.sequence_details         ? 
# 
_pdbx_unobs_or_zero_occ_residues.id               1 
_pdbx_unobs_or_zero_occ_residues.PDB_model_num    1 
_pdbx_unobs_or_zero_occ_residues.polymer_flag     Y 
_pdbx_unobs_or_zero_occ_residues.occupancy_flag   1 
_pdbx_unobs_or_zero_occ_residues.auth_asym_id     A 
_pdbx_unobs_or_zero_occ_residues.auth_comp_id     GLY 
_pdbx_unobs_or_zero_occ_residues.auth_seq_id      40 
_pdbx_unobs_or_zero_occ_residues.PDB_ins_code     ? 
_pdbx_unobs_or_zero_occ_residues.label_asym_id    A 
_pdbx_unobs_or_zero_occ_residues.label_comp_id    GLY 
_pdbx_unobs_or_zero_occ_residues.label_seq_id     1 
# 
loop_
_chem_comp_atom.comp_id 
_chem_comp_atom.atom_id 
_chem_comp_atom.type_symbol 
_chem_comp_atom.pdbx_aromatic_flag 
_chem_comp_atom.pdbx_stereo_config 
_chem_comp_atom.pdbx_ordinal 
ALA N    N  N N 1   
ALA CA   C  N S 2   
ALA C    C  N N 3   
ALA O    O  N N 4   
ALA CB   C  N N 5   
ALA OXT  O  N N 6   
ALA H    H  N N 7   
ALA H2   H  N N 8   
ALA HA   H  N N 9   
ALA HB1  H  N N 10  
ALA HB2  H  N N 11  
ALA HB3  H  N N 12  
ALA HXT  H  N N 13  
ARG N    N  N N 14  
ARG CA   C  N S 15  
ARG C    C  N N 16  
ARG O    O  N N 17  
ARG CB   C  N N 18  
ARG CG   C  N N 19  
ARG CD   C  N N 20  
ARG NE   N  N N 21  
ARG CZ   C  N N 22  
ARG NH1  N  N N 23  
ARG NH2  N  N N 24  
ARG OXT  O  N N 25  
ARG H    H  N N 26  
ARG H2   H  N N 27  
ARG HA   H  N N 28  
ARG HB2  H  N N 29  
ARG HB3  H  N N 30  
ARG HG2  H  N N 31  
ARG HG3  H  N N 32  
ARG HD2  H  N N 33  
ARG HD3  H  N N 34  
ARG HE   H  N N 35  
ARG HH11 H  N N 36  
ARG HH12 H  N N 37  
ARG HH21 H  N N 38  
ARG HH22 H  N N 39  
ARG HXT  H  N N 40  
ASN N    N  N N 41  
ASN CA   C  N S 42  
ASN C    C  N N 43  
ASN O    O  N N 44  
ASN CB   C  N N 45  
ASN CG   C  N N 46  
ASN OD1  O  N N 47  
ASN ND2  N  N N 48  
ASN OXT  O  N N 49  
ASN H    H  N N 50  
ASN H2   H  N N 51  
ASN HA   H  N N 52  
ASN HB2  H  N N 53  
ASN HB3  H  N N 54  
ASN HD21 H  N N 55  
ASN HD22 H  N N 56  
ASN HXT  H  N N 57  
ASP N    N  N N 58  
ASP CA   C  N S 59  
ASP C    C  N N 60  
ASP O    O  N N 61  
ASP CB   C  N N 62  
ASP CG   C  N N 63  
ASP OD1  O  N N 64  
ASP OD2  O  N N 65  
ASP OXT  O  N N 66  
ASP H    H  N N 67  
ASP H2   H  N N 68  
ASP HA   H  N N 69  
ASP HB2  H  N N 70  
ASP HB3  H  N N 71  
ASP HD2  H  N N 72  
ASP HXT  H  N N 73  
CD  CD   CD N N 74  
CYS N    N  N N 75  
CYS CA   C  N R 76  
CYS C    C  N N 77  
CYS O    O  N N 78  
CYS CB   C  N N 79  
CYS SG   S  N N 80  
CYS OXT  O  N N 81  
CYS H    H  N N 82  
CYS H2   H  N N 83  
CYS HA   H  N N 84  
CYS HB2  H  N N 85  
CYS HB3  H  N N 86  
CYS HG   H  N N 87  
CYS HXT  H  N N 88  
GLN N    N  N N 89  
GLN CA   C  N S 90  
GLN C    C  N N 91  
GLN O    O  N N 92  
GLN CB   C  N N 93  
GLN CG   C  N N 94  
GLN CD   C  N N 95  
GLN OE1  O  N N 96  
GLN NE2  N  N N 97  
GLN OXT  O  N N 98  
GLN H    H  N N 99  
GLN H2   H  N N 100 
GLN HA   H  N N 101 
GLN HB2  H  N N 102 
GLN HB3  H  N N 103 
GLN HG2  H  N N 104 
GLN HG3  H  N N 105 
GLN HE21 H  N N 106 
GLN HE22 H  N N 107 
GLN HXT  H  N N 108 
GLU N    N  N N 109 
GLU CA   C  N S 110 
GLU C    C  N N 111 
GLU O    O  N N 112 
GLU CB   C  N N 113 
GLU CG   C  N N 114 
GLU CD   C  N N 115 
GLU OE1  O  N N 116 
GLU OE2  O  N N 117 
GLU OXT  O  N N 118 
GLU H    H  N N 119 
GLU H2   H  N N 120 
GLU HA   H  N N 121 
GLU HB2  H  N N 122 
GLU HB3  H  N N 123 
GLU HG2  H  N N 124 
GLU HG3  H  N N 125 
GLU HE2  H  N N 126 
GLU HXT  H  N N 127 
GLY N    N  N N 128 
GLY CA   C  N N 129 
GLY C    C  N N 130 
GLY O    O  N N 131 
GLY OXT  O  N N 132 
GLY H    H  N N 133 
GLY H2   H  N N 134 
GLY HA2  H  N N 135 
GLY HA3  H  N N 136 
GLY HXT  H  N N 137 
HIS N    N  N N 138 
HIS CA   C  N S 139 
HIS C    C  N N 140 
HIS O    O  N N 141 
HIS CB   C  N N 142 
HIS CG   C  Y N 143 
HIS ND1  N  Y N 144 
HIS CD2  C  Y N 145 
HIS CE1  C  Y N 146 
HIS NE2  N  Y N 147 
HIS OXT  O  N N 148 
HIS H    H  N N 149 
HIS H2   H  N N 150 
HIS HA   H  N N 151 
HIS HB2  H  N N 152 
HIS HB3  H  N N 153 
HIS HD1  H  N N 154 
HIS HD2  H  N N 155 
HIS HE1  H  N N 156 
HIS HE2  H  N N 157 
HIS HXT  H  N N 158 
HOH O    O  N N 159 
HOH H1   H  N N 160 
HOH H2   H  N N 161 
ILE N    N  N N 162 
ILE CA   C  N S 163 
ILE C    C  N N 164 
ILE O    O  N N 165 
ILE CB   C  N S 166 
ILE CG1  C  N N 167 
ILE CG2  C  N N 168 
ILE CD1  C  N N 169 
ILE OXT  O  N N 170 
ILE H    H  N N 171 
ILE H2   H  N N 172 
ILE HA   H  N N 173 
ILE HB   H  N N 174 
ILE HG12 H  N N 175 
ILE HG13 H  N N 176 
ILE HG21 H  N N 177 
ILE HG22 H  N N 178 
ILE HG23 H  N N 179 
ILE HD11 H  N N 180 
ILE HD12 H  N N 181 
ILE HD13 H  N N 182 
ILE HXT  H  N N 183 
LEU N    N  N N 184 
LEU CA   C  N S 185 
LEU C    C  N N 186 
LEU O    O  N N 187 
LEU CB   C  N N 188 
LEU CG   C  N N 189 
LEU CD1  C  N N 190 
LEU CD2  C  N N 191 
LEU OXT  O  N N 192 
LEU H    H  N N 193 
LEU H2   H  N N 194 
LEU HA   H  N N 195 
LEU HB2  H  N N 196 
LEU HB3  H  N N 197 
LEU HG   H  N N 198 
LEU HD11 H  N N 199 
LEU HD12 H  N N 200 
LEU HD13 H  N N 201 
LEU HD21 H  N N 202 
LEU HD22 H  N N 203 
LEU HD23 H  N N 204 
LEU HXT  H  N N 205 
LYS N    N  N N 206 
LYS CA   C  N S 207 
LYS C    C  N N 208 
LYS O    O  N N 209 
LYS CB   C  N N 210 
LYS CG   C  N N 211 
LYS CD   C  N N 212 
LYS CE   C  N N 213 
LYS NZ   N  N N 214 
LYS OXT  O  N N 215 
LYS H    H  N N 216 
LYS H2   H  N N 217 
LYS HA   H  N N 218 
LYS HB2  H  N N 219 
LYS HB3  H  N N 220 
LYS HG2  H  N N 221 
LYS HG3  H  N N 222 
LYS HD2  H  N N 223 
LYS HD3  H  N N 224 
LYS HE2  H  N N 225 
LYS HE3  H  N N 226 
LYS HZ1  H  N N 227 
LYS HZ2  H  N N 228 
LYS HZ3  H  N N 229 
LYS HXT  H  N N 230 
MET N    N  N N 231 
MET CA   C  N S 232 
MET C    C  N N 233 
MET O    O  N N 234 
MET CB   C  N N 235 
MET CG   C  N N 236 
MET SD   S  N N 237 
MET CE   C  N N 238 
MET OXT  O  N N 239 
MET H    H  N N 240 
MET H2   H  N N 241 
MET HA   H  N N 242 
MET HB2  H  N N 243 
MET HB3  H  N N 244 
MET HG2  H  N N 245 
MET HG3  H  N N 246 
MET HE1  H  N N 247 
MET HE2  H  N N 248 
MET HE3  H  N N 249 
MET HXT  H  N N 250 
NY1 N1   N  Y N 251 
NY1 C4   C  N N 252 
NY1 C5   C  N N 253 
NY1 C6   C  N N 254 
NY1 C7   C  N N 255 
NY1 C8   C  N N 256 
NY1 C10  C  Y N 257 
NY1 C1   C  N N 258 
NY1 C2   C  Y N 259 
NY1 C3   C  Y N 260 
NY1 C9   C  N N 261 
NY1 N2   N  N N 262 
NY1 O1   O  N N 263 
NY1 O2   O  N N 264 
NY1 S1   S  Y N 265 
NY1 H3   H  N N 266 
NY1 H4   H  N N 267 
NY1 H5   H  N N 268 
NY1 H6   H  N N 269 
NY1 H7   H  N N 270 
NY1 H8   H  N N 271 
NY1 H9   H  N N 272 
NY1 H10  H  N N 273 
NY1 H11  H  N N 274 
NY1 H13  H  N N 275 
NY1 H14  H  N N 276 
NY1 H15  H  N N 277 
NY1 H18  H  N N 278 
NY1 H19  H  N N 279 
PHE N    N  N N 280 
PHE CA   C  N S 281 
PHE C    C  N N 282 
PHE O    O  N N 283 
PHE CB   C  N N 284 
PHE CG   C  Y N 285 
PHE CD1  C  Y N 286 
PHE CD2  C  Y N 287 
PHE CE1  C  Y N 288 
PHE CE2  C  Y N 289 
PHE CZ   C  Y N 290 
PHE OXT  O  N N 291 
PHE H    H  N N 292 
PHE H2   H  N N 293 
PHE HA   H  N N 294 
PHE HB2  H  N N 295 
PHE HB3  H  N N 296 
PHE HD1  H  N N 297 
PHE HD2  H  N N 298 
PHE HE1  H  N N 299 
PHE HE2  H  N N 300 
PHE HZ   H  N N 301 
PHE HXT  H  N N 302 
PRO N    N  N N 303 
PRO CA   C  N S 304 
PRO C    C  N N 305 
PRO O    O  N N 306 
PRO CB   C  N N 307 
PRO CG   C  N N 308 
PRO CD   C  N N 309 
PRO OXT  O  N N 310 
PRO H    H  N N 311 
PRO HA   H  N N 312 
PRO HB2  H  N N 313 
PRO HB3  H  N N 314 
PRO HG2  H  N N 315 
PRO HG3  H  N N 316 
PRO HD2  H  N N 317 
PRO HD3  H  N N 318 
PRO HXT  H  N N 319 
SER N    N  N N 320 
SER CA   C  N S 321 
SER C    C  N N 322 
SER O    O  N N 323 
SER CB   C  N N 324 
SER OG   O  N N 325 
SER OXT  O  N N 326 
SER H    H  N N 327 
SER H2   H  N N 328 
SER HA   H  N N 329 
SER HB2  H  N N 330 
SER HB3  H  N N 331 
SER HG   H  N N 332 
SER HXT  H  N N 333 
THR N    N  N N 334 
THR CA   C  N S 335 
THR C    C  N N 336 
THR O    O  N N 337 
THR CB   C  N R 338 
THR OG1  O  N N 339 
THR CG2  C  N N 340 
THR OXT  O  N N 341 
THR H    H  N N 342 
THR H2   H  N N 343 
THR HA   H  N N 344 
THR HB   H  N N 345 
THR HG1  H  N N 346 
THR HG21 H  N N 347 
THR HG22 H  N N 348 
THR HG23 H  N N 349 
THR HXT  H  N N 350 
TRP N    N  N N 351 
TRP CA   C  N S 352 
TRP C    C  N N 353 
TRP O    O  N N 354 
TRP CB   C  N N 355 
TRP CG   C  Y N 356 
TRP CD1  C  Y N 357 
TRP CD2  C  Y N 358 
TRP NE1  N  Y N 359 
TRP CE2  C  Y N 360 
TRP CE3  C  Y N 361 
TRP CZ2  C  Y N 362 
TRP CZ3  C  Y N 363 
TRP CH2  C  Y N 364 
TRP OXT  O  N N 365 
TRP H    H  N N 366 
TRP H2   H  N N 367 
TRP HA   H  N N 368 
TRP HB2  H  N N 369 
TRP HB3  H  N N 370 
TRP HD1  H  N N 371 
TRP HE1  H  N N 372 
TRP HE3  H  N N 373 
TRP HZ2  H  N N 374 
TRP HZ3  H  N N 375 
TRP HH2  H  N N 376 
TRP HXT  H  N N 377 
TYR N    N  N N 378 
TYR CA   C  N S 379 
TYR C    C  N N 380 
TYR O    O  N N 381 
TYR CB   C  N N 382 
TYR CG   C  Y N 383 
TYR CD1  C  Y N 384 
TYR CD2  C  Y N 385 
TYR CE1  C  Y N 386 
TYR CE2  C  Y N 387 
TYR CZ   C  Y N 388 
TYR OH   O  N N 389 
TYR OXT  O  N N 390 
TYR H    H  N N 391 
TYR H2   H  N N 392 
TYR HA   H  N N 393 
TYR HB2  H  N N 394 
TYR HB3  H  N N 395 
TYR HD1  H  N N 396 
TYR HD2  H  N N 397 
TYR HE1  H  N N 398 
TYR HE2  H  N N 399 
TYR HH   H  N N 400 
TYR HXT  H  N N 401 
VAL N    N  N N 402 
VAL CA   C  N S 403 
VAL C    C  N N 404 
VAL O    O  N N 405 
VAL CB   C  N N 406 
VAL CG1  C  N N 407 
VAL CG2  C  N N 408 
VAL OXT  O  N N 409 
VAL H    H  N N 410 
VAL H2   H  N N 411 
VAL HA   H  N N 412 
VAL HB   H  N N 413 
VAL HG11 H  N N 414 
VAL HG12 H  N N 415 
VAL HG13 H  N N 416 
VAL HG21 H  N N 417 
VAL HG22 H  N N 418 
VAL HG23 H  N N 419 
VAL HXT  H  N N 420 
# 
loop_
_chem_comp_bond.comp_id 
_chem_comp_bond.atom_id_1 
_chem_comp_bond.atom_id_2 
_chem_comp_bond.value_order 
_chem_comp_bond.pdbx_aromatic_flag 
_chem_comp_bond.pdbx_stereo_config 
_chem_comp_bond.pdbx_ordinal 
ALA N   CA   sing N N 1   
ALA N   H    sing N N 2   
ALA N   H2   sing N N 3   
ALA CA  C    sing N N 4   
ALA CA  CB   sing N N 5   
ALA CA  HA   sing N N 6   
ALA C   O    doub N N 7   
ALA C   OXT  sing N N 8   
ALA CB  HB1  sing N N 9   
ALA CB  HB2  sing N N 10  
ALA CB  HB3  sing N N 11  
ALA OXT HXT  sing N N 12  
ARG N   CA   sing N N 13  
ARG N   H    sing N N 14  
ARG N   H2   sing N N 15  
ARG CA  C    sing N N 16  
ARG CA  CB   sing N N 17  
ARG CA  HA   sing N N 18  
ARG C   O    doub N N 19  
ARG C   OXT  sing N N 20  
ARG CB  CG   sing N N 21  
ARG CB  HB2  sing N N 22  
ARG CB  HB3  sing N N 23  
ARG CG  CD   sing N N 24  
ARG CG  HG2  sing N N 25  
ARG CG  HG3  sing N N 26  
ARG CD  NE   sing N N 27  
ARG CD  HD2  sing N N 28  
ARG CD  HD3  sing N N 29  
ARG NE  CZ   sing N N 30  
ARG NE  HE   sing N N 31  
ARG CZ  NH1  sing N N 32  
ARG CZ  NH2  doub N N 33  
ARG NH1 HH11 sing N N 34  
ARG NH1 HH12 sing N N 35  
ARG NH2 HH21 sing N N 36  
ARG NH2 HH22 sing N N 37  
ARG OXT HXT  sing N N 38  
ASN N   CA   sing N N 39  
ASN N   H    sing N N 40  
ASN N   H2   sing N N 41  
ASN CA  C    sing N N 42  
ASN CA  CB   sing N N 43  
ASN CA  HA   sing N N 44  
ASN C   O    doub N N 45  
ASN C   OXT  sing N N 46  
ASN CB  CG   sing N N 47  
ASN CB  HB2  sing N N 48  
ASN CB  HB3  sing N N 49  
ASN CG  OD1  doub N N 50  
ASN CG  ND2  sing N N 51  
ASN ND2 HD21 sing N N 52  
ASN ND2 HD22 sing N N 53  
ASN OXT HXT  sing N N 54  
ASP N   CA   sing N N 55  
ASP N   H    sing N N 56  
ASP N   H2   sing N N 57  
ASP CA  C    sing N N 58  
ASP CA  CB   sing N N 59  
ASP CA  HA   sing N N 60  
ASP C   O    doub N N 61  
ASP C   OXT  sing N N 62  
ASP CB  CG   sing N N 63  
ASP CB  HB2  sing N N 64  
ASP CB  HB3  sing N N 65  
ASP CG  OD1  doub N N 66  
ASP CG  OD2  sing N N 67  
ASP OD2 HD2  sing N N 68  
ASP OXT HXT  sing N N 69  
CYS N   CA   sing N N 70  
CYS N   H    sing N N 71  
CYS N   H2   sing N N 72  
CYS CA  C    sing N N 73  
CYS CA  CB   sing N N 74  
CYS CA  HA   sing N N 75  
CYS C   O    doub N N 76  
CYS C   OXT  sing N N 77  
CYS CB  SG   sing N N 78  
CYS CB  HB2  sing N N 79  
CYS CB  HB3  sing N N 80  
CYS SG  HG   sing N N 81  
CYS OXT HXT  sing N N 82  
GLN N   CA   sing N N 83  
GLN N   H    sing N N 84  
GLN N   H2   sing N N 85  
GLN CA  C    sing N N 86  
GLN CA  CB   sing N N 87  
GLN CA  HA   sing N N 88  
GLN C   O    doub N N 89  
GLN C   OXT  sing N N 90  
GLN CB  CG   sing N N 91  
GLN CB  HB2  sing N N 92  
GLN CB  HB3  sing N N 93  
GLN CG  CD   sing N N 94  
GLN CG  HG2  sing N N 95  
GLN CG  HG3  sing N N 96  
GLN CD  OE1  doub N N 97  
GLN CD  NE2  sing N N 98  
GLN NE2 HE21 sing N N 99  
GLN NE2 HE22 sing N N 100 
GLN OXT HXT  sing N N 101 
GLU N   CA   sing N N 102 
GLU N   H    sing N N 103 
GLU N   H2   sing N N 104 
GLU CA  C    sing N N 105 
GLU CA  CB   sing N N 106 
GLU CA  HA   sing N N 107 
GLU C   O    doub N N 108 
GLU C   OXT  sing N N 109 
GLU CB  CG   sing N N 110 
GLU CB  HB2  sing N N 111 
GLU CB  HB3  sing N N 112 
GLU CG  CD   sing N N 113 
GLU CG  HG2  sing N N 114 
GLU CG  HG3  sing N N 115 
GLU CD  OE1  doub N N 116 
GLU CD  OE2  sing N N 117 
GLU OE2 HE2  sing N N 118 
GLU OXT HXT  sing N N 119 
GLY N   CA   sing N N 120 
GLY N   H    sing N N 121 
GLY N   H2   sing N N 122 
GLY CA  C    sing N N 123 
GLY CA  HA2  sing N N 124 
GLY CA  HA3  sing N N 125 
GLY C   O    doub N N 126 
GLY C   OXT  sing N N 127 
GLY OXT HXT  sing N N 128 
HIS N   CA   sing N N 129 
HIS N   H    sing N N 130 
HIS N   H2   sing N N 131 
HIS CA  C    sing N N 132 
HIS CA  CB   sing N N 133 
HIS CA  HA   sing N N 134 
HIS C   O    doub N N 135 
HIS C   OXT  sing N N 136 
HIS CB  CG   sing N N 137 
HIS CB  HB2  sing N N 138 
HIS CB  HB3  sing N N 139 
HIS CG  ND1  sing Y N 140 
HIS CG  CD2  doub Y N 141 
HIS ND1 CE1  doub Y N 142 
HIS ND1 HD1  sing N N 143 
HIS CD2 NE2  sing Y N 144 
HIS CD2 HD2  sing N N 145 
HIS CE1 NE2  sing Y N 146 
HIS CE1 HE1  sing N N 147 
HIS NE2 HE2  sing N N 148 
HIS OXT HXT  sing N N 149 
HOH O   H1   sing N N 150 
HOH O   H2   sing N N 151 
ILE N   CA   sing N N 152 
ILE N   H    sing N N 153 
ILE N   H2   sing N N 154 
ILE CA  C    sing N N 155 
ILE CA  CB   sing N N 156 
ILE CA  HA   sing N N 157 
ILE C   O    doub N N 158 
ILE C   OXT  sing N N 159 
ILE CB  CG1  sing N N 160 
ILE CB  CG2  sing N N 161 
ILE CB  HB   sing N N 162 
ILE CG1 CD1  sing N N 163 
ILE CG1 HG12 sing N N 164 
ILE CG1 HG13 sing N N 165 
ILE CG2 HG21 sing N N 166 
ILE CG2 HG22 sing N N 167 
ILE CG2 HG23 sing N N 168 
ILE CD1 HD11 sing N N 169 
ILE CD1 HD12 sing N N 170 
ILE CD1 HD13 sing N N 171 
ILE OXT HXT  sing N N 172 
LEU N   CA   sing N N 173 
LEU N   H    sing N N 174 
LEU N   H2   sing N N 175 
LEU CA  C    sing N N 176 
LEU CA  CB   sing N N 177 
LEU CA  HA   sing N N 178 
LEU C   O    doub N N 179 
LEU C   OXT  sing N N 180 
LEU CB  CG   sing N N 181 
LEU CB  HB2  sing N N 182 
LEU CB  HB3  sing N N 183 
LEU CG  CD1  sing N N 184 
LEU CG  CD2  sing N N 185 
LEU CG  HG   sing N N 186 
LEU CD1 HD11 sing N N 187 
LEU CD1 HD12 sing N N 188 
LEU CD1 HD13 sing N N 189 
LEU CD2 HD21 sing N N 190 
LEU CD2 HD22 sing N N 191 
LEU CD2 HD23 sing N N 192 
LEU OXT HXT  sing N N 193 
LYS N   CA   sing N N 194 
LYS N   H    sing N N 195 
LYS N   H2   sing N N 196 
LYS CA  C    sing N N 197 
LYS CA  CB   sing N N 198 
LYS CA  HA   sing N N 199 
LYS C   O    doub N N 200 
LYS C   OXT  sing N N 201 
LYS CB  CG   sing N N 202 
LYS CB  HB2  sing N N 203 
LYS CB  HB3  sing N N 204 
LYS CG  CD   sing N N 205 
LYS CG  HG2  sing N N 206 
LYS CG  HG3  sing N N 207 
LYS CD  CE   sing N N 208 
LYS CD  HD2  sing N N 209 
LYS CD  HD3  sing N N 210 
LYS CE  NZ   sing N N 211 
LYS CE  HE2  sing N N 212 
LYS CE  HE3  sing N N 213 
LYS NZ  HZ1  sing N N 214 
LYS NZ  HZ2  sing N N 215 
LYS NZ  HZ3  sing N N 216 
LYS OXT HXT  sing N N 217 
MET N   CA   sing N N 218 
MET N   H    sing N N 219 
MET N   H2   sing N N 220 
MET CA  C    sing N N 221 
MET CA  CB   sing N N 222 
MET CA  HA   sing N N 223 
MET C   O    doub N N 224 
MET C   OXT  sing N N 225 
MET CB  CG   sing N N 226 
MET CB  HB2  sing N N 227 
MET CB  HB3  sing N N 228 
MET CG  SD   sing N N 229 
MET CG  HG2  sing N N 230 
MET CG  HG3  sing N N 231 
MET SD  CE   sing N N 232 
MET CE  HE1  sing N N 233 
MET CE  HE2  sing N N 234 
MET CE  HE3  sing N N 235 
MET OXT HXT  sing N N 236 
NY1 C1  C2   sing N N 237 
NY1 S1  C2   sing Y N 238 
NY1 S1  C10  sing Y N 239 
NY1 C2  N1   doub Y N 240 
NY1 C10 C3   doub Y N 241 
NY1 N1  C3   sing Y N 242 
NY1 C3  C4   sing N N 243 
NY1 C4  C5   sing N N 244 
NY1 O1  C5   doub N N 245 
NY1 C5  N2   sing N N 246 
NY1 N2  C6   sing N N 247 
NY1 N2  C9   sing N N 248 
NY1 C6  C7   sing N N 249 
NY1 C9  C8   sing N N 250 
NY1 C7  O2   sing N N 251 
NY1 O2  C8   sing N N 252 
NY1 C4  H3   sing N N 253 
NY1 C4  H4   sing N N 254 
NY1 C6  H5   sing N N 255 
NY1 C6  H6   sing N N 256 
NY1 C7  H7   sing N N 257 
NY1 C7  H8   sing N N 258 
NY1 C8  H9   sing N N 259 
NY1 C8  H10  sing N N 260 
NY1 C10 H11  sing N N 261 
NY1 C1  H13  sing N N 262 
NY1 C1  H14  sing N N 263 
NY1 C1  H15  sing N N 264 
NY1 C9  H18  sing N N 265 
NY1 C9  H19  sing N N 266 
PHE N   CA   sing N N 267 
PHE N   H    sing N N 268 
PHE N   H2   sing N N 269 
PHE CA  C    sing N N 270 
PHE CA  CB   sing N N 271 
PHE CA  HA   sing N N 272 
PHE C   O    doub N N 273 
PHE C   OXT  sing N N 274 
PHE CB  CG   sing N N 275 
PHE CB  HB2  sing N N 276 
PHE CB  HB3  sing N N 277 
PHE CG  CD1  doub Y N 278 
PHE CG  CD2  sing Y N 279 
PHE CD1 CE1  sing Y N 280 
PHE CD1 HD1  sing N N 281 
PHE CD2 CE2  doub Y N 282 
PHE CD2 HD2  sing N N 283 
PHE CE1 CZ   doub Y N 284 
PHE CE1 HE1  sing N N 285 
PHE CE2 CZ   sing Y N 286 
PHE CE2 HE2  sing N N 287 
PHE CZ  HZ   sing N N 288 
PHE OXT HXT  sing N N 289 
PRO N   CA   sing N N 290 
PRO N   CD   sing N N 291 
PRO N   H    sing N N 292 
PRO CA  C    sing N N 293 
PRO CA  CB   sing N N 294 
PRO CA  HA   sing N N 295 
PRO C   O    doub N N 296 
PRO C   OXT  sing N N 297 
PRO CB  CG   sing N N 298 
PRO CB  HB2  sing N N 299 
PRO CB  HB3  sing N N 300 
PRO CG  CD   sing N N 301 
PRO CG  HG2  sing N N 302 
PRO CG  HG3  sing N N 303 
PRO CD  HD2  sing N N 304 
PRO CD  HD3  sing N N 305 
PRO OXT HXT  sing N N 306 
SER N   CA   sing N N 307 
SER N   H    sing N N 308 
SER N   H2   sing N N 309 
SER CA  C    sing N N 310 
SER CA  CB   sing N N 311 
SER CA  HA   sing N N 312 
SER C   O    doub N N 313 
SER C   OXT  sing N N 314 
SER CB  OG   sing N N 315 
SER CB  HB2  sing N N 316 
SER CB  HB3  sing N N 317 
SER OG  HG   sing N N 318 
SER OXT HXT  sing N N 319 
THR N   CA   sing N N 320 
THR N   H    sing N N 321 
THR N   H2   sing N N 322 
THR CA  C    sing N N 323 
THR CA  CB   sing N N 324 
THR CA  HA   sing N N 325 
THR C   O    doub N N 326 
THR C   OXT  sing N N 327 
THR CB  OG1  sing N N 328 
THR CB  CG2  sing N N 329 
THR CB  HB   sing N N 330 
THR OG1 HG1  sing N N 331 
THR CG2 HG21 sing N N 332 
THR CG2 HG22 sing N N 333 
THR CG2 HG23 sing N N 334 
THR OXT HXT  sing N N 335 
TRP N   CA   sing N N 336 
TRP N   H    sing N N 337 
TRP N   H2   sing N N 338 
TRP CA  C    sing N N 339 
TRP CA  CB   sing N N 340 
TRP CA  HA   sing N N 341 
TRP C   O    doub N N 342 
TRP C   OXT  sing N N 343 
TRP CB  CG   sing N N 344 
TRP CB  HB2  sing N N 345 
TRP CB  HB3  sing N N 346 
TRP CG  CD1  doub Y N 347 
TRP CG  CD2  sing Y N 348 
TRP CD1 NE1  sing Y N 349 
TRP CD1 HD1  sing N N 350 
TRP CD2 CE2  doub Y N 351 
TRP CD2 CE3  sing Y N 352 
TRP NE1 CE2  sing Y N 353 
TRP NE1 HE1  sing N N 354 
TRP CE2 CZ2  sing Y N 355 
TRP CE3 CZ3  doub Y N 356 
TRP CE3 HE3  sing N N 357 
TRP CZ2 CH2  doub Y N 358 
TRP CZ2 HZ2  sing N N 359 
TRP CZ3 CH2  sing Y N 360 
TRP CZ3 HZ3  sing N N 361 
TRP CH2 HH2  sing N N 362 
TRP OXT HXT  sing N N 363 
TYR N   CA   sing N N 364 
TYR N   H    sing N N 365 
TYR N   H2   sing N N 366 
TYR CA  C    sing N N 367 
TYR CA  CB   sing N N 368 
TYR CA  HA   sing N N 369 
TYR C   O    doub N N 370 
TYR C   OXT  sing N N 371 
TYR CB  CG   sing N N 372 
TYR CB  HB2  sing N N 373 
TYR CB  HB3  sing N N 374 
TYR CG  CD1  doub Y N 375 
TYR CG  CD2  sing Y N 376 
TYR CD1 CE1  sing Y N 377 
TYR CD1 HD1  sing N N 378 
TYR CD2 CE2  doub Y N 379 
TYR CD2 HD2  sing N N 380 
TYR CE1 CZ   doub Y N 381 
TYR CE1 HE1  sing N N 382 
TYR CE2 CZ   sing Y N 383 
TYR CE2 HE2  sing N N 384 
TYR CZ  OH   sing N N 385 
TYR OH  HH   sing N N 386 
TYR OXT HXT  sing N N 387 
VAL N   CA   sing N N 388 
VAL N   H    sing N N 389 
VAL N   H2   sing N N 390 
VAL CA  C    sing N N 391 
VAL CA  CB   sing N N 392 
VAL CA  HA   sing N N 393 
VAL C   O    doub N N 394 
VAL C   OXT  sing N N 395 
VAL CB  CG1  sing N N 396 
VAL CB  CG2  sing N N 397 
VAL CB  HB   sing N N 398 
VAL CG1 HG11 sing N N 399 
VAL CG1 HG12 sing N N 400 
VAL CG1 HG13 sing N N 401 
VAL CG2 HG21 sing N N 402 
VAL CG2 HG22 sing N N 403 
VAL CG2 HG23 sing N N 404 
VAL OXT HXT  sing N N 405 
# 
_pdbx_deposit_group.group_id            G_1002080 
_pdbx_deposit_group.group_description   
;Human Brachyury screened against the DSI-poised Fragment Library by X-ray Crystallography at the XChem facility of Diamond Light Source beamline I04-1
;
_pdbx_deposit_group.group_title         'PanDDA analysis group deposition' 
_pdbx_deposit_group.group_type          'changed state' 
# 
_pdbx_entity_instance_feature.ordinal        1 
_pdbx_entity_instance_feature.comp_id        NY1 
_pdbx_entity_instance_feature.asym_id        ? 
_pdbx_entity_instance_feature.seq_num        ? 
_pdbx_entity_instance_feature.auth_comp_id   NY1 
_pdbx_entity_instance_feature.auth_asym_id   ? 
_pdbx_entity_instance_feature.auth_seq_num   ? 
_pdbx_entity_instance_feature.feature_type   'SUBJECT OF INVESTIGATION' 
_pdbx_entity_instance_feature.details        ? 
# 
_atom_sites.entry_id                    5QRR 
_atom_sites.fract_transf_matrix[1][1]   0.00297707 
_atom_sites.fract_transf_matrix[1][2]   0.01192902 
_atom_sites.fract_transf_matrix[1][3]   0.01128383 
_atom_sites.fract_transf_matrix[2][1]   0.01566531 
_atom_sites.fract_transf_matrix[2][2]   0.00137401 
_atom_sites.fract_transf_matrix[2][3]   -0.00558564 
_atom_sites.fract_transf_matrix[3][1]   -0.00268152 
_atom_sites.fract_transf_matrix[3][2]   0.00631383 
_atom_sites.fract_transf_matrix[3][3]   -0.00596737 
_atom_sites.fract_transf_vector[1]      0.345392 
_atom_sites.fract_transf_vector[2]      -0.018642 
_atom_sites.fract_transf_vector[3]      0.060690 
# 
loop_
_atom_type.symbol 
C  
CD 
N  
O  
S  
# 
loop_
_atom_site.group_PDB 
_atom_site.id 
_atom_site.type_symbol 
_atom_site.label_atom_id 
_atom_site.label_alt_id 
_atom_site.label_comp_id 
_atom_site.label_asym_id 
_atom_site.label_entity_id 
_atom_site.label_seq_id 
_atom_site.pdbx_PDB_ins_code 
_atom_site.Cartn_x 
_atom_site.Cartn_y 
_atom_site.Cartn_z 
_atom_site.occupancy 
_atom_site.B_iso_or_equiv 
_atom_site.pdbx_formal_charge 
_atom_site.auth_seq_id 
_atom_site.auth_comp_id 
_atom_site.auth_asym_id 
_atom_site.auth_atom_id 
_atom_site.pdbx_PDB_model_num 
ATOM   1    N  N   . GLU A 1 2   ? -12.410 17.419  12.030  1.00 72.90  ? 41  GLU A N   1 
ATOM   2    C  CA  . GLU A 1 2   ? -11.267 16.475  12.144  1.00 67.50  ? 41  GLU A CA  1 
ATOM   3    C  C   . GLU A 1 2   ? -11.184 15.683  10.823  1.00 62.52  ? 41  GLU A C   1 
ATOM   4    O  O   . GLU A 1 2   ? -12.202 15.095  10.375  1.00 57.89  ? 41  GLU A O   1 
ATOM   5    C  CB  . GLU A 1 2   ? -11.415 15.614  13.414  1.00 70.93  ? 41  GLU A CB  1 
ATOM   6    C  CG  . GLU A 1 2   ? -10.130 15.419  14.240  1.00 71.59  ? 41  GLU A CG  1 
ATOM   7    C  CD  . GLU A 1 2   ? -9.936  16.285  15.490  1.00 76.60  ? 41  GLU A CD  1 
ATOM   8    O  OE1 . GLU A 1 2   ? -9.567  15.741  16.569  1.00 68.88  ? 41  GLU A OE1 1 
ATOM   9    O  OE2 . GLU A 1 2   ? -10.109 17.510  15.389  1.00 75.19  ? 41  GLU A OE2 1 
ATOM   10   N  N   . LEU A 1 3   ? -10.021 15.747  10.182  1.00 52.04  ? 42  LEU A N   1 
ATOM   11   C  CA  . LEU A 1 3   ? -9.619  14.931  9.002   1.00 52.69  ? 42  LEU A CA  1 
ATOM   12   C  C   . LEU A 1 3   ? -9.738  13.438  9.332   1.00 48.86  ? 42  LEU A C   1 
ATOM   13   O  O   . LEU A 1 3   ? -9.014  13.001  10.225  1.00 52.25  ? 42  LEU A O   1 
ATOM   14   C  CB  . LEU A 1 3   ? -8.174  15.324  8.693   1.00 49.86  ? 42  LEU A CB  1 
ATOM   15   C  CG  . LEU A 1 3   ? -7.503  14.667  7.491   1.00 53.58  ? 42  LEU A CG  1 
ATOM   16   C  CD1 . LEU A 1 3   ? -8.503  14.208  6.441   1.00 53.46  ? 42  LEU A CD1 1 
ATOM   17   C  CD2 . LEU A 1 3   ? -6.490  15.636  6.892   1.00 53.19  ? 42  LEU A CD2 1 
ATOM   18   N  N   . ARG A 1 4   ? -10.639 12.708  8.662   1.00 45.74  ? 43  ARG A N   1 
ATOM   19   C  CA  . ARG A 1 4   ? -10.910 11.270  8.917   1.00 41.10  ? 43  ARG A CA  1 
ATOM   20   C  C   . ARG A 1 4   ? -10.441 10.471  7.700   1.00 39.90  ? 43  ARG A C   1 
ATOM   21   O  O   . ARG A 1 4   ? -10.844 10.837  6.578   1.00 38.83  ? 43  ARG A O   1 
ATOM   22   C  CB  . ARG A 1 4   ? -12.402 11.025  9.168   1.00 41.89  ? 43  ARG A CB  1 
ATOM   23   N  N   . VAL A 1 5   ? -9.586  9.468   7.913   1.00 42.08  ? 44  VAL A N   1 
ATOM   24   C  CA  . VAL A 1 5   ? -9.158  8.505   6.846   1.00 41.64  ? 44  VAL A CA  1 
ATOM   25   C  C   . VAL A 1 5   ? -9.687  7.125   7.214   1.00 43.39  ? 44  VAL A C   1 
ATOM   26   O  O   . VAL A 1 5   ? -9.350  6.677   8.333   1.00 43.56  ? 44  VAL A O   1 
ATOM   27   C  CB  . VAL A 1 5   ? -7.625  8.471   6.682   1.00 45.36  ? 44  VAL A CB  1 
ATOM   28   C  CG1 . VAL A 1 5   ? -7.210  7.441   5.638   1.00 40.78  ? 44  VAL A CG1 1 
ATOM   29   C  CG2 . VAL A 1 5   ? -7.069  9.846   6.354   1.00 43.15  ? 44  VAL A CG2 1 
ATOM   30   N  N   . GLY A 1 6   ? -10.413 6.470   6.299   1.00 41.06  ? 45  GLY A N   1 
ATOM   31   C  CA  . GLY A 1 6   ? -10.964 5.111   6.459   1.00 43.50  ? 45  GLY A CA  1 
ATOM   32   C  C   . GLY A 1 6   ? -10.631 4.202   5.283   1.00 42.30  ? 45  GLY A C   1 
ATOM   33   O  O   . GLY A 1 6   ? -10.536 4.666   4.141   1.00 39.76  ? 45  GLY A O   1 
ATOM   34   N  N   . LEU A 1 7   ? -10.477 2.907   5.532   1.00 40.94  ? 46  LEU A N   1 
ATOM   35   C  CA  . LEU A 1 7   ? -10.214 1.942   4.440   1.00 35.87  ? 46  LEU A CA  1 
ATOM   36   C  C   . LEU A 1 7   ? -11.544 1.528   3.814   1.00 37.93  ? 46  LEU A C   1 
ATOM   37   O  O   . LEU A 1 7   ? -12.394 1.045   4.564   1.00 43.06  ? 46  LEU A O   1 
ATOM   38   C  CB  . LEU A 1 7   ? -9.455  0.754   5.045   1.00 35.24  ? 46  LEU A CB  1 
ATOM   39   C  CG  . LEU A 1 7   ? -9.190  -0.416  4.114   1.00 32.08  ? 46  LEU A CG  1 
ATOM   40   C  CD1 . LEU A 1 7   ? -8.298  -0.005  2.962   1.00 33.96  ? 46  LEU A CD1 1 
ATOM   41   C  CD2 . LEU A 1 7   ? -8.590  -1.577  4.864   1.00 31.44  ? 46  LEU A CD2 1 
ATOM   42   N  N   . GLU A 1 8   ? -11.710 1.678   2.491   1.00 35.37  ? 47  GLU A N   1 
ATOM   43   C  CA  . GLU A 1 8   ? -12.874 1.152   1.738   1.00 38.32  ? 47  GLU A CA  1 
ATOM   44   C  C   . GLU A 1 8   ? -12.656 -0.359  1.545   1.00 42.72  ? 47  GLU A C   1 
ATOM   45   O  O   . GLU A 1 8   ? -11.480 -0.783  1.477   1.00 38.26  ? 47  GLU A O   1 
ATOM   46   C  CB  . GLU A 1 8   ? -13.055 1.977   0.452   1.00 45.89  ? 47  GLU A CB  1 
ATOM   47   C  CG  . GLU A 1 8   ? -14.153 1.484   -0.478  1.00 53.46  ? 47  GLU A CG  1 
ATOM   48   C  CD  . GLU A 1 8   ? -15.579 1.878   -0.108  1.00 58.99  ? 47  GLU A CD  1 
ATOM   49   O  OE1 . GLU A 1 8   ? -15.774 2.408   0.995   1.00 63.83  ? 47  GLU A OE1 1 
ATOM   50   O  OE2 . GLU A 1 8   ? -16.494 1.658   -0.940  1.00 70.53  ? 47  GLU A OE2 1 
ATOM   51   N  N   . GLU A 1 9   ? -13.739 -1.144  1.557   1.00 41.82  ? 48  GLU A N   1 
ATOM   52   C  CA  . GLU A 1 9   ? -13.743 -2.630  1.428   1.00 43.17  ? 48  GLU A CA  1 
ATOM   53   C  C   . GLU A 1 9   ? -12.800 -3.261  2.454   1.00 41.88  ? 48  GLU A C   1 
ATOM   54   O  O   . GLU A 1 9   ? -12.046 -4.162  2.067   1.00 43.62  ? 48  GLU A O   1 
ATOM   55   C  CB  . GLU A 1 9   ? -13.298 -3.073  0.031   1.00 48.24  ? 48  GLU A CB  1 
ATOM   56   C  CG  . GLU A 1 9   ? -14.069 -2.405  -1.089  1.00 53.38  ? 48  GLU A CG  1 
ATOM   57   C  CD  . GLU A 1 9   ? -13.792 -2.947  -2.480  1.00 56.46  ? 48  GLU A CD  1 
ATOM   58   O  OE1 . GLU A 1 9   ? -13.652 -4.178  -2.627  1.00 62.14  ? 48  GLU A OE1 1 
ATOM   59   O  OE2 . GLU A 1 9   ? -13.698 -2.131  -3.411  1.00 59.41  ? 48  GLU A OE2 1 
ATOM   60   N  N   . SER A 1 10  ? -12.839 -2.850  3.728   1.00 37.06  ? 49  SER A N   1 
ATOM   61   C  CA  . SER A 1 10  ? -12.048 -3.532  4.794   1.00 38.18  ? 49  SER A CA  1 
ATOM   62   C  C   . SER A 1 10  ? -12.495 -5.001  4.931   1.00 35.03  ? 49  SER A C   1 
ATOM   63   O  O   . SER A 1 10  ? -11.612 -5.856  5.137   1.00 40.99  ? 49  SER A O   1 
ATOM   64   C  CB  . SER A 1 10  ? -12.118 -2.788  6.115   1.00 41.86  ? 49  SER A CB  1 
ATOM   65   O  OG  . SER A 1 10  ? -13.475 -2.560  6.455   1.00 47.14  ? 49  SER A OG  1 
ATOM   66   N  N   . GLU A 1 11  ? -13.803 -5.273  4.840   1.00 37.47  ? 50  GLU A N   1 
ATOM   67   C  CA  . GLU A 1 11  ? -14.448 -6.610  4.643   1.00 46.36  ? 50  GLU A CA  1 
ATOM   68   C  C   . GLU A 1 11  ? -13.489 -7.556  3.905   1.00 40.74  ? 50  GLU A C   1 
ATOM   69   O  O   . GLU A 1 11  ? -13.102 -8.608  4.462   1.00 45.97  ? 50  GLU A O   1 
ATOM   70   C  CB  . GLU A 1 11  ? -15.730 -6.441  3.813   1.00 51.00  ? 50  GLU A CB  1 
ATOM   71   C  CG  . GLU A 1 11  ? -16.164 -7.687  3.043   1.00 59.49  ? 50  GLU A CG  1 
ATOM   72   C  CD  . GLU A 1 11  ? -16.649 -8.776  3.979   1.00 63.76  ? 50  GLU A CD  1 
ATOM   73   O  OE1 . GLU A 1 11  ? -16.658 -9.956  3.589   1.00 51.12  ? 50  GLU A OE1 1 
ATOM   74   O  OE2 . GLU A 1 11  ? -17.016 -8.421  5.123   1.00 77.60  ? 50  GLU A OE2 1 
ATOM   75   N  N   . LEU A 1 12  ? -13.133 -7.173  2.691   1.00 41.21  ? 51  LEU A N   1 
ATOM   76   C  CA  . LEU A 1 12  ? -12.393 -8.028  1.724   1.00 44.22  ? 51  LEU A CA  1 
ATOM   77   C  C   . LEU A 1 12  ? -10.920 -8.117  2.127   1.00 38.70  ? 51  LEU A C   1 
ATOM   78   O  O   . LEU A 1 12  ? -10.364 -9.228  2.148   1.00 36.62  ? 51  LEU A O   1 
ATOM   79   C  CB  . LEU A 1 12  ? -12.525 -7.418  0.328   1.00 47.35  ? 51  LEU A CB  1 
ATOM   80   C  CG  . LEU A 1 12  ? -11.824 -8.218  -0.768  1.00 52.54  ? 51  LEU A CG  1 
ATOM   81   C  CD1 . LEU A 1 12  ? -12.258 -9.680  -0.722  1.00 52.92  ? 51  LEU A CD1 1 
ATOM   82   C  CD2 . LEU A 1 12  ? -12.082 -7.603  -2.128  1.00 53.42  ? 51  LEU A CD2 1 
ATOM   83   N  N   . TRP A 1 13  ? -10.298 -6.972  2.417   1.00 32.75  ? 52  TRP A N   1 
ATOM   84   C  CA  . TRP A 1 13  ? -8.902  -6.933  2.905   1.00 33.54  ? 52  TRP A CA  1 
ATOM   85   C  C   . TRP A 1 13  ? -8.773  -7.908  4.072   1.00 35.53  ? 52  TRP A C   1 
ATOM   86   O  O   . TRP A 1 13  ? -7.760  -8.629  4.083   1.00 36.39  ? 52  TRP A O   1 
ATOM   87   C  CB  . TRP A 1 13  ? -8.481  -5.528  3.319   1.00 28.99  ? 52  TRP A CB  1 
ATOM   88   C  CG  . TRP A 1 13  ? -8.089  -4.669  2.164   1.00 26.87  ? 52  TRP A CG  1 
ATOM   89   C  CD1 . TRP A 1 13  ? -8.807  -3.653  1.613   1.00 26.35  ? 52  TRP A CD1 1 
ATOM   90   C  CD2 . TRP A 1 13  ? -6.843  -4.711  1.453   1.00 26.69  ? 52  TRP A CD2 1 
ATOM   91   N  NE1 . TRP A 1 13  ? -8.115  -3.092  0.578   1.00 27.48  ? 52  TRP A NE1 1 
ATOM   92   C  CE2 . TRP A 1 13  ? -6.909  -3.716  0.454   1.00 24.71  ? 52  TRP A CE2 1 
ATOM   93   C  CE3 . TRP A 1 13  ? -5.720  -5.549  1.492   1.00 26.34  ? 52  TRP A CE3 1 
ATOM   94   C  CZ2 . TRP A 1 13  ? -5.851  -3.480  -0.411  1.00 27.44  ? 52  TRP A CZ2 1 
ATOM   95   C  CZ3 . TRP A 1 13  ? -4.689  -5.334  0.604   1.00 27.41  ? 52  TRP A CZ3 1 
ATOM   96   C  CH2 . TRP A 1 13  ? -4.751  -4.303  -0.326  1.00 27.75  ? 52  TRP A CH2 1 
ATOM   97   N  N   . LEU A 1 14  ? -9.748  -7.938  4.989   1.00 37.69  ? 53  LEU A N   1 
ATOM   98   C  CA  . LEU A 1 14  ? -9.649  -8.772  6.224   1.00 41.01  ? 53  LEU A CA  1 
ATOM   99   C  C   . LEU A 1 14  ? -9.599  -10.273 5.886   1.00 41.12  ? 53  LEU A C   1 
ATOM   100  O  O   . LEU A 1 14  ? -8.823  -11.012 6.571   1.00 39.17  ? 53  LEU A O   1 
ATOM   101  C  CB  . LEU A 1 14  ? -10.787 -8.417  7.186   1.00 45.63  ? 53  LEU A CB  1 
ATOM   102  C  CG  . LEU A 1 14  ? -10.425 -7.472  8.343   1.00 51.99  ? 53  LEU A CG  1 
ATOM   103  C  CD1 . LEU A 1 14  ? -9.130  -6.707  8.109   1.00 55.86  ? 53  LEU A CD1 1 
ATOM   104  C  CD2 . LEU A 1 14  ? -11.561 -6.505  8.648   1.00 57.44  ? 53  LEU A CD2 1 
ATOM   105  N  N   . ARG A 1 15  ? -10.355 -10.716 4.870   1.00 41.68  ? 54  ARG A N   1 
ATOM   106  C  CA  . ARG A 1 15  ? -10.281 -12.107 4.341   1.00 46.08  ? 54  ARG A CA  1 
ATOM   107  C  C   . ARG A 1 15  ? -8.837  -12.410 3.905   1.00 41.01  ? 54  ARG A C   1 
ATOM   108  O  O   . ARG A 1 15  ? -8.362  -13.545 4.140   1.00 42.54  ? 54  ARG A O   1 
ATOM   109  C  CB  . ARG A 1 15  ? -11.204 -12.311 3.136   1.00 51.58  ? 54  ARG A CB  1 
ATOM   110  C  CG  . ARG A 1 15  ? -12.628 -11.799 3.321   1.00 63.16  ? 54  ARG A CG  1 
ATOM   111  C  CD  . ARG A 1 15  ? -13.598 -12.847 3.822   1.00 63.62  ? 54  ARG A CD  1 
ATOM   112  N  NE  . ARG A 1 15  ? -13.926 -13.797 2.767   1.00 67.84  ? 54  ARG A NE  1 
ATOM   113  C  CZ  . ARG A 1 15  ? -14.783 -13.570 1.776   1.00 67.38  ? 54  ARG A CZ  1 
ATOM   114  N  NH1 . ARG A 1 15  ? -15.411 -12.408 1.672   1.00 66.11  ? 54  ARG A NH1 1 
ATOM   115  N  NH2 . ARG A 1 15  ? -14.997 -14.515 0.879   1.00 68.32  ? 54  ARG A NH2 1 
ATOM   116  N  N   . PHE A 1 16  ? -8.169  -11.468 3.242   1.00 32.77  ? 55  PHE A N   1 
ATOM   117  C  CA  . PHE A 1 16  ? -6.770  -11.665 2.772   1.00 29.43  ? 55  PHE A CA  1 
ATOM   118  C  C   . PHE A 1 16  ? -5.832  -11.684 3.959   1.00 33.75  ? 55  PHE A C   1 
ATOM   119  O  O   . PHE A 1 16  ? -4.943  -12.570 4.032   1.00 30.75  ? 55  PHE A O   1 
ATOM   120  C  CB  . PHE A 1 16  ? -6.299  -10.613 1.770   1.00 30.78  ? 55  PHE A CB  1 
ATOM   121  C  CG  . PHE A 1 16  ? -6.843  -10.847 0.391   1.00 30.30  ? 55  PHE A CG  1 
ATOM   122  C  CD1 . PHE A 1 16  ? -6.191  -11.709 -0.486  1.00 31.32  ? 55  PHE A CD1 1 
ATOM   123  C  CD2 . PHE A 1 16  ? -8.039  -10.276 0.002   1.00 31.04  ? 55  PHE A CD2 1 
ATOM   124  C  CE1 . PHE A 1 16  ? -6.709  -11.929 -1.758  1.00 30.31  ? 55  PHE A CE1 1 
ATOM   125  C  CE2 . PHE A 1 16  ? -8.543  -10.483 -1.274  1.00 30.71  ? 55  PHE A CE2 1 
ATOM   126  C  CZ  . PHE A 1 16  ? -7.908  -11.350 -2.118  1.00 33.26  ? 55  PHE A CZ  1 
ATOM   127  N  N   . LYS A 1 17  ? -5.989  -10.697 4.857   1.00 31.52  ? 56  LYS A N   1 
ATOM   128  C  CA  . LYS A 1 17  ? -5.086  -10.597 6.027   1.00 32.70  ? 56  LYS A CA  1 
ATOM   129  C  C   . LYS A 1 17  ? -5.150  -11.894 6.849   1.00 33.69  ? 56  LYS A C   1 
ATOM   130  O  O   . LYS A 1 17  ? -4.077  -12.330 7.280   1.00 32.39  ? 56  LYS A O   1 
ATOM   131  C  CB  . LYS A 1 17  ? -5.402  -9.369  6.899   1.00 36.20  ? 56  LYS A CB  1 
ATOM   132  C  CG  . LYS A 1 17  ? -4.488  -9.287  8.100   1.00 37.61  ? 56  LYS A CG  1 
ATOM   133  C  CD  . LYS A 1 17  ? -4.301  -7.925  8.682   1.00 42.32  ? 56  LYS A CD  1 
ATOM   134  C  CE  . LYS A 1 17  ? -3.319  -7.953  9.823   1.00 39.58  ? 56  LYS A CE  1 
ATOM   135  N  NZ  . LYS A 1 17  ? -3.149  -6.597  10.378  1.00 45.53  ? 56  LYS A NZ  1 
ATOM   136  N  N   . GLU A 1 18  ? -6.332  -12.489 7.069   1.00 39.11  ? 57  GLU A N   1 
ATOM   137  C  CA  . GLU A 1 18  ? -6.465  -13.677 7.973   1.00 43.16  ? 57  GLU A CA  1 
ATOM   138  C  C   . GLU A 1 18  ? -5.694  -14.867 7.369   1.00 40.81  ? 57  GLU A C   1 
ATOM   139  O  O   . GLU A 1 18  ? -5.233  -15.712 8.156   1.00 43.16  ? 57  GLU A O   1 
ATOM   140  C  CB  . GLU A 1 18  ? -7.913  -13.967 8.390   1.00 52.84  ? 57  GLU A CB  1 
ATOM   141  C  CG  . GLU A 1 18  ? -8.931  -14.155 7.282   1.00 60.47  ? 57  GLU A CG  1 
ATOM   142  C  CD  . GLU A 1 18  ? -10.379 -13.949 7.728   1.00 73.72  ? 57  GLU A CD  1 
ATOM   143  O  OE1 . GLU A 1 18  ? -10.626 -12.994 8.506   1.00 83.93  ? 57  GLU A OE1 1 
ATOM   144  O  OE2 . GLU A 1 18  ? -11.268 -14.735 7.298   1.00 67.97  ? 57  GLU A OE2 1 
ATOM   145  N  N   . LEU A 1 19  ? -5.367  -14.849 6.068   1.00 40.09  ? 58  LEU A N   1 
ATOM   146  C  CA  . LEU A 1 19  ? -4.550  -15.919 5.408   1.00 41.06  ? 58  LEU A CA  1 
ATOM   147  C  C   . LEU A 1 19  ? -3.065  -15.561 5.308   1.00 40.02  ? 58  LEU A C   1 
ATOM   148  O  O   . LEU A 1 19  ? -2.287  -16.404 4.780   1.00 37.61  ? 58  LEU A O   1 
ATOM   149  C  CB  . LEU A 1 19  ? -5.103  -16.149 3.999   1.00 41.83  ? 58  LEU A CB  1 
ATOM   150  C  CG  . LEU A 1 19  ? -6.612  -16.378 3.919   1.00 43.04  ? 58  LEU A CG  1 
ATOM   151  C  CD1 . LEU A 1 19  ? -7.079  -16.430 2.462   1.00 45.24  ? 58  LEU A CD1 1 
ATOM   152  C  CD2 . LEU A 1 19  ? -7.009  -17.630 4.672   1.00 44.32  ? 58  LEU A CD2 1 
ATOM   153  N  N   . THR A 1 20  ? -2.676  -14.347 5.717   1.00 33.02  ? 59  THR A N   1 
ATOM   154  C  CA  . THR A 1 20  ? -1.382  -13.712 5.355   1.00 30.99  ? 59  THR A CA  1 
ATOM   155  C  C   . THR A 1 20  ? -1.399  -13.293 3.883   1.00 32.50  ? 59  THR A C   1 
ATOM   156  O  O   . THR A 1 20  ? -1.217  -14.152 2.967   1.00 31.30  ? 59  THR A O   1 
ATOM   157  C  CB  . THR A 1 20  ? -0.182  -14.593 5.678   1.00 32.86  ? 59  THR A CB  1 
ATOM   158  O  OG1 . THR A 1 20  ? -0.308  -14.994 7.044   1.00 35.03  ? 59  THR A OG1 1 
ATOM   159  C  CG2 . THR A 1 20  ? 1.135   -13.900 5.423   1.00 34.45  ? 59  THR A CG2 1 
ATOM   160  N  N   . ASN A 1 21  ? -1.628  -12.017 3.633   1.00 30.76  ? 60  ASN A N   1 
ATOM   161  C  CA  . ASN A 1 21  ? -1.741  -11.518 2.247   1.00 30.20  ? 60  ASN A CA  1 
ATOM   162  C  C   . ASN A 1 21  ? -0.360  -11.581 1.558   1.00 31.04  ? 60  ASN A C   1 
ATOM   163  O  O   . ASN A 1 21  ? 0.713   -11.465 2.197   1.00 29.58  ? 60  ASN A O   1 
ATOM   164  C  CB  . ASN A 1 21  ? -2.418  -10.141 2.245   1.00 29.81  ? 60  ASN A CB  1 
ATOM   165  C  CG  . ASN A 1 21  ? -3.008  -9.752  0.912   1.00 32.97  ? 60  ASN A CG  1 
ATOM   166  O  OD1 . ASN A 1 21  ? -2.915  -10.507 -0.079  1.00 32.02  ? 60  ASN A OD1 1 
ATOM   167  N  ND2 . ASN A 1 21  ? -3.653  -8.586  0.897   1.00 28.23  ? 60  ASN A ND2 1 
ATOM   168  N  N   . GLU A 1 22  ? -0.363  -11.754 0.237   1.00 30.15  ? 61  GLU A N   1 
ATOM   169  C  CA  . GLU A 1 22  ? 0.856   -11.722 -0.598  1.00 28.68  ? 61  GLU A CA  1 
ATOM   170  C  C   . GLU A 1 22  ? 0.588   -10.812 -1.782  1.00 29.66  ? 61  GLU A C   1 
ATOM   171  O  O   . GLU A 1 22  ? -0.570  -10.810 -2.271  1.00 33.97  ? 61  GLU A O   1 
ATOM   172  C  CB  . GLU A 1 22  ? 1.227   -13.127 -1.128  1.00 30.09  ? 61  GLU A CB  1 
ATOM   173  C  CG  . GLU A 1 22  ? 1.337   -14.214 -0.082  1.00 30.44  ? 61  GLU A CG  1 
ATOM   174  C  CD  . GLU A 1 22  ? 1.553   -15.626 -0.623  1.00 29.11  ? 61  GLU A CD  1 
ATOM   175  O  OE1 . GLU A 1 22  ? 1.171   -16.582 0.066   1.00 29.37  ? 61  GLU A OE1 1 
ATOM   176  O  OE2 . GLU A 1 22  ? 2.185   -15.744 -1.686  1.00 34.99  ? 61  GLU A OE2 1 
ATOM   177  N  N   . MET A 1 23  ? 1.596   -10.072 -2.230  1.00 27.49  ? 62  MET A N   1 
ATOM   178  C  CA  . MET A 1 23  ? 1.512   -9.213  -3.417  1.00 30.49  ? 62  MET A CA  1 
ATOM   179  C  C   . MET A 1 23  ? 2.668   -9.567  -4.313  1.00 30.73  ? 62  MET A C   1 
ATOM   180  O  O   . MET A 1 23  ? 3.794   -9.634  -3.837  1.00 30.33  ? 62  MET A O   1 
ATOM   181  C  CB  . MET A 1 23  ? 1.591   -7.708  -3.108  1.00 30.88  ? 62  MET A CB  1 
ATOM   182  C  CG  . MET A 1 23  ? 0.390   -7.220  -2.421  1.00 33.03  ? 62  MET A CG  1 
ATOM   183  S  SD  . MET A 1 23  ? -1.093  -7.063  -3.450  1.00 31.32  ? 62  MET A SD  1 
ATOM   184  C  CE  . MET A 1 23  ? -2.286  -6.702  -2.171  1.00 31.64  ? 62  MET A CE  1 
ATOM   185  N  N   . ILE A 1 24  ? 2.386   -9.789  -5.592  1.00 30.37  ? 63  ILE A N   1 
ATOM   186  C  CA  . ILE A 1 24  ? 3.471   -10.090 -6.566  1.00 30.68  ? 63  ILE A CA  1 
ATOM   187  C  C   . ILE A 1 24  ? 4.225   -8.828  -6.930  1.00 31.43  ? 63  ILE A C   1 
ATOM   188  O  O   . ILE A 1 24  ? 3.592   -7.792  -7.227  1.00 34.59  ? 63  ILE A O   1 
ATOM   189  C  CB  . ILE A 1 24  ? 2.942   -10.709 -7.868  1.00 36.47  ? 63  ILE A CB  1 
ATOM   190  C  CG1 . ILE A 1 24  ? 1.917   -11.805 -7.611  1.00 39.44  ? 63  ILE A CG1 1 
ATOM   191  C  CG2 . ILE A 1 24  ? 4.144   -11.157 -8.706  1.00 36.22  ? 63  ILE A CG2 1 
ATOM   192  C  CD1 . ILE A 1 24  ? 2.514   -13.120 -7.303  1.00 38.95  ? 63  ILE A CD1 1 
ATOM   193  N  N   . VAL A 1 25  ? 5.540   -8.965  -6.942  1.00 31.06  ? 64  VAL A N   1 
ATOM   194  C  CA  . VAL A 1 25  ? 6.511   -7.973  -7.455  1.00 33.59  ? 64  VAL A CA  1 
ATOM   195  C  C   . VAL A 1 25  ? 7.237   -8.580  -8.666  1.00 36.85  ? 64  VAL A C   1 
ATOM   196  O  O   . VAL A 1 25  ? 7.505   -9.802  -8.662  1.00 39.52  ? 64  VAL A O   1 
ATOM   197  C  CB  . VAL A 1 25  ? 7.448   -7.553  -6.321  1.00 39.20  ? 64  VAL A CB  1 
ATOM   198  C  CG1 . VAL A 1 25  ? 6.624   -7.051  -5.145  1.00 38.35  ? 64  VAL A CG1 1 
ATOM   199  C  CG2 . VAL A 1 25  ? 8.366   -8.688  -5.897  1.00 40.43  ? 64  VAL A CG2 1 
ATOM   200  N  N   . THR A 1 26  ? 7.467   -7.772  -9.698  1.00 36.15  ? 65  THR A N   1 
ATOM   201  C  CA  . THR A 1 26  ? 8.042   -8.241  -10.994 1.00 41.35  ? 65  THR A CA  1 
ATOM   202  C  C   . THR A 1 26  ? 9.101   -7.230  -11.404 1.00 44.14  ? 65  THR A C   1 
ATOM   203  O  O   . THR A 1 26  ? 9.099   -6.110  -10.829 1.00 39.56  ? 65  THR A O   1 
ATOM   204  C  CB  . THR A 1 26  ? 7.021   -8.334  -12.139 1.00 35.85  ? 65  THR A CB  1 
ATOM   205  O  OG1 . THR A 1 26  ? 6.619   -6.988  -12.424 1.00 35.87  ? 65  THR A OG1 1 
ATOM   206  C  CG2 . THR A 1 26  ? 5.848   -9.241  -11.852 1.00 40.03  ? 65  THR A CG2 1 
ATOM   207  N  N   . LYS A 1 27  ? 9.914   -7.560  -12.407 1.00 46.73  ? 66  LYS A N   1 
ATOM   208  C  CA  . LYS A 1 27  ? 11.016  -6.662  -12.847 1.00 49.08  ? 66  LYS A CA  1 
ATOM   209  C  C   . LYS A 1 27  ? 10.414  -5.349  -13.346 1.00 41.18  ? 66  LYS A C   1 
ATOM   210  O  O   . LYS A 1 27  ? 10.999  -4.284  -13.066 1.00 43.40  ? 66  LYS A O   1 
ATOM   211  C  CB  . LYS A 1 27  ? 11.875  -7.304  -13.943 1.00 55.26  ? 66  LYS A CB  1 
ATOM   212  C  CG  . LYS A 1 27  ? 12.833  -6.341  -14.635 1.00 56.95  ? 66  LYS A CG  1 
ATOM   213  C  CD  . LYS A 1 27  ? 14.034  -7.009  -15.279 1.00 69.65  ? 66  LYS A CD  1 
ATOM   214  C  CE  . LYS A 1 27  ? 15.152  -6.030  -15.589 1.00 74.23  ? 66  LYS A CE  1 
ATOM   215  N  NZ  . LYS A 1 27  ? 14.723  -4.991  -16.555 1.00 77.61  ? 66  LYS A NZ  1 
ATOM   216  N  N   . ASN A 1 28  ? 9.300   -5.434  -14.077 1.00 45.27  ? 67  ASN A N   1 
ATOM   217  C  CA  . ASN A 1 28  ? 8.641   -4.286  -14.753 1.00 51.37  ? 67  ASN A CA  1 
ATOM   218  C  C   . ASN A 1 28  ? 7.566   -3.663  -13.847 1.00 51.23  ? 67  ASN A C   1 
ATOM   219  O  O   . ASN A 1 28  ? 7.114   -2.536  -14.141 1.00 46.44  ? 67  ASN A O   1 
ATOM   220  C  CB  . ASN A 1 28  ? 8.025   -4.722  -16.085 1.00 55.80  ? 67  ASN A CB  1 
ATOM   221  C  CG  . ASN A 1 28  ? 8.963   -4.571  -17.265 1.00 58.97  ? 67  ASN A CG  1 
ATOM   222  O  OD1 . ASN A 1 28  ? 10.182  -4.551  -17.113 1.00 59.03  ? 67  ASN A OD1 1 
ATOM   223  N  ND2 . ASN A 1 28  ? 8.390   -4.449  -18.453 1.00 62.40  ? 67  ASN A ND2 1 
ATOM   224  N  N   . GLY A 1 29  ? 7.133   -4.385  -12.812 1.00 49.90  ? 68  GLY A N   1 
ATOM   225  C  CA  . GLY A 1 29  ? 6.167   -3.868  -11.823 1.00 44.10  ? 68  GLY A CA  1 
ATOM   226  C  C   . GLY A 1 29  ? 4.791   -4.437  -12.059 1.00 40.44  ? 68  GLY A C   1 
ATOM   227  O  O   . GLY A 1 29  ? 4.362   -4.524  -13.243 1.00 43.34  ? 68  GLY A O   1 
ATOM   228  N  N   . ARG A 1 30  ? 4.117   -4.820  -10.978 1.00 32.02  ? 69  ARG A N   1 
ATOM   229  C  CA  . ARG A 1 30  ? 2.807   -5.511  -10.983 1.00 37.06  ? 69  ARG A CA  1 
ATOM   230  C  C   . ARG A 1 30  ? 1.839   -4.705  -10.130 1.00 36.73  ? 69  ARG A C   1 
ATOM   231  O  O   . ARG A 1 30  ? 2.236   -4.300  -9.001  1.00 30.22  ? 69  ARG A O   1 
ATOM   232  C  CB  . ARG A 1 30  ? 2.905   -6.941  -10.450 1.00 38.04  ? 69  ARG A CB  1 
ATOM   233  C  CG  . ARG A 1 30  ? 1.581   -7.678  -10.381 1.00 42.01  ? 69  ARG A CG  1 
ATOM   234  C  CD  . ARG A 1 30  ? 1.037   -8.052  -11.757 1.00 43.97  ? 69  ARG A CD  1 
ATOM   235  N  NE  . ARG A 1 30  ? 1.994   -8.805  -12.560 1.00 48.70  ? 69  ARG A NE  1 
ATOM   236  C  CZ  . ARG A 1 30  ? 2.174   -10.130 -12.519 1.00 49.24  ? 69  ARG A CZ  1 
ATOM   237  N  NH1 . ARG A 1 30  ? 3.068   -10.684 -13.322 1.00 54.96  ? 69  ARG A NH1 1 
ATOM   238  N  NH2 . ARG A 1 30  ? 1.484   -10.891 -11.684 1.00 50.32  ? 69  ARG A NH2 1 
ATOM   239  N  N   . ARG A 1 31  ? 0.642   -4.467  -10.667 1.00 34.61  ? 70  ARG A N   1 
ATOM   240  C  CA  . ARG A 1 31  ? -0.424  -3.723  -9.963  1.00 35.51  ? 70  ARG A CA  1 
ATOM   241  C  C   . ARG A 1 31  ? -0.958  -4.591  -8.815  1.00 32.68  ? 70  ARG A C   1 
ATOM   242  O  O   . ARG A 1 31  ? -0.829  -5.824  -8.858  1.00 33.48  ? 70  ARG A O   1 
ATOM   243  C  CB  . ARG A 1 31  ? -1.497  -3.246  -10.948 1.00 35.87  ? 70  ARG A CB  1 
ATOM   244  C  CG  . ARG A 1 31  ? -1.113  -1.913  -11.580 1.00 41.00  ? 70  ARG A CG  1 
ATOM   245  C  CD  . ARG A 1 31  ? -1.469  -1.805  -13.044 1.00 52.23  ? 70  ARG A CD  1 
ATOM   246  N  NE  . ARG A 1 31  ? -2.857  -1.463  -13.290 1.00 54.60  ? 70  ARG A NE  1 
ATOM   247  C  CZ  . ARG A 1 31  ? -3.457  -1.583  -14.485 1.00 64.67  ? 70  ARG A CZ  1 
ATOM   248  N  NH1 . ARG A 1 31  ? -2.799  -2.071  -15.530 1.00 72.97  ? 70  ARG A NH1 1 
ATOM   249  N  NH2 . ARG A 1 31  ? -4.721  -1.233  -14.626 1.00 61.94  ? 70  ARG A NH2 1 
ATOM   250  N  N   . MET A 1 32  ? -1.490  -3.929  -7.789  1.00 31.65  ? 71  MET A N   1 
ATOM   251  C  CA  . MET A 1 32  ? -1.982  -4.573  -6.556  1.00 29.76  ? 71  MET A CA  1 
ATOM   252  C  C   . MET A 1 32  ? -3.412  -5.069  -6.741  1.00 30.95  ? 71  MET A C   1 
ATOM   253  O  O   . MET A 1 32  ? -4.237  -4.397  -7.415  1.00 31.35  ? 71  MET A O   1 
ATOM   254  C  CB  . MET A 1 32  ? -1.962  -3.579  -5.378  1.00 28.28  ? 71  MET A CB  1 
ATOM   255  C  CG  . MET A 1 32  ? -0.576  -3.212  -4.905  1.00 32.16  ? 71  MET A CG  1 
ATOM   256  S  SD  . MET A 1 32  ? -0.618  -1.889  -3.647  1.00 30.06  ? 71  MET A SD  1 
ATOM   257  C  CE  . MET A 1 32  ? -1.239  -2.749  -2.216  1.00 30.75  ? 71  MET A CE  1 
ATOM   258  N  N   . PHE A 1 33  ? -3.719  -6.169  -6.081  1.00 29.87  ? 72  PHE A N   1 
ATOM   259  C  CA  . PHE A 1 33  ? -5.098  -6.626  -5.805  1.00 32.57  ? 72  PHE A CA  1 
ATOM   260  C  C   . PHE A 1 33  ? -5.107  -7.300  -4.450  1.00 32.39  ? 72  PHE A C   1 
ATOM   261  O  O   . PHE A 1 33  ? -4.324  -8.230  -4.231  1.00 33.21  ? 72  PHE A O   1 
ATOM   262  C  CB  . PHE A 1 33  ? -5.634  -7.626  -6.841  1.00 32.93  ? 72  PHE A CB  1 
ATOM   263  C  CG  . PHE A 1 33  ? -7.090  -7.930  -6.571  1.00 34.69  ? 72  PHE A CG  1 
ATOM   264  C  CD1 . PHE A 1 33  ? -8.077  -7.041  -6.985  1.00 34.67  ? 72  PHE A CD1 1 
ATOM   265  C  CD2 . PHE A 1 33  ? -7.463  -8.967  -5.729  1.00 32.97  ? 72  PHE A CD2 1 
ATOM   266  C  CE1 . PHE A 1 33  ? -9.408  -7.259  -6.655  1.00 35.15  ? 72  PHE A CE1 1 
ATOM   267  C  CE2 . PHE A 1 33  ? -8.798  -9.198  -5.411  1.00 35.76  ? 72  PHE A CE2 1 
ATOM   268  C  CZ  . PHE A 1 33  ? -9.774  -8.342  -5.888  1.00 38.01  ? 72  PHE A CZ  1 
ATOM   269  N  N   . PRO A 1 34  ? -6.006  -6.896  -3.537  1.00 32.91  ? 73  PRO A N   1 
ATOM   270  C  CA  . PRO A 1 34  ? -6.905  -5.768  -3.767  1.00 34.14  ? 73  PRO A CA  1 
ATOM   271  C  C   . PRO A 1 34  ? -6.166  -4.433  -3.938  1.00 26.97  ? 73  PRO A C   1 
ATOM   272  O  O   . PRO A 1 34  ? -5.010  -4.344  -3.634  1.00 30.32  ? 73  PRO A O   1 
ATOM   273  C  CB  . PRO A 1 34  ? -7.817  -5.749  -2.544  1.00 37.16  ? 73  PRO A CB  1 
ATOM   274  C  CG  . PRO A 1 34  ? -7.647  -7.121  -1.916  1.00 37.47  ? 73  PRO A CG  1 
ATOM   275  C  CD  . PRO A 1 34  ? -6.253  -7.568  -2.257  1.00 36.59  ? 73  PRO A CD  1 
ATOM   276  N  N   . VAL A 1 35  ? -6.861  -3.455  -4.491  1.00 30.23  ? 74  VAL A N   1 
ATOM   277  C  CA  . VAL A 1 35  ? -6.383  -2.063  -4.610  1.00 29.87  ? 74  VAL A CA  1 
ATOM   278  C  C   . VAL A 1 35  ? -6.697  -1.348  -3.292  1.00 27.71  ? 74  VAL A C   1 
ATOM   279  O  O   . VAL A 1 35  ? -7.820  -1.523  -2.745  1.00 30.84  ? 74  VAL A O   1 
ATOM   280  C  CB  . VAL A 1 35  ? -7.017  -1.370  -5.825  1.00 33.72  ? 74  VAL A CB  1 
ATOM   281  C  CG1 . VAL A 1 35  ? -6.888  0.137   -5.772  1.00 36.55  ? 74  VAL A CG1 1 
ATOM   282  C  CG2 . VAL A 1 35  ? -6.402  -1.907  -7.114  1.00 35.02  ? 74  VAL A CG2 1 
ATOM   283  N  N   . LEU A 1 36  ? -5.750  -0.555  -2.840  1.00 30.43  ? 75  LEU A N   1 
ATOM   284  C  CA  . LEU A 1 36  ? -5.943  0.348   -1.677  1.00 29.91  ? 75  LEU A CA  1 
ATOM   285  C  C   . LEU A 1 36  ? -6.894  1.468   -2.092  1.00 30.37  ? 75  LEU A C   1 
ATOM   286  O  O   . LEU A 1 36  ? -6.513  2.279   -2.989  1.00 27.91  ? 75  LEU A O   1 
ATOM   287  C  CB  . LEU A 1 36  ? -4.617  0.931   -1.208  1.00 32.46  ? 75  LEU A CB  1 
ATOM   288  C  CG  . LEU A 1 36  ? -4.734  1.836   0.019   1.00 34.29  ? 75  LEU A CG  1 
ATOM   289  C  CD1 . LEU A 1 36  ? -5.127  1.030   1.241   1.00 34.90  ? 75  LEU A CD1 1 
ATOM   290  C  CD2 . LEU A 1 36  ? -3.440  2.594   0.295   1.00 36.42  ? 75  LEU A CD2 1 
ATOM   291  N  N   . LYS A 1 37  ? -8.060  1.531   -1.453  1.00 31.23  ? 76  LYS A N   1 
ATOM   292  C  CA  . LYS A 1 37  ? -9.065  2.612   -1.663  1.00 32.47  ? 76  LYS A CA  1 
ATOM   293  C  C   . LYS A 1 37  ? -9.395  3.231   -0.300  1.00 30.19  ? 76  LYS A C   1 
ATOM   294  O  O   . LYS A 1 37  ? -9.719  2.457   0.669   1.00 32.46  ? 76  LYS A O   1 
ATOM   295  C  CB  . LYS A 1 37  ? -10.324 2.075   -2.337  1.00 36.82  ? 76  LYS A CB  1 
ATOM   296  C  CG  . LYS A 1 37  ? -10.020 1.305   -3.612  1.00 39.44  ? 76  LYS A CG  1 
ATOM   297  C  CD  . LYS A 1 37  ? -11.220 0.720   -4.287  1.00 44.36  ? 76  LYS A CD  1 
ATOM   298  C  CE  . LYS A 1 37  ? -10.853 0.179   -5.652  1.00 48.47  ? 76  LYS A CE  1 
ATOM   299  N  NZ  . LYS A 1 37  ? -12.031 -0.435  -6.306  1.00 58.78  ? 76  LYS A NZ  1 
ATOM   300  N  N   . VAL A 1 38  ? -9.305  4.554   -0.221  1.00 35.37  ? 77  VAL A N   1 
ATOM   301  C  CA  . VAL A 1 38  ? -9.383  5.258   1.084   1.00 36.78  ? 77  VAL A CA  1 
ATOM   302  C  C   . VAL A 1 38  ? -10.509 6.281   1.022   1.00 37.34  ? 77  VAL A C   1 
ATOM   303  O  O   . VAL A 1 38  ? -10.630 6.997   0.009   1.00 34.67  ? 77  VAL A O   1 
ATOM   304  C  CB  . VAL A 1 38  ? -8.038  5.901   1.456   1.00 39.58  ? 77  VAL A CB  1 
ATOM   305  C  CG1 . VAL A 1 38  ? -6.886  4.912   1.301   1.00 44.92  ? 77  VAL A CG1 1 
ATOM   306  C  CG2 . VAL A 1 38  ? -7.764  7.137   0.646   1.00 43.26  ? 77  VAL A CG2 1 
ATOM   307  N  N   . ASN A 1 39  ? -11.289 6.336   2.094   1.00 34.53  ? 78  ASN A N   1 
ATOM   308  C  CA  . ASN A 1 39  ? -12.370 7.324   2.287   1.00 37.57  ? 78  ASN A CA  1 
ATOM   309  C  C   . ASN A 1 39  ? -11.782 8.432   3.150   1.00 34.73  ? 78  ASN A C   1 
ATOM   310  O  O   . ASN A 1 39  ? -11.142 8.104   4.173   1.00 32.95  ? 78  ASN A O   1 
ATOM   311  C  CB  . ASN A 1 39  ? -13.598 6.651   2.907   1.00 44.22  ? 78  ASN A CB  1 
ATOM   312  C  CG  . ASN A 1 39  ? -14.134 5.522   2.053   1.00 48.78  ? 78  ASN A CG  1 
ATOM   313  O  OD1 . ASN A 1 39  ? -14.505 5.726   0.893   1.00 49.99  ? 78  ASN A OD1 1 
ATOM   314  N  ND2 . ASN A 1 39  ? -14.196 4.330   2.627   1.00 53.01  ? 78  ASN A ND2 1 
ATOM   315  N  N   . VAL A 1 40  ? -11.879 9.682   2.697   1.00 35.70  ? 79  VAL A N   1 
ATOM   316  C  CA  . VAL A 1 40  ? -11.318 10.840  3.429   1.00 36.96  ? 79  VAL A CA  1 
ATOM   317  C  C   . VAL A 1 40  ? -12.436 11.851  3.601   1.00 39.39  ? 79  VAL A C   1 
ATOM   318  O  O   . VAL A 1 40  ? -13.090 12.164  2.594   1.00 43.12  ? 79  VAL A O   1 
ATOM   319  C  CB  . VAL A 1 40  ? -10.123 11.474  2.707   1.00 39.07  ? 79  VAL A CB  1 
ATOM   320  C  CG1 . VAL A 1 40  ? -9.582  12.654  3.470   1.00 43.51  ? 79  VAL A CG1 1 
ATOM   321  C  CG2 . VAL A 1 40  ? -9.020  10.443  2.467   1.00 43.74  ? 79  VAL A CG2 1 
ATOM   322  N  N   . SER A 1 41  ? -12.645 12.292  4.834   1.00 42.25  ? 80  SER A N   1 
ATOM   323  C  CA  . SER A 1 41  ? -13.576 13.403  5.149   1.00 43.37  ? 80  SER A CA  1 
ATOM   324  C  C   . SER A 1 41  ? -12.834 14.424  5.995   1.00 40.88  ? 80  SER A C   1 
ATOM   325  O  O   . SER A 1 41  ? -11.764 14.106  6.531   1.00 47.37  ? 80  SER A O   1 
ATOM   326  C  CB  . SER A 1 41  ? -14.856 12.907  5.787   1.00 47.52  ? 80  SER A CB  1 
ATOM   327  O  OG  . SER A 1 41  ? -14.639 12.225  7.004   1.00 47.58  ? 80  SER A OG  1 
ATOM   328  N  N   . GLY A 1 42  ? -13.354 15.648  6.059   1.00 44.71  ? 81  GLY A N   1 
ATOM   329  C  CA  . GLY A 1 42  ? -12.784 16.698  6.913   1.00 39.21  ? 81  GLY A CA  1 
ATOM   330  C  C   . GLY A 1 42  ? -11.618 17.404  6.264   1.00 40.92  ? 81  GLY A C   1 
ATOM   331  O  O   . GLY A 1 42  ? -10.892 18.068  6.989   1.00 43.89  ? 81  GLY A O   1 
ATOM   332  N  N   . LEU A 1 43  ? -11.410 17.264  4.946   1.00 38.11  ? 82  LEU A N   1 
ATOM   333  C  CA  . LEU A 1 43  ? -10.494 18.183  4.225   1.00 40.02  ? 82  LEU A CA  1 
ATOM   334  C  C   . LEU A 1 43  ? -11.197 19.543  4.051   1.00 37.93  ? 82  LEU A C   1 
ATOM   335  O  O   . LEU A 1 43  ? -12.445 19.576  4.043   1.00 43.77  ? 82  LEU A O   1 
ATOM   336  C  CB  . LEU A 1 43  ? -10.137 17.581  2.863   1.00 43.22  ? 82  LEU A CB  1 
ATOM   337  C  CG  . LEU A 1 43  ? -9.252  16.336  2.907   1.00 44.51  ? 82  LEU A CG  1 
ATOM   338  C  CD1 . LEU A 1 43  ? -8.898  15.879  1.500   1.00 47.08  ? 82  LEU A CD1 1 
ATOM   339  C  CD2 . LEU A 1 43  ? -7.993  16.611  3.705   1.00 45.18  ? 82  LEU A CD2 1 
ATOM   340  N  N   . ASP A 1 44  ? -10.427 20.611  3.875   1.00 41.98  ? 83  ASP A N   1 
ATOM   341  C  CA  . ASP A 1 44  ? -10.942 21.902  3.335   1.00 40.31  ? 83  ASP A CA  1 
ATOM   342  C  C   . ASP A 1 44  ? -11.232 21.700  1.844   1.00 46.34  ? 83  ASP A C   1 
ATOM   343  O  O   . ASP A 1 44  ? -10.327 21.427  1.055   1.00 43.08  ? 83  ASP A O   1 
ATOM   344  C  CB  . ASP A 1 44  ? -9.983  23.034  3.695   1.00 44.09  ? 83  ASP A CB  1 
ATOM   345  C  CG  . ASP A 1 44  ? -10.536 24.403  3.329   1.00 42.20  ? 83  ASP A CG  1 
ATOM   346  O  OD1 . ASP A 1 44  ? -11.483 24.453  2.529   1.00 44.80  ? 83  ASP A OD1 1 
ATOM   347  O  OD2 . ASP A 1 44  ? -9.980  25.380  3.820   1.00 46.15  ? 83  ASP A OD2 1 
ATOM   348  N  N   . PRO A 1 45  ? -12.518 21.728  1.416   1.00 44.15  ? 84  PRO A N   1 
ATOM   349  C  CA  . PRO A 1 45  ? -12.881 21.423  0.039   1.00 45.98  ? 84  PRO A CA  1 
ATOM   350  C  C   . PRO A 1 45  ? -12.122 22.293  -0.964  1.00 46.12  ? 84  PRO A C   1 
ATOM   351  O  O   . PRO A 1 45  ? -11.937 21.848  -2.075  1.00 49.09  ? 84  PRO A O   1 
ATOM   352  C  CB  . PRO A 1 45  ? -14.395 21.697  -0.046  1.00 48.90  ? 84  PRO A CB  1 
ATOM   353  C  CG  . PRO A 1 45  ? -14.880 21.613  1.383   1.00 47.02  ? 84  PRO A CG  1 
ATOM   354  C  CD  . PRO A 1 45  ? -13.700 21.991  2.256   1.00 49.12  ? 84  PRO A CD  1 
ATOM   355  N  N   . ASN A 1 46  ? -11.685 23.479  -0.528  1.00 49.80  ? 85  ASN A N   1 
ATOM   356  C  CA  . ASN A 1 46  ? -11.055 24.514  -1.386  1.00 44.65  ? 85  ASN A CA  1 
ATOM   357  C  C   . ASN A 1 46  ? -9.546  24.496  -1.238  1.00 45.17  ? 85  ASN A C   1 
ATOM   358  O  O   . ASN A 1 46  ? -8.891  25.207  -2.021  1.00 42.73  ? 85  ASN A O   1 
ATOM   359  C  CB  . ASN A 1 46  ? -11.596 25.908  -1.055  1.00 50.08  ? 85  ASN A CB  1 
ATOM   360  C  CG  . ASN A 1 46  ? -13.095 25.937  -1.234  1.00 46.99  ? 85  ASN A CG  1 
ATOM   361  O  OD1 . ASN A 1 46  ? -13.582 25.667  -2.325  1.00 53.00  ? 85  ASN A OD1 1 
ATOM   362  N  ND2 . ASN A 1 46  ? -13.824 26.231  -0.171  1.00 54.03  ? 85  ASN A ND2 1 
ATOM   363  N  N   . ALA A 1 47  ? -9.009  23.761  -0.258  1.00 42.89  ? 86  ALA A N   1 
ATOM   364  C  CA  . ALA A 1 47  ? -7.555  23.700  -0.026  1.00 39.87  ? 86  ALA A CA  1 
ATOM   365  C  C   . ALA A 1 47  ? -6.987  22.695  -1.016  1.00 36.20  ? 86  ALA A C   1 
ATOM   366  O  O   . ALA A 1 47  ? -7.760  21.990  -1.651  1.00 35.08  ? 86  ALA A O   1 
ATOM   367  C  CB  . ALA A 1 47  ? -7.222  23.351  1.403   1.00 43.79  ? 86  ALA A CB  1 
ATOM   368  N  N   . MET A 1 48  ? -5.678  22.728  -1.234  1.00 42.59  ? 87  MET A N   1 
ATOM   369  C  CA  . MET A 1 48  ? -5.030  21.882  -2.269  1.00 40.26  ? 87  MET A CA  1 
ATOM   370  C  C   . MET A 1 48  ? -4.232  20.777  -1.562  1.00 37.30  ? 87  MET A C   1 
ATOM   371  O  O   . MET A 1 48  ? -3.569  21.103  -0.563  1.00 37.80  ? 87  MET A O   1 
ATOM   372  C  CB  . MET A 1 48  ? -4.105  22.749  -3.120  1.00 47.61  ? 87  MET A CB  1 
ATOM   373  C  CG  . MET A 1 48  ? -4.832  23.925  -3.776  1.00 55.05  ? 87  MET A CG  1 
ATOM   374  S  SD  . MET A 1 48  ? -4.995  23.760  -5.554  1.00 55.89  ? 87  MET A SD  1 
ATOM   375  C  CE  . MET A 1 48  ? -5.053  21.973  -5.671  1.00 41.51  ? 87  MET A CE  1 
ATOM   376  N  N   . TYR A 1 49  ? -4.286  19.549  -2.085  1.00 33.85  ? 88  TYR A N   1 
ATOM   377  C  CA  . TYR A 1 49  ? -3.654  18.370  -1.449  1.00 35.09  ? 88  TYR A CA  1 
ATOM   378  C  C   . TYR A 1 49  ? -3.042  17.454  -2.505  1.00 32.70  ? 88  TYR A C   1 
ATOM   379  O  O   . TYR A 1 49  ? -3.605  17.305  -3.605  1.00 31.64  ? 88  TYR A O   1 
ATOM   380  C  CB  . TYR A 1 49  ? -4.662  17.548  -0.651  1.00 30.91  ? 88  TYR A CB  1 
ATOM   381  C  CG  . TYR A 1 49  ? -5.394  18.309  0.431   1.00 36.45  ? 88  TYR A CG  1 
ATOM   382  C  CD1 . TYR A 1 49  ? -4.910  18.357  1.728   1.00 37.50  ? 88  TYR A CD1 1 
ATOM   383  C  CD2 . TYR A 1 49  ? -6.567  18.997  0.162   1.00 33.82  ? 88  TYR A CD2 1 
ATOM   384  C  CE1 . TYR A 1 49  ? -5.571  19.038  2.736   1.00 39.89  ? 88  TYR A CE1 1 
ATOM   385  C  CE2 . TYR A 1 49  ? -7.240  19.691  1.160   1.00 39.24  ? 88  TYR A CE2 1 
ATOM   386  C  CZ  . TYR A 1 49  ? -6.732  19.734  2.447   1.00 40.89  ? 88  TYR A CZ  1 
ATOM   387  O  OH  . TYR A 1 49  ? -7.402  20.369  3.454   1.00 41.55  ? 88  TYR A OH  1 
ATOM   388  N  N   . SER A 1 50  ? -1.948  16.781  -2.135  1.00 30.49  ? 89  SER A N   1 
ATOM   389  C  CA  . SER A 1 50  ? -1.429  15.614  -2.880  1.00 30.34  ? 89  SER A CA  1 
ATOM   390  C  C   . SER A 1 50  ? -1.574  14.358  -2.014  1.00 32.80  ? 89  SER A C   1 
ATOM   391  O  O   . SER A 1 50  ? -1.405  14.496  -0.785  1.00 30.04  ? 89  SER A O   1 
ATOM   392  C  CB  . SER A 1 50  ? -0.028  15.827  -3.309  1.00 31.68  ? 89  SER A CB  1 
ATOM   393  O  OG  . SER A 1 50  ? 0.031   16.912  -4.214  1.00 32.92  ? 89  SER A OG  1 
ATOM   394  N  N   . PHE A 1 51  ? -1.958  13.226  -2.619  1.00 29.61  ? 90  PHE A N   1 
ATOM   395  C  CA  . PHE A 1 51  ? -2.060  11.918  -1.922  1.00 27.93  ? 90  PHE A CA  1 
ATOM   396  C  C   . PHE A 1 51  ? -0.884  11.041  -2.338  1.00 32.41  ? 90  PHE A C   1 
ATOM   397  O  O   . PHE A 1 51  ? -0.604  10.747  -3.584  1.00 27.31  ? 90  PHE A O   1 
ATOM   398  C  CB  . PHE A 1 51  ? -3.383  11.219  -2.172  1.00 28.39  ? 90  PHE A CB  1 
ATOM   399  C  CG  . PHE A 1 51  ? -4.513  11.612  -1.261  1.00 29.02  ? 90  PHE A CG  1 
ATOM   400  C  CD1 . PHE A 1 51  ? -5.176  10.675  -0.493  1.00 30.21  ? 90  PHE A CD1 1 
ATOM   401  C  CD2 . PHE A 1 51  ? -4.961  12.926  -1.235  1.00 29.74  ? 90  PHE A CD2 1 
ATOM   402  C  CE1 . PHE A 1 51  ? -6.274  11.049  0.265   1.00 30.74  ? 90  PHE A CE1 1 
ATOM   403  C  CE2 . PHE A 1 51  ? -6.033  13.300  -0.448  1.00 33.45  ? 90  PHE A CE2 1 
ATOM   404  C  CZ  . PHE A 1 51  ? -6.670  12.362  0.320   1.00 30.77  ? 90  PHE A CZ  1 
ATOM   405  N  N   . LEU A 1 52  ? -0.166  10.613  -1.297  1.00 29.44  ? 91  LEU A N   1 
ATOM   406  C  CA  . LEU A 1 52  ? 1.128   9.906   -1.428  1.00 27.43  ? 91  LEU A CA  1 
ATOM   407  C  C   . LEU A 1 52  ? 0.953   8.518   -0.810  1.00 29.07  ? 91  LEU A C   1 
ATOM   408  O  O   . LEU A 1 52  ? 0.186   8.398   0.188   1.00 27.54  ? 91  LEU A O   1 
ATOM   409  C  CB  . LEU A 1 52  ? 2.201   10.688  -0.677  1.00 29.52  ? 91  LEU A CB  1 
ATOM   410  C  CG  . LEU A 1 52  ? 2.978   11.738  -1.468  1.00 33.16  ? 91  LEU A CG  1 
ATOM   411  C  CD1 . LEU A 1 52  ? 2.057   12.715  -2.167  1.00 38.12  ? 91  LEU A CD1 1 
ATOM   412  C  CD2 . LEU A 1 52  ? 3.937   12.454  -0.531  1.00 33.81  ? 91  LEU A CD2 1 
ATOM   413  N  N   . LEU A 1 53  ? 1.576   7.508   -1.404  1.00 24.60  ? 92  LEU A N   1 
ATOM   414  C  CA  . LEU A 1 53  ? 1.472   6.137   -0.884  1.00 25.26  ? 92  LEU A CA  1 
ATOM   415  C  C   . LEU A 1 53  ? 2.890   5.632   -0.694  1.00 24.86  ? 92  LEU A C   1 
ATOM   416  O  O   . LEU A 1 53  ? 3.705   5.807   -1.560  1.00 28.44  ? 92  LEU A O   1 
ATOM   417  C  CB  . LEU A 1 53  ? 0.641   5.275   -1.837  1.00 28.64  ? 92  LEU A CB  1 
ATOM   418  C  CG  . LEU A 1 53  ? 0.717   3.771   -1.593  1.00 28.33  ? 92  LEU A CG  1 
ATOM   419  C  CD1 . LEU A 1 53  ? 0.031   3.358   -0.296  1.00 26.65  ? 92  LEU A CD1 1 
ATOM   420  C  CD2 . LEU A 1 53  ? 0.099   3.000   -2.779  1.00 28.03  ? 92  LEU A CD2 1 
ATOM   421  N  N   . ASP A 1 54  ? 3.187   5.017   0.448   1.00 27.74  ? 93  ASP A N   1 
ATOM   422  C  CA  . ASP A 1 54  ? 4.491   4.324   0.597   1.00 24.43  ? 93  ASP A CA  1 
ATOM   423  C  C   . ASP A 1 54  ? 4.248   3.048   1.404   1.00 21.35  ? 93  ASP A C   1 
ATOM   424  O  O   . ASP A 1 54  ? 3.142   2.735   1.741   1.00 22.49  ? 93  ASP A O   1 
ATOM   425  C  CB  . ASP A 1 54  ? 5.575   5.239   1.190   1.00 26.19  ? 93  ASP A CB  1 
ATOM   426  C  CG  . ASP A 1 54  ? 5.282   5.765   2.594   1.00 24.93  ? 93  ASP A CG  1 
ATOM   427  O  OD1 . ASP A 1 54  ? 4.352   5.254   3.247   1.00 26.88  ? 93  ASP A OD1 1 
ATOM   428  O  OD2 . ASP A 1 54  ? 5.993   6.728   3.006   1.00 29.58  ? 93  ASP A OD2 1 
ATOM   429  N  N   . PHE A 1 55  ? 5.277   2.243   1.573   1.00 24.79  ? 94  PHE A N   1 
ATOM   430  C  CA  . PHE A 1 55  ? 5.156   0.929   2.228   1.00 23.97  ? 94  PHE A CA  1 
ATOM   431  C  C   . PHE A 1 55  ? 6.209   0.871   3.336   1.00 22.37  ? 94  PHE A C   1 
ATOM   432  O  O   . PHE A 1 55  ? 7.368   0.990   3.008   1.00 26.34  ? 94  PHE A O   1 
ATOM   433  C  CB  . PHE A 1 55  ? 5.341   -0.165  1.179   1.00 24.37  ? 94  PHE A CB  1 
ATOM   434  C  CG  . PHE A 1 55  ? 4.329   -0.084  0.058   1.00 24.56  ? 94  PHE A CG  1 
ATOM   435  C  CD1 . PHE A 1 55  ? 3.131   -0.772  0.120   1.00 27.31  ? 94  PHE A CD1 1 
ATOM   436  C  CD2 . PHE A 1 55  ? 4.530   0.786   -0.997  1.00 27.42  ? 94  PHE A CD2 1 
ATOM   437  C  CE1 . PHE A 1 55  ? 2.172   -0.650  -0.883  1.00 26.99  ? 94  PHE A CE1 1 
ATOM   438  C  CE2 . PHE A 1 55  ? 3.599   0.865   -2.019  1.00 27.46  ? 94  PHE A CE2 1 
ATOM   439  C  CZ  . PHE A 1 55  ? 2.407   0.196   -1.937  1.00 27.57  ? 94  PHE A CZ  1 
ATOM   440  N  N   . VAL A 1 56  ? 5.761   0.626   4.558   1.00 27.82  ? 95  VAL A N   1 
ATOM   441  C  CA  . VAL A 1 56  ? 6.662   0.479   5.737   1.00 25.87  ? 95  VAL A CA  1 
ATOM   442  C  C   . VAL A 1 56  ? 7.002   -0.994  5.815   1.00 21.80  ? 95  VAL A C   1 
ATOM   443  O  O   . VAL A 1 56  ? 6.060   -1.793  5.908   1.00 24.19  ? 95  VAL A O   1 
ATOM   444  C  CB  . VAL A 1 56  ? 5.951   0.955   7.021   1.00 26.06  ? 95  VAL A CB  1 
ATOM   445  C  CG1 . VAL A 1 56  ? 6.796   0.748   8.258   1.00 25.81  ? 95  VAL A CG1 1 
ATOM   446  C  CG2 . VAL A 1 56  ? 5.499   2.401   6.889   1.00 28.18  ? 95  VAL A CG2 1 
ATOM   447  N  N   . ALA A 1 57  ? 8.276   -1.332  5.948   1.00 23.02  ? 96  ALA A N   1 
ATOM   448  C  CA  . ALA A 1 57  ? 8.690   -2.698  6.320   1.00 24.61  ? 96  ALA A CA  1 
ATOM   449  C  C   . ALA A 1 57  ? 8.224   -2.947  7.746   1.00 23.06  ? 96  ALA A C   1 
ATOM   450  O  O   . ALA A 1 57  ? 8.689   -2.170  8.674   1.00 24.10  ? 96  ALA A O   1 
ATOM   451  C  CB  . ALA A 1 57  ? 10.184  -2.810  6.114   1.00 24.16  ? 96  ALA A CB  1 
ATOM   452  N  N   . ALA A 1 58  ? 7.249   -3.853  7.946   1.00 22.95  ? 97  ALA A N   1 
ATOM   453  C  CA  . ALA A 1 58  ? 6.536   -4.077  9.218   1.00 24.66  ? 97  ALA A CA  1 
ATOM   454  C  C   . ALA A 1 58  ? 7.461   -4.677  10.301  1.00 27.94  ? 97  ALA A C   1 
ATOM   455  O  O   . ALA A 1 58  ? 7.152   -4.514  11.532  1.00 26.61  ? 97  ALA A O   1 
ATOM   456  C  CB  . ALA A 1 58  ? 5.316   -4.939  9.031   1.00 25.98  ? 97  ALA A CB  1 
ATOM   457  N  N   . ASP A 1 59  ? 8.497   -5.381  9.858   1.00 28.19  ? 98  ASP A N   1 
ATOM   458  C  CA  . ASP A 1 59  ? 9.556   -5.963  10.720  1.00 29.64  ? 98  ASP A CA  1 
ATOM   459  C  C   . ASP A 1 59  ? 10.834  -5.934  9.897   1.00 31.50  ? 98  ASP A C   1 
ATOM   460  O  O   . ASP A 1 59  ? 10.777  -5.566  8.692   1.00 33.21  ? 98  ASP A O   1 
ATOM   461  C  CB  . ASP A 1 59  ? 9.086   -7.309  11.268  1.00 29.09  ? 98  ASP A CB  1 
ATOM   462  C  CG  . ASP A 1 59  ? 8.916   -8.314  10.121  1.00 29.79  ? 98  ASP A CG  1 
ATOM   463  O  OD1 . ASP A 1 59  ? 9.929   -8.585  9.460   1.00 33.99  ? 98  ASP A OD1 1 
ATOM   464  O  OD2 . ASP A 1 59  ? 7.773   -8.670  9.860   1.00 32.74  ? 98  ASP A OD2 1 
ATOM   465  N  N   . ASN A 1 60  ? 11.955  -6.307  10.510  1.00 30.41  ? 99  ASN A N   1 
ATOM   466  C  CA  . ASN A 1 60  ? 13.292  -6.216  9.903   1.00 33.63  ? 99  ASN A CA  1 
ATOM   467  C  C   . ASN A 1 60  ? 13.722  -7.559  9.321   1.00 33.21  ? 99  ASN A C   1 
ATOM   468  O  O   . ASN A 1 60  ? 14.911  -7.698  9.030   1.00 38.00  ? 99  ASN A O   1 
ATOM   469  C  CB  . ASN A 1 60  ? 14.298  -5.731  10.950  1.00 36.09  ? 99  ASN A CB  1 
ATOM   470  C  CG  . ASN A 1 60  ? 14.058  -4.283  11.299  1.00 39.19  ? 99  ASN A CG  1 
ATOM   471  O  OD1 . ASN A 1 60  ? 14.207  -3.870  12.444  1.00 42.14  ? 99  ASN A OD1 1 
ATOM   472  N  ND2 . ASN A 1 60  ? 13.616  -3.534  10.318  1.00 33.34  ? 99  ASN A ND2 1 
ATOM   473  N  N   . HIS A 1 61  ? 12.806  -8.488  9.115   1.00 32.06  ? 100 HIS A N   1 
ATOM   474  C  CA  . HIS A 1 61  ? 13.167  -9.888  8.811   1.00 31.86  ? 100 HIS A CA  1 
ATOM   475  C  C   . HIS A 1 61  ? 12.817  -10.237 7.362   1.00 37.65  ? 100 HIS A C   1 
ATOM   476  O  O   . HIS A 1 61  ? 11.890  -9.622  6.781   1.00 32.86  ? 100 HIS A O   1 
ATOM   477  C  CB  . HIS A 1 61  ? 12.502  -10.802 9.833   1.00 32.42  ? 100 HIS A CB  1 
ATOM   478  C  CG  . HIS A 1 61  ? 13.004  -10.601 11.220  1.00 38.12  ? 100 HIS A CG  1 
ATOM   479  N  ND1 . HIS A 1 61  ? 13.981  -11.424 11.765  1.00 40.05  ? 100 HIS A ND1 1 
ATOM   480  C  CD2 . HIS A 1 61  ? 12.667  -9.702  12.183  1.00 38.17  ? 100 HIS A CD2 1 
ATOM   481  C  CE1 . HIS A 1 61  ? 14.220  -11.043 13.009  1.00 49.92  ? 100 HIS A CE1 1 
ATOM   482  N  NE2 . HIS A 1 61  ? 13.417  -9.990  13.294  1.00 41.45  ? 100 HIS A NE2 1 
ATOM   483  N  N   . ARG A 1 62  ? 13.486  -11.268 6.849   1.00 38.65  ? 101 ARG A N   1 
ATOM   484  C  CA  . ARG A 1 62  ? 13.073  -11.963 5.600   1.00 37.91  ? 101 ARG A CA  1 
ATOM   485  C  C   . ARG A 1 62  ? 12.167  -13.132 6.012   1.00 40.92  ? 101 ARG A C   1 
ATOM   486  O  O   . ARG A 1 62  ? 12.458  -13.811 7.037   1.00 43.80  ? 101 ARG A O   1 
ATOM   487  C  CB  . ARG A 1 62  ? 14.340  -12.318 4.817   1.00 48.79  ? 101 ARG A CB  1 
ATOM   488  C  CG  . ARG A 1 62  ? 14.317  -13.656 4.084   1.00 60.28  ? 101 ARG A CG  1 
ATOM   489  C  CD  . ARG A 1 62  ? 15.600  -13.864 3.291   1.00 69.09  ? 101 ARG A CD  1 
ATOM   490  N  NE  . ARG A 1 62  ? 16.004  -12.625 2.635   1.00 77.77  ? 101 ARG A NE  1 
ATOM   491  C  CZ  . ARG A 1 62  ? 15.478  -12.143 1.510   1.00 86.09  ? 101 ARG A CZ  1 
ATOM   492  N  NH1 . ARG A 1 62  ? 14.527  -12.812 0.875   1.00 91.81  ? 101 ARG A NH1 1 
ATOM   493  N  NH2 . ARG A 1 62  ? 15.916  -10.997 1.017   1.00 84.02  ? 101 ARG A NH2 1 
ATOM   494  N  N   . TRP A 1 63  ? 11.091  -13.358 5.251   1.00 37.23  ? 102 TRP A N   1 
ATOM   495  C  CA  . TRP A 1 63  ? 10.065  -14.384 5.529   1.00 34.74  ? 102 TRP A CA  1 
ATOM   496  C  C   . TRP A 1 63  ? 10.202  -15.502 4.483   1.00 42.01  ? 102 TRP A C   1 
ATOM   497  O  O   . TRP A 1 63  ? 10.654  -15.221 3.367   1.00 44.32  ? 102 TRP A O   1 
ATOM   498  C  CB  . TRP A 1 63  ? 8.665   -13.771 5.516   1.00 38.66  ? 102 TRP A CB  1 
ATOM   499  C  CG  . TRP A 1 63  ? 8.427   -12.838 6.664   1.00 34.02  ? 102 TRP A CG  1 
ATOM   500  C  CD1 . TRP A 1 63  ? 8.955   -11.588 6.834   1.00 32.44  ? 102 TRP A CD1 1 
ATOM   501  C  CD2 . TRP A 1 63  ? 7.609   -13.093 7.819   1.00 30.07  ? 102 TRP A CD2 1 
ATOM   502  N  NE1 . TRP A 1 63  ? 8.485   -11.041 7.996   1.00 30.71  ? 102 TRP A NE1 1 
ATOM   503  C  CE2 . TRP A 1 63  ? 7.685   -11.942 8.639   1.00 30.83  ? 102 TRP A CE2 1 
ATOM   504  C  CE3 . TRP A 1 63  ? 6.854   -14.177 8.263   1.00 31.62  ? 102 TRP A CE3 1 
ATOM   505  C  CZ2 . TRP A 1 63  ? 7.009   -11.842 9.846   1.00 30.74  ? 102 TRP A CZ2 1 
ATOM   506  C  CZ3 . TRP A 1 63  ? 6.164   -14.071 9.446   1.00 35.51  ? 102 TRP A CZ3 1 
ATOM   507  C  CH2 . TRP A 1 63  ? 6.246   -12.918 10.228  1.00 31.81  ? 102 TRP A CH2 1 
ATOM   508  N  N   . LYS A 1 64  ? 9.848   -16.726 4.855   1.00 39.18  ? 103 LYS A N   1 
ATOM   509  C  CA  . LYS A 1 64  ? 9.952   -17.913 3.970   1.00 45.71  ? 103 LYS A CA  1 
ATOM   510  C  C   . LYS A 1 64  ? 8.732   -18.784 4.257   1.00 42.56  ? 103 LYS A C   1 
ATOM   511  O  O   . LYS A 1 64  ? 8.229   -18.737 5.382   1.00 34.58  ? 103 LYS A O   1 
ATOM   512  C  CB  . LYS A 1 64  ? 11.323  -18.573 4.162   1.00 51.60  ? 103 LYS A CB  1 
ATOM   513  C  CG  . LYS A 1 64  ? 12.010  -18.276 5.491   1.00 63.71  ? 103 LYS A CG  1 
ATOM   514  C  CD  . LYS A 1 64  ? 13.212  -19.162 5.777   1.00 72.69  ? 103 LYS A CD  1 
ATOM   515  C  CE  . LYS A 1 64  ? 13.773  -18.977 7.172   1.00 74.81  ? 103 LYS A CE  1 
ATOM   516  N  NZ  . LYS A 1 64  ? 13.789  -20.256 7.921   1.00 75.56  ? 103 LYS A NZ  1 
ATOM   517  N  N   . TYR A 1 65  ? 8.186   -19.439 3.235   1.00 43.24  ? 104 TYR A N   1 
ATOM   518  C  CA  . TYR A 1 65  ? 6.941   -20.234 3.346   1.00 43.07  ? 104 TYR A CA  1 
ATOM   519  C  C   . TYR A 1 65  ? 7.397   -21.658 3.626   1.00 47.19  ? 104 TYR A C   1 
ATOM   520  O  O   . TYR A 1 65  ? 7.859   -22.269 2.679   1.00 48.07  ? 104 TYR A O   1 
ATOM   521  C  CB  . TYR A 1 65  ? 6.094   -20.135 2.073   1.00 41.00  ? 104 TYR A CB  1 
ATOM   522  C  CG  . TYR A 1 65  ? 4.675   -20.625 2.208   1.00 42.06  ? 104 TYR A CG  1 
ATOM   523  C  CD1 . TYR A 1 65  ? 3.778   -19.989 3.046   1.00 39.95  ? 104 TYR A CD1 1 
ATOM   524  C  CD2 . TYR A 1 65  ? 4.205   -21.720 1.474   1.00 44.95  ? 104 TYR A CD2 1 
ATOM   525  C  CE1 . TYR A 1 65  ? 2.466   -20.412 3.170   1.00 40.17  ? 104 TYR A CE1 1 
ATOM   526  C  CE2 . TYR A 1 65  ? 2.891   -22.155 1.596   1.00 42.83  ? 104 TYR A CE2 1 
ATOM   527  C  CZ  . TYR A 1 65  ? 2.015   -21.502 2.435   1.00 42.97  ? 104 TYR A CZ  1 
ATOM   528  O  OH  . TYR A 1 65  ? 0.719   -21.912 2.581   1.00 48.65  ? 104 TYR A OH  1 
ATOM   529  N  N   . VAL A 1 66  ? 7.430   -22.050 4.900   1.00 49.73  ? 105 VAL A N   1 
ATOM   530  C  CA  . VAL A 1 66  ? 7.964   -23.362 5.372   1.00 52.49  ? 105 VAL A CA  1 
ATOM   531  C  C   . VAL A 1 66  ? 6.770   -24.198 5.830   1.00 49.35  ? 105 VAL A C   1 
ATOM   532  O  O   . VAL A 1 66  ? 6.029   -23.749 6.732   1.00 51.81  ? 105 VAL A O   1 
ATOM   533  C  CB  . VAL A 1 66  ? 9.010   -23.207 6.496   1.00 53.49  ? 105 VAL A CB  1 
ATOM   534  C  CG1 . VAL A 1 66  ? 9.413   -24.555 7.092   1.00 55.83  ? 105 VAL A CG1 1 
ATOM   535  C  CG2 . VAL A 1 66  ? 10.248  -22.462 6.023   1.00 47.87  ? 105 VAL A CG2 1 
ATOM   536  N  N   . ASN A 1 67  ? 6.604   -25.371 5.221   1.00 52.91  ? 106 ASN A N   1 
ATOM   537  C  CA  . ASN A 1 67  ? 5.604   -26.389 5.619   1.00 52.70  ? 106 ASN A CA  1 
ATOM   538  C  C   . ASN A 1 67  ? 4.226   -25.732 5.666   1.00 52.80  ? 106 ASN A C   1 
ATOM   539  O  O   . ASN A 1 67  ? 3.514   -25.925 6.662   1.00 42.46  ? 106 ASN A O   1 
ATOM   540  C  CB  . ASN A 1 67  ? 6.025   -27.064 6.926   1.00 59.65  ? 106 ASN A CB  1 
ATOM   541  C  CG  . ASN A 1 67  ? 7.194   -28.003 6.713   1.00 60.96  ? 106 ASN A CG  1 
ATOM   542  O  OD1 . ASN A 1 67  ? 7.206   -28.763 5.746   1.00 69.04  ? 106 ASN A OD1 1 
ATOM   543  N  ND2 . ASN A 1 67  ? 8.182   -27.947 7.587   1.00 54.91  ? 106 ASN A ND2 1 
ATOM   544  N  N   . GLY A 1 68  ? 3.886   -24.977 4.613   1.00 52.39  ? 107 GLY A N   1 
ATOM   545  C  CA  . GLY A 1 68  ? 2.569   -24.334 4.448   1.00 49.52  ? 107 GLY A CA  1 
ATOM   546  C  C   . GLY A 1 68  ? 2.344   -23.194 5.430   1.00 44.92  ? 107 GLY A C   1 
ATOM   547  O  O   . GLY A 1 68  ? 1.186   -22.825 5.643   1.00 42.03  ? 107 GLY A O   1 
ATOM   548  N  N   . GLU A 1 69  ? 3.398   -22.648 6.020   1.00 44.35  ? 108 GLU A N   1 
ATOM   549  C  CA  . GLU A 1 69  ? 3.251   -21.501 6.952   1.00 50.27  ? 108 GLU A CA  1 
ATOM   550  C  C   . GLU A 1 69  ? 4.385   -20.507 6.681   1.00 44.70  ? 108 GLU A C   1 
ATOM   551  O  O   . GLU A 1 69  ? 5.488   -20.929 6.330   1.00 48.18  ? 108 GLU A O   1 
ATOM   552  C  CB  . GLU A 1 69  ? 3.102   -22.012 8.393   1.00 54.79  ? 108 GLU A CB  1 
ATOM   553  C  CG  . GLU A 1 69  ? 4.404   -22.171 9.173   1.00 68.64  ? 108 GLU A CG  1 
ATOM   554  C  CD  . GLU A 1 69  ? 4.259   -22.386 10.681  1.00 81.45  ? 108 GLU A CD  1 
ATOM   555  O  OE1 . GLU A 1 69  ? 3.248   -21.920 11.269  1.00 89.26  ? 108 GLU A OE1 1 
ATOM   556  O  OE2 . GLU A 1 69  ? 5.171   -23.008 11.280  1.00 86.24  ? 108 GLU A OE2 1 
ATOM   557  N  N   . TRP A 1 70  ? 4.080   -19.210 6.779   1.00 43.13  ? 109 TRP A N   1 
ATOM   558  C  CA  . TRP A 1 70  ? 5.062   -18.106 6.677   1.00 36.23  ? 109 TRP A CA  1 
ATOM   559  C  C   . TRP A 1 70  ? 5.836   -17.998 8.004   1.00 38.61  ? 109 TRP A C   1 
ATOM   560  O  O   . TRP A 1 70  ? 5.185   -17.953 9.039   1.00 40.74  ? 109 TRP A O   1 
ATOM   561  C  CB  . TRP A 1 70  ? 4.339   -16.781 6.367   1.00 35.91  ? 109 TRP A CB  1 
ATOM   562  C  CG  . TRP A 1 70  ? 3.928   -16.668 4.937   1.00 33.41  ? 109 TRP A CG  1 
ATOM   563  C  CD1 . TRP A 1 70  ? 2.668   -16.772 4.410   1.00 35.56  ? 109 TRP A CD1 1 
ATOM   564  C  CD2 . TRP A 1 70  ? 4.808   -16.407 3.840   1.00 30.62  ? 109 TRP A CD2 1 
ATOM   565  N  NE1 . TRP A 1 70  ? 2.728   -16.637 3.049   1.00 37.79  ? 109 TRP A NE1 1 
ATOM   566  C  CE2 . TRP A 1 70  ? 4.023   -16.431 2.673   1.00 31.83  ? 109 TRP A CE2 1 
ATOM   567  C  CE3 . TRP A 1 70  ? 6.190   -16.214 3.715   1.00 31.62  ? 109 TRP A CE3 1 
ATOM   568  C  CZ2 . TRP A 1 70  ? 4.588   -16.215 1.421   1.00 34.95  ? 109 TRP A CZ2 1 
ATOM   569  C  CZ3 . TRP A 1 70  ? 6.747   -16.020 2.475   1.00 35.50  ? 109 TRP A CZ3 1 
ATOM   570  C  CH2 . TRP A 1 70  ? 5.940   -16.009 1.334   1.00 34.77  ? 109 TRP A CH2 1 
ATOM   571  N  N   . VAL A 1 71  ? 7.165   -17.935 7.954   1.00 37.91  ? 110 VAL A N   1 
ATOM   572  C  CA  . VAL A 1 71  ? 8.053   -17.889 9.165   1.00 39.97  ? 110 VAL A CA  1 
ATOM   573  C  C   . VAL A 1 71  ? 9.154   -16.876 8.914   1.00 37.21  ? 110 VAL A C   1 
ATOM   574  O  O   . VAL A 1 71  ? 9.727   -16.834 7.835   1.00 37.60  ? 110 VAL A O   1 
ATOM   575  C  CB  . VAL A 1 71  ? 8.680   -19.252 9.525   1.00 40.41  ? 110 VAL A CB  1 
ATOM   576  C  CG1 . VAL A 1 71  ? 7.631   -20.311 9.769   1.00 42.07  ? 110 VAL A CG1 1 
ATOM   577  C  CG2 . VAL A 1 71  ? 9.716   -19.689 8.503   1.00 44.46  ? 110 VAL A CG2 1 
ATOM   578  N  N   . PRO A 1 72  ? 9.506   -16.045 9.919   1.00 40.94  ? 111 PRO A N   1 
ATOM   579  C  CA  . PRO A 1 72  ? 10.568  -15.066 9.766   1.00 42.62  ? 111 PRO A CA  1 
ATOM   580  C  C   . PRO A 1 72  ? 11.951  -15.679 9.978   1.00 41.52  ? 111 PRO A C   1 
ATOM   581  O  O   . PRO A 1 72  ? 12.043  -16.535 10.806  1.00 44.91  ? 111 PRO A O   1 
ATOM   582  C  CB  . PRO A 1 72  ? 10.313  -14.046 10.880  1.00 42.33  ? 111 PRO A CB  1 
ATOM   583  C  CG  . PRO A 1 72  ? 9.437   -14.748 11.894  1.00 40.59  ? 111 PRO A CG  1 
ATOM   584  C  CD  . PRO A 1 72  ? 8.915   -16.022 11.259  1.00 43.43  ? 111 PRO A CD  1 
ATOM   585  N  N   . GLY A 1 73  ? 12.946  -15.227 9.210   1.00 43.48  ? 112 GLY A N   1 
ATOM   586  C  CA  . GLY A 1 73  ? 14.368  -15.557 9.404   1.00 47.55  ? 112 GLY A CA  1 
ATOM   587  C  C   . GLY A 1 73  ? 14.841  -15.120 10.786  1.00 51.08  ? 112 GLY A C   1 
ATOM   588  O  O   . GLY A 1 73  ? 14.091  -14.430 11.509  1.00 53.27  ? 112 GLY A O   1 
ATOM   589  N  N   . GLY A 1 74  ? 16.046  -15.531 11.168  1.00 54.23  ? 113 GLY A N   1 
ATOM   590  C  CA  . GLY A 1 74  ? 16.637  -15.182 12.468  1.00 57.34  ? 113 GLY A CA  1 
ATOM   591  C  C   . GLY A 1 74  ? 17.412  -13.880 12.389  1.00 59.54  ? 113 GLY A C   1 
ATOM   592  O  O   . GLY A 1 74  ? 17.684  -13.314 13.467  1.00 69.93  ? 113 GLY A O   1 
ATOM   593  N  N   . LYS A 1 75  ? 17.737  -13.411 11.175  1.00 53.18  ? 114 LYS A N   1 
ATOM   594  C  CA  . LYS A 1 75  ? 18.827  -12.420 10.945  1.00 57.85  ? 114 LYS A CA  1 
ATOM   595  C  C   . LYS A 1 75  ? 18.306  -11.052 10.501  1.00 55.31  ? 114 LYS A C   1 
ATOM   596  O  O   . LYS A 1 75  ? 18.548  -10.633 9.372   1.00 46.85  ? 114 LYS A O   1 
ATOM   597  C  CB  . LYS A 1 75  ? 19.791  -12.928 9.877   1.00 66.11  ? 114 LYS A CB  1 
ATOM   598  C  CG  . LYS A 1 75  ? 21.149  -12.245 9.909   1.00 71.69  ? 114 LYS A CG  1 
ATOM   599  C  CD  . LYS A 1 75  ? 21.792  -12.292 11.290  1.00 76.58  ? 114 LYS A CD  1 
ATOM   600  C  CE  . LYS A 1 75  ? 23.307  -12.277 11.256  1.00 81.19  ? 114 LYS A CE  1 
ATOM   601  N  NZ  . LYS A 1 75  ? 23.827  -11.233 10.339  1.00 86.09  ? 114 LYS A NZ  1 
ATOM   602  N  N   . PRO A 1 76  ? 17.719  -10.244 11.408  1.00 61.21  ? 115 PRO A N   1 
ATOM   603  C  CA  . PRO A 1 76  ? 17.069  -8.994  11.015  1.00 57.92  ? 115 PRO A CA  1 
ATOM   604  C  C   . PRO A 1 76  ? 18.063  -8.002  10.399  1.00 59.05  ? 115 PRO A C   1 
ATOM   605  O  O   . PRO A 1 76  ? 19.163  -7.860  10.935  1.00 52.28  ? 115 PRO A O   1 
ATOM   606  C  CB  . PRO A 1 76  ? 16.526  -8.413  12.333  1.00 61.01  ? 115 PRO A CB  1 
ATOM   607  C  CG  . PRO A 1 76  ? 17.434  -9.018  13.395  1.00 62.73  ? 115 PRO A CG  1 
ATOM   608  C  CD  . PRO A 1 76  ? 17.743  -10.412 12.871  1.00 66.29  ? 115 PRO A CD  1 
ATOM   609  N  N   . GLU A 1 77  ? 17.651  -7.325  9.324   1.00 48.97  ? 116 GLU A N   1 
ATOM   610  C  CA  . GLU A 1 77  ? 18.436  -6.217  8.722   1.00 57.64  ? 116 GLU A CA  1 
ATOM   611  C  C   . GLU A 1 77  ? 17.593  -4.945  8.702   1.00 53.42  ? 116 GLU A C   1 
ATOM   612  O  O   . GLU A 1 77  ? 16.371  -5.004  8.619   1.00 62.98  ? 116 GLU A O   1 
ATOM   613  C  CB  . GLU A 1 77  ? 18.898  -6.615  7.322   1.00 60.86  ? 116 GLU A CB  1 
ATOM   614  C  CG  . GLU A 1 77  ? 19.767  -7.861  7.316   1.00 63.15  ? 116 GLU A CG  1 
ATOM   615  C  CD  . GLU A 1 77  ? 20.104  -8.356  5.921   1.00 63.81  ? 116 GLU A CD  1 
ATOM   616  O  OE1 . GLU A 1 77  ? 20.245  -7.506  5.017   1.00 67.57  ? 116 GLU A OE1 1 
ATOM   617  O  OE2 . GLU A 1 77  ? 20.198  -9.591  5.733   1.00 66.06  ? 116 GLU A OE2 1 
ATOM   618  N  N   . PRO A 1 78  ? 18.220  -3.752  8.768   1.00 53.42  ? 117 PRO A N   1 
ATOM   619  C  CA  . PRO A 1 78  ? 17.491  -2.489  8.654   1.00 53.58  ? 117 PRO A CA  1 
ATOM   620  C  C   . PRO A 1 78  ? 16.781  -2.391  7.294   1.00 52.95  ? 117 PRO A C   1 
ATOM   621  O  O   . PRO A 1 78  ? 17.338  -2.850  6.323   1.00 47.37  ? 117 PRO A O   1 
ATOM   622  C  CB  . PRO A 1 78  ? 18.559  -1.391  8.746   1.00 54.10  ? 117 PRO A CB  1 
ATOM   623  C  CG  . PRO A 1 78  ? 19.802  -2.089  9.277   1.00 59.28  ? 117 PRO A CG  1 
ATOM   624  C  CD  . PRO A 1 78  ? 19.670  -3.551  8.902   1.00 55.04  ? 117 PRO A CD  1 
ATOM   625  N  N   . GLN A 1 79  ? 15.536  -1.954  7.330   1.00 45.85  ? 118 GLN A N   1 
ATOM   626  C  CA  . GLN A 1 79  ? 14.748  -1.882  6.092   1.00 55.88  ? 118 GLN A CA  1 
ATOM   627  C  C   . GLN A 1 79  ? 14.571  -0.411  5.779   1.00 57.92  ? 118 GLN A C   1 
ATOM   628  O  O   . GLN A 1 79  ? 13.787  0.253   6.441   1.00 66.96  ? 118 GLN A O   1 
ATOM   629  C  CB  . GLN A 1 79  ? 13.420  -2.590  6.312   1.00 49.24  ? 118 GLN A CB  1 
ATOM   630  C  CG  . GLN A 1 79  ? 13.572  -4.004  6.833   1.00 54.23  ? 118 GLN A CG  1 
ATOM   631  C  CD  . GLN A 1 79  ? 14.270  -4.878  5.828   1.00 55.32  ? 118 GLN A CD  1 
ATOM   632  O  OE1 . GLN A 1 79  ? 13.979  -4.829  4.640   1.00 59.53  ? 118 GLN A OE1 1 
ATOM   633  N  NE2 . GLN A 1 79  ? 15.220  -5.663  6.296   1.00 54.19  ? 118 GLN A NE2 1 
ATOM   634  N  N   . ALA A 1 80  ? 15.233  0.016   4.716   1.00 76.86  ? 119 ALA A N   1 
ATOM   635  C  CA  . ALA A 1 80  ? 15.200  1.426   4.288   1.00 76.42  ? 119 ALA A CA  1 
ATOM   636  C  C   . ALA A 1 80  ? 13.778  1.784   3.882   1.00 66.36  ? 119 ALA A C   1 
ATOM   637  O  O   . ALA A 1 80  ? 13.071  0.967   3.311   1.00 61.27  ? 119 ALA A O   1 
ATOM   638  C  CB  . ALA A 1 80  ? 16.167  1.649   3.149   1.00 82.27  ? 119 ALA A CB  1 
ATOM   639  N  N   . PRO A 1 81  ? 13.362  3.040   4.059   1.00 58.21  ? 120 PRO A N   1 
ATOM   640  C  CA  . PRO A 1 81  ? 12.019  3.429   3.688   1.00 56.83  ? 120 PRO A CA  1 
ATOM   641  C  C   . PRO A 1 81  ? 11.770  3.224   2.186   1.00 44.59  ? 120 PRO A C   1 
ATOM   642  O  O   . PRO A 1 81  ? 12.664  3.395   1.368   1.00 41.94  ? 120 PRO A O   1 
ATOM   643  C  CB  . PRO A 1 81  ? 12.071  4.943   3.942   1.00 30.00  ? 120 PRO A CB  1 
ATOM   644  C  CG  . PRO A 1 81  ? 13.535  5.278   3.855   1.00 30.00  ? 120 PRO A CG  1 
ATOM   645  C  CD  . PRO A 1 81  ? 14.179  4.116   4.566   1.00 30.00  ? 120 PRO A CD  1 
ATOM   646  N  N   . SER A 1 82  ? 10.544  2.859   1.827   1.00 39.58  ? 121 SER A N   1 
ATOM   647  C  CA  . SER A 1 82  ? 10.254  2.705   0.383   1.00 34.07  ? 121 SER A CA  1 
ATOM   648  C  C   . SER A 1 82  ? 10.129  4.076   -0.267  1.00 32.54  ? 121 SER A C   1 
ATOM   649  O  O   . SER A 1 82  ? 9.863   5.052   0.404   1.00 33.90  ? 121 SER A O   1 
ATOM   650  C  CB  . SER A 1 82  ? 9.040   1.873   0.107   1.00 30.00  ? 121 SER A CB  1 
ATOM   651  O  OG  . SER A 1 82  ? 7.902   2.668   -0.172  1.00 30.00  ? 121 SER A OG  1 
ATOM   652  N  N   . CYS A 1 83  ? 10.192  4.112   -1.593  1.00 33.20  ? 122 CYS A N   1 
ATOM   653  C  CA  . CYS A 1 83  ? 9.924   5.364   -2.329  1.00 34.25  ? 122 CYS A CA  1 
ATOM   654  C  C   . CYS A 1 83  ? 8.414   5.672   -2.277  1.00 30.93  ? 122 CYS A C   1 
ATOM   655  O  O   . CYS A 1 83  ? 7.608   4.815   -1.972  1.00 28.55  ? 122 CYS A O   1 
ATOM   656  C  CB  . CYS A 1 83  ? 10.506  5.325   -3.737  1.00 36.45  ? 122 CYS A CB  1 
ATOM   657  S  SG  . CYS A 1 83  ? 12.298  5.592   -3.769  1.00 42.11  ? 122 CYS A SG  1 
ATOM   658  N  N   . VAL A 1 84  ? 8.049   6.909   -2.558  1.00 28.50  ? 123 VAL A N   1 
ATOM   659  C  CA  . VAL A 1 84  ? 6.637   7.324   -2.454  1.00 27.18  ? 123 VAL A CA  1 
ATOM   660  C  C   . VAL A 1 84  ? 6.054   7.332   -3.871  1.00 25.77  ? 123 VAL A C   1 
ATOM   661  O  O   . VAL A 1 84  ? 6.760   7.717   -4.800  1.00 30.75  ? 123 VAL A O   1 
ATOM   662  C  CB  . VAL A 1 84  ? 6.501   8.678   -1.747  1.00 34.37  ? 123 VAL A CB  1 
ATOM   663  C  CG1 . VAL A 1 84  ? 7.332   9.741   -2.411  1.00 37.95  ? 123 VAL A CG1 1 
ATOM   664  C  CG2 . VAL A 1 84  ? 5.070   9.140   -1.665  1.00 39.87  ? 123 VAL A CG2 1 
ATOM   665  N  N   . TYR A 1 85  ? 4.819   6.900   -3.970  1.00 28.22  ? 124 TYR A N   1 
ATOM   666  C  CA  . TYR A 1 85  ? 3.986   6.940   -5.194  1.00 26.27  ? 124 TYR A CA  1 
ATOM   667  C  C   . TYR A 1 85  ? 3.021   8.097   -5.021  1.00 26.96  ? 124 TYR A C   1 
ATOM   668  O  O   . TYR A 1 85  ? 2.274   8.096   -4.005  1.00 27.37  ? 124 TYR A O   1 
ATOM   669  C  CB  . TYR A 1 85  ? 3.210   5.636   -5.343  1.00 27.19  ? 124 TYR A CB  1 
ATOM   670  C  CG  . TYR A 1 85  ? 2.184   5.640   -6.459  1.00 29.71  ? 124 TYR A CG  1 
ATOM   671  C  CD1 . TYR A 1 85  ? 2.565   5.422   -7.780  1.00 31.58  ? 124 TYR A CD1 1 
ATOM   672  C  CD2 . TYR A 1 85  ? 0.843   5.898   -6.210  1.00 28.11  ? 124 TYR A CD2 1 
ATOM   673  C  CE1 . TYR A 1 85  ? 1.646   5.468   -8.806  1.00 29.83  ? 124 TYR A CE1 1 
ATOM   674  C  CE2 . TYR A 1 85  ? -0.109  5.867   -7.221  1.00 29.31  ? 124 TYR A CE2 1 
ATOM   675  C  CZ  . TYR A 1 85  ? 0.305   5.675   -8.532  1.00 30.79  ? 124 TYR A CZ  1 
ATOM   676  O  OH  . TYR A 1 85  ? -0.611  5.697   -9.547  1.00 29.29  ? 124 TYR A OH  1 
ATOM   677  N  N   . ILE A 1 86  ? 2.973   9.003   -5.998  1.00 26.02  ? 125 ILE A N   1 
ATOM   678  C  CA  . ILE A 1 86  ? 2.026   10.148  -5.990  1.00 28.09  ? 125 ILE A CA  1 
ATOM   679  C  C   . ILE A 1 86  ? 0.752   9.719   -6.734  1.00 29.72  ? 125 ILE A C   1 
ATOM   680  O  O   . ILE A 1 86  ? 0.817   9.307   -7.928  1.00 27.62  ? 125 ILE A O   1 
ATOM   681  C  CB  . ILE A 1 86  ? 2.695   11.389  -6.595  1.00 31.82  ? 125 ILE A CB  1 
ATOM   682  C  CG1 . ILE A 1 86  ? 4.024   11.698  -5.901  1.00 34.20  ? 125 ILE A CG1 1 
ATOM   683  C  CG2 . ILE A 1 86  ? 1.748   12.580  -6.539  1.00 31.44  ? 125 ILE A CG2 1 
ATOM   684  C  CD1 . ILE A 1 86  ? 4.835   12.745  -6.626  1.00 41.21  ? 125 ILE A CD1 1 
ATOM   685  N  N   . HIS A 1 87  ? -0.390  9.792   -6.067  1.00 28.32  ? 126 HIS A N   1 
ATOM   686  C  CA  . HIS A 1 87  ? -1.703  9.559   -6.706  1.00 27.98  ? 126 HIS A CA  1 
ATOM   687  C  C   . HIS A 1 87  ? -1.754  10.447  -7.941  1.00 26.13  ? 126 HIS A C   1 
ATOM   688  O  O   . HIS A 1 87  ? -1.545  11.642  -7.849  1.00 24.48  ? 126 HIS A O   1 
ATOM   689  C  CB  . HIS A 1 87  ? -2.900  9.810   -5.792  1.00 24.53  ? 126 HIS A CB  1 
ATOM   690  C  CG  . HIS A 1 87  ? -4.137  9.184   -6.361  1.00 32.14  ? 126 HIS A CG  1 
ATOM   691  N  ND1 . HIS A 1 87  ? -4.847  9.790   -7.395  1.00 32.46  ? 126 HIS A ND1 1 
ATOM   692  C  CD2 . HIS A 1 87  ? -4.731  7.989   -6.168  1.00 32.56  ? 126 HIS A CD2 1 
ATOM   693  C  CE1 . HIS A 1 87  ? -5.871  9.037   -7.735  1.00 33.73  ? 126 HIS A CE1 1 
ATOM   694  N  NE2 . HIS A 1 87  ? -5.824  7.914   -7.015  1.00 34.66  ? 126 HIS A NE2 1 
ATOM   695  N  N   . PRO A 1 88  ? -2.083  9.885   -9.125  1.00 29.96  ? 127 PRO A N   1 
ATOM   696  C  CA  . PRO A 1 88  ? -2.033  10.683  -10.355 1.00 32.72  ? 127 PRO A CA  1 
ATOM   697  C  C   . PRO A 1 88  ? -3.063  11.818  -10.417 1.00 33.44  ? 127 PRO A C   1 
ATOM   698  O  O   . PRO A 1 88  ? -2.857  12.733  -11.184 1.00 33.30  ? 127 PRO A O   1 
ATOM   699  C  CB  . PRO A 1 88  ? -2.168  9.610   -11.455 1.00 30.15  ? 127 PRO A CB  1 
ATOM   700  C  CG  . PRO A 1 88  ? -2.911  8.483   -10.802 1.00 32.05  ? 127 PRO A CG  1 
ATOM   701  C  CD  . PRO A 1 88  ? -2.428  8.486   -9.363  1.00 27.25  ? 127 PRO A CD  1 
ATOM   702  N  N   . ASP A 1 89  ? -4.106  11.829  -9.583  1.00 32.10  ? 128 ASP A N   1 
ATOM   703  C  CA  . ASP A 1 89  ? -5.006  13.007  -9.512  1.00 33.35  ? 128 ASP A CA  1 
ATOM   704  C  C   . ASP A 1 89  ? -4.297  14.178  -8.825  1.00 31.29  ? 128 ASP A C   1 
ATOM   705  O  O   . ASP A 1 89  ? -4.861  15.250  -8.839  1.00 34.42  ? 128 ASP A O   1 
ATOM   706  C  CB  . ASP A 1 89  ? -6.328  12.726  -8.791  1.00 34.98  ? 128 ASP A CB  1 
ATOM   707  C  CG  . ASP A 1 89  ? -7.212  11.671  -9.404  1.00 36.31  ? 128 ASP A CG  1 
ATOM   708  O  OD1 . ASP A 1 89  ? -6.812  11.077  -10.419 1.00 38.36  ? 128 ASP A OD1 1 
ATOM   709  O  OD2 . ASP A 1 89  ? -8.236  11.347  -8.776  1.00 34.46  ? 128 ASP A OD2 1 
ATOM   710  N  N   . SER A 1 90  ? -3.157  13.978  -8.130  1.00 30.47  ? 129 SER A N   1 
ATOM   711  C  CA  . SER A 1 90  ? -2.463  15.037  -7.354  1.00 29.93  ? 129 SER A CA  1 
ATOM   712  C  C   . SER A 1 90  ? -1.846  16.077  -8.282  1.00 30.86  ? 129 SER A C   1 
ATOM   713  O  O   . SER A 1 90  ? -1.451  15.729  -9.379  1.00 32.77  ? 129 SER A O   1 
ATOM   714  C  CB  . SER A 1 90  ? -1.381  14.452  -6.472  1.00 29.38  ? 129 SER A CB  1 
ATOM   715  O  OG  . SER A 1 90  ? -1.906  13.365  -5.724  1.00 27.70  ? 129 SER A OG  1 
ATOM   716  N  N   . PRO A 1 91  ? -1.694  17.354  -7.889  1.00 34.10  ? 130 PRO A N   1 
ATOM   717  C  CA  . PRO A 1 91  ? -2.411  17.971  -6.773  1.00 31.18  ? 130 PRO A CA  1 
ATOM   718  C  C   . PRO A 1 91  ? -3.888  18.191  -7.082  1.00 34.02  ? 130 PRO A C   1 
ATOM   719  O  O   . PRO A 1 91  ? -4.257  18.327  -8.262  1.00 33.79  ? 130 PRO A O   1 
ATOM   720  C  CB  . PRO A 1 91  ? -1.714  19.317  -6.605  1.00 33.84  ? 130 PRO A CB  1 
ATOM   721  C  CG  . PRO A 1 91  ? -1.179  19.612  -7.970  1.00 37.28  ? 130 PRO A CG  1 
ATOM   722  C  CD  . PRO A 1 91  ? -0.734  18.275  -8.491  1.00 36.83  ? 130 PRO A CD  1 
ATOM   723  N  N   . ASN A 1 92  ? -4.733  18.226  -6.060  1.00 33.29  ? 131 ASN A N   1 
ATOM   724  C  CA  . ASN A 1 92  ? -6.176  18.425  -6.321  1.00 35.53  ? 131 ASN A CA  1 
ATOM   725  C  C   . ASN A 1 92  ? -6.882  19.025  -5.108  1.00 39.38  ? 131 ASN A C   1 
ATOM   726  O  O   . ASN A 1 92  ? -6.273  19.125  -4.026  1.00 35.49  ? 131 ASN A O   1 
ATOM   727  C  CB  . ASN A 1 92  ? -6.844  17.174  -6.894  1.00 36.87  ? 131 ASN A CB  1 
ATOM   728  C  CG  . ASN A 1 92  ? -7.755  17.528  -8.056  1.00 37.37  ? 131 ASN A CG  1 
ATOM   729  O  OD1 . ASN A 1 92  ? -8.482  18.518  -7.989  1.00 38.91  ? 131 ASN A OD1 1 
ATOM   730  N  ND2 . ASN A 1 92  ? -7.746  16.713  -9.092  1.00 35.20  ? 131 ASN A ND2 1 
ATOM   731  N  N   . PHE A 1 93  ? -8.079  19.575  -5.346  1.00 37.94  ? 132 PHE A N   1 
ATOM   732  C  CA  . PHE A 1 93  ? -8.854  20.264  -4.294  1.00 40.26  ? 132 PHE A CA  1 
ATOM   733  C  C   . PHE A 1 93  ? -9.349  19.202  -3.317  1.00 35.18  ? 132 PHE A C   1 
ATOM   734  O  O   . PHE A 1 93  ? -9.606  18.062  -3.732  1.00 36.08  ? 132 PHE A O   1 
ATOM   735  C  CB  . PHE A 1 93  ? -9.995  21.093  -4.898  1.00 42.27  ? 132 PHE A CB  1 
ATOM   736  C  CG  . PHE A 1 93  ? -9.508  22.270  -5.703  1.00 38.40  ? 132 PHE A CG  1 
ATOM   737  C  CD1 . PHE A 1 93  ? -9.005  23.398  -5.072  1.00 45.27  ? 132 PHE A CD1 1 
ATOM   738  C  CD2 . PHE A 1 93  ? -9.506  22.233  -7.087  1.00 41.36  ? 132 PHE A CD2 1 
ATOM   739  C  CE1 . PHE A 1 93  ? -8.515  24.471  -5.800  1.00 45.63  ? 132 PHE A CE1 1 
ATOM   740  C  CE2 . PHE A 1 93  ? -9.044  23.319  -7.819  1.00 38.59  ? 132 PHE A CE2 1 
ATOM   741  C  CZ  . PHE A 1 93  ? -8.533  24.424  -7.178  1.00 42.18  ? 132 PHE A CZ  1 
ATOM   742  N  N   . GLY A 1 94  ? -9.471  19.584  -2.057  1.00 39.79  ? 133 GLY A N   1 
ATOM   743  C  CA  . GLY A 1 94  ? -10.151 18.773  -1.039  1.00 39.45  ? 133 GLY A CA  1 
ATOM   744  C  C   . GLY A 1 94  ? -11.457 18.186  -1.551  1.00 39.72  ? 133 GLY A C   1 
ATOM   745  O  O   . GLY A 1 94  ? -11.755 17.051  -1.201  1.00 36.73  ? 133 GLY A O   1 
ATOM   746  N  N   . ALA A 1 95  ? -12.257 18.924  -2.336  1.00 39.37  ? 134 ALA A N   1 
ATOM   747  C  CA  . ALA A 1 95  ? -13.573 18.436  -2.810  1.00 38.51  ? 134 ALA A CA  1 
ATOM   748  C  C   . ALA A 1 95  ? -13.387 17.210  -3.703  1.00 36.27  ? 134 ALA A C   1 
ATOM   749  O  O   . ALA A 1 95  ? -14.235 16.310  -3.698  1.00 40.23  ? 134 ALA A O   1 
ATOM   750  C  CB  . ALA A 1 95  ? -14.295 19.532  -3.555  1.00 41.45  ? 134 ALA A CB  1 
ATOM   751  N  N   . HIS A 1 96  ? -12.326 17.220  -4.501  1.00 36.45  ? 135 HIS A N   1 
ATOM   752  C  CA  . HIS A 1 96  ? -12.024 16.160  -5.492  1.00 37.61  ? 135 HIS A CA  1 
ATOM   753  C  C   . HIS A 1 96  ? -11.805 14.862  -4.736  1.00 35.64  ? 135 HIS A C   1 
ATOM   754  O  O   . HIS A 1 96  ? -12.333 13.777  -5.124  1.00 38.85  ? 135 HIS A O   1 
ATOM   755  C  CB  . HIS A 1 96  ? -10.734 16.502  -6.257  1.00 36.15  ? 135 HIS A CB  1 
ATOM   756  C  CG  . HIS A 1 96  ? -10.379 15.433  -7.222  1.00 36.46  ? 135 HIS A CG  1 
ATOM   757  N  ND1 . HIS A 1 96  ? -10.821 15.454  -8.530  1.00 39.24  ? 135 HIS A ND1 1 
ATOM   758  C  CD2 . HIS A 1 96  ? -9.652  14.308  -7.075  1.00 33.42  ? 135 HIS A CD2 1 
ATOM   759  C  CE1 . HIS A 1 96  ? -10.388 14.376  -9.154  1.00 41.46  ? 135 HIS A CE1 1 
ATOM   760  N  NE2 . HIS A 1 96  ? -9.663  13.650  -8.271  1.00 39.36  ? 135 HIS A NE2 1 
ATOM   761  N  N   . TRP A 1 97  ? -10.983 14.984  -3.723  1.00 37.49  ? 136 TRP A N   1 
ATOM   762  C  CA  . TRP A 1 97  ? -10.556 13.820  -2.919  1.00 36.84  ? 136 TRP A CA  1 
ATOM   763  C  C   . TRP A 1 97  ? -11.722 13.247  -2.114  1.00 39.44  ? 136 TRP A C   1 
ATOM   764  O  O   . TRP A 1 97  ? -11.751 12.012  -1.932  1.00 36.70  ? 136 TRP A O   1 
ATOM   765  C  CB  . TRP A 1 97  ? -9.438  14.267  -2.011  1.00 33.00  ? 136 TRP A CB  1 
ATOM   766  C  CG  . TRP A 1 97  ? -8.201  14.675  -2.730  1.00 32.00  ? 136 TRP A CG  1 
ATOM   767  C  CD1 . TRP A 1 97  ? -7.604  15.887  -2.648  1.00 28.43  ? 136 TRP A CD1 1 
ATOM   768  C  CD2 . TRP A 1 97  ? -7.386  13.871  -3.594  1.00 29.33  ? 136 TRP A CD2 1 
ATOM   769  N  NE1 . TRP A 1 97  ? -6.460  15.891  -3.381  1.00 30.68  ? 136 TRP A NE1 1 
ATOM   770  C  CE2 . TRP A 1 97  ? -6.329  14.694  -4.019  1.00 25.95  ? 136 TRP A CE2 1 
ATOM   771  C  CE3 . TRP A 1 97  ? -7.449  12.556  -4.064  1.00 29.09  ? 136 TRP A CE3 1 
ATOM   772  C  CZ2 . TRP A 1 97  ? -5.283  14.233  -4.805  1.00 26.84  ? 136 TRP A CZ2 1 
ATOM   773  C  CZ3 . TRP A 1 97  ? -6.437  12.102  -4.876  1.00 31.28  ? 136 TRP A CZ3 1 
ATOM   774  C  CH2 . TRP A 1 97  ? -5.374  12.926  -5.238  1.00 26.88  ? 136 TRP A CH2 1 
ATOM   775  N  N   . MET A 1 98  ? -12.634 14.099  -1.626  1.00 41.09  ? 137 MET A N   1 
ATOM   776  C  CA  . MET A 1 98  ? -13.744 13.654  -0.733  1.00 43.47  ? 137 MET A CA  1 
ATOM   777  C  C   . MET A 1 98  ? -14.968 13.186  -1.530  1.00 46.52  ? 137 MET A C   1 
ATOM   778  O  O   . MET A 1 98  ? -15.833 12.586  -0.893  1.00 47.58  ? 137 MET A O   1 
ATOM   779  C  CB  . MET A 1 98  ? -14.169 14.766  0.225   1.00 44.81  ? 137 MET A CB  1 
ATOM   780  C  CG  . MET A 1 98  ? -13.112 15.152  1.221   1.00 45.63  ? 137 MET A CG  1 
ATOM   781  S  SD  . MET A 1 98  ? -13.754 16.318  2.464   1.00 42.65  ? 137 MET A SD  1 
ATOM   782  C  CE  . MET A 1 98  ? -13.677 17.861  1.548   1.00 48.08  ? 137 MET A CE  1 
ATOM   783  N  N   . LYS A 1 99  ? -15.027 13.381  -2.858  1.00 48.78  ? 138 LYS A N   1 
ATOM   784  C  CA  . LYS A 1 99  ? -16.247 13.077  -3.670  1.00 48.83  ? 138 LYS A CA  1 
ATOM   785  C  C   . LYS A 1 99  ? -16.369 11.573  -3.952  1.00 51.39  ? 138 LYS A C   1 
ATOM   786  O  O   . LYS A 1 99  ? -17.498 11.102  -4.148  1.00 49.11  ? 138 LYS A O   1 
ATOM   787  C  CB  . LYS A 1 99  ? -16.329 13.948  -4.940  1.00 51.45  ? 138 LYS A CB  1 
ATOM   788  C  CG  . LYS A 1 99  ? -15.381 13.634  -6.094  1.00 53.92  ? 138 LYS A CG  1 
ATOM   789  C  CD  . LYS A 1 99  ? -15.353 14.724  -7.187  1.00 62.85  ? 138 LYS A CD  1 
ATOM   790  C  CE  . LYS A 1 99  ? -14.577 14.353  -8.444  1.00 67.11  ? 138 LYS A CE  1 
ATOM   791  N  NZ  . LYS A 1 99  ? -14.043 15.539  -9.171  1.00 70.96  ? 138 LYS A NZ  1 
ATOM   792  N  N   . ALA A 1 100 ? -15.272 10.811  -3.932  1.00 46.33  ? 139 ALA A N   1 
ATOM   793  C  CA  . ALA A 1 100 ? -15.309 9.346   -4.111  1.00 41.61  ? 139 ALA A CA  1 
ATOM   794  C  C   . ALA A 1 100 ? -14.063 8.756   -3.467  1.00 42.90  ? 139 ALA A C   1 
ATOM   795  O  O   . ALA A 1 100 ? -13.121 9.498   -3.196  1.00 42.72  ? 139 ALA A O   1 
ATOM   796  C  CB  . ALA A 1 100 ? -15.391 9.000   -5.577  1.00 44.29  ? 139 ALA A CB  1 
ATOM   797  N  N   . PRO A 1 101 ? -14.043 7.435   -3.183  1.00 40.76  ? 140 PRO A N   1 
ATOM   798  C  CA  . PRO A 1 101 ? -12.884 6.797   -2.575  1.00 40.52  ? 140 PRO A CA  1 
ATOM   799  C  C   . PRO A 1 101 ? -11.637 7.108   -3.406  1.00 37.88  ? 140 PRO A C   1 
ATOM   800  O  O   . PRO A 1 101 ? -11.730 7.129   -4.604  1.00 35.82  ? 140 PRO A O   1 
ATOM   801  C  CB  . PRO A 1 101 ? -13.201 5.298   -2.617  1.00 41.18  ? 140 PRO A CB  1 
ATOM   802  C  CG  . PRO A 1 101 ? -14.715 5.225   -2.687  1.00 46.90  ? 140 PRO A CG  1 
ATOM   803  C  CD  . PRO A 1 101 ? -15.137 6.478   -3.425  1.00 46.43  ? 140 PRO A CD  1 
ATOM   804  N  N   . VAL A 1 102 ? -10.518 7.378   -2.749  1.00 32.11  ? 141 VAL A N   1 
ATOM   805  C  CA  . VAL A 1 102 ? -9.208  7.593   -3.432  1.00 32.90  ? 141 VAL A CA  1 
ATOM   806  C  C   . VAL A 1 102 ? -8.590  6.219   -3.717  1.00 33.67  ? 141 VAL A C   1 
ATOM   807  O  O   . VAL A 1 102 ? -8.210  5.488   -2.775  1.00 28.91  ? 141 VAL A O   1 
ATOM   808  C  CB  . VAL A 1 102 ? -8.281  8.512   -2.629  1.00 31.80  ? 141 VAL A CB  1 
ATOM   809  C  CG1 . VAL A 1 102 ? -6.970  8.761   -3.349  1.00 28.86  ? 141 VAL A CG1 1 
ATOM   810  C  CG2 . VAL A 1 102 ? -8.978  9.817   -2.286  1.00 37.18  ? 141 VAL A CG2 1 
ATOM   811  N  N   . SER A 1 103 ? -8.482  5.868   -4.995  1.00 31.65  ? 142 SER A N   1 
ATOM   812  C  CA  . SER A 1 103 ? -8.098  4.514   -5.434  1.00 32.90  ? 142 SER A CA  1 
ATOM   813  C  C   . SER A 1 103 ? -6.650  4.502   -5.945  1.00 31.11  ? 142 SER A C   1 
ATOM   814  O  O   . SER A 1 103 ? -6.351  5.165   -6.939  1.00 30.84  ? 142 SER A O   1 
ATOM   815  C  CB  . SER A 1 103 ? -9.072  4.068   -6.467  1.00 33.25  ? 142 SER A CB  1 
ATOM   816  O  OG  . SER A 1 103 ? -8.690  2.845   -7.024  1.00 38.84  ? 142 SER A OG  1 
ATOM   817  N  N   . PHE A 1 104 ? -5.766  3.721   -5.319  1.00 27.47  ? 143 PHE A N   1 
ATOM   818  C  CA  . PHE A 1 104 ? -4.360  3.602   -5.801  1.00 26.83  ? 143 PHE A CA  1 
ATOM   819  C  C   . PHE A 1 104 ? -4.233  2.456   -6.814  1.00 30.43  ? 143 PHE A C   1 
ATOM   820  O  O   . PHE A 1 104 ? -3.391  1.543   -6.670  1.00 27.21  ? 143 PHE A O   1 
ATOM   821  C  CB  . PHE A 1 104 ? -3.453  3.471   -4.580  1.00 27.02  ? 143 PHE A CB  1 
ATOM   822  C  CG  . PHE A 1 104 ? -3.366  4.758   -3.797  1.00 28.67  ? 143 PHE A CG  1 
ATOM   823  C  CD1 . PHE A 1 104 ? -2.429  5.727   -4.099  1.00 26.87  ? 143 PHE A CD1 1 
ATOM   824  C  CD2 . PHE A 1 104 ? -4.267  5.005   -2.773  1.00 31.03  ? 143 PHE A CD2 1 
ATOM   825  C  CE1 . PHE A 1 104 ? -2.338  6.881   -3.345  1.00 30.34  ? 143 PHE A CE1 1 
ATOM   826  C  CE2 . PHE A 1 104 ? -4.173  6.162   -2.020  1.00 33.01  ? 143 PHE A CE2 1 
ATOM   827  C  CZ  . PHE A 1 104 ? -3.233  7.107   -2.324  1.00 29.17  ? 143 PHE A CZ  1 
ATOM   828  N  N   . SER A 1 105 ? -5.053  2.471   -7.859  1.00 31.64  ? 144 SER A N   1 
ATOM   829  C  CA  . SER A 1 105 ? -5.196  1.299   -8.765  1.00 32.10  ? 144 SER A CA  1 
ATOM   830  C  C   . SER A 1 105 ? -3.979  1.148   -9.685  1.00 28.57  ? 144 SER A C   1 
ATOM   831  O  O   . SER A 1 105 ? -3.810  0.037   -10.234 1.00 32.94  ? 144 SER A O   1 
ATOM   832  C  CB  . SER A 1 105 ? -6.447  1.408   -9.560  1.00 30.88  ? 144 SER A CB  1 
ATOM   833  O  OG  . SER A 1 105 ? -6.407  2.614   -10.271 1.00 32.81  ? 144 SER A OG  1 
ATOM   834  N  N   . LYS A 1 106 ? -3.183  2.196   -9.885  1.00 29.43  ? 145 LYS A N   1 
ATOM   835  C  CA  . LYS A 1 106 ? -2.126  2.234   -10.933 1.00 28.38  ? 145 LYS A CA  1 
ATOM   836  C  C   . LYS A 1 106 ? -0.712  2.121   -10.336 1.00 30.34  ? 145 LYS A C   1 
ATOM   837  O  O   . LYS A 1 106 ? 0.274   2.072   -11.104 1.00 27.14  ? 145 LYS A O   1 
ATOM   838  C  CB  . LYS A 1 106 ? -2.239  3.508   -11.768 1.00 29.76  ? 145 LYS A CB  1 
ATOM   839  C  CG  . LYS A 1 106 ? -3.569  3.703   -12.486 1.00 29.43  ? 145 LYS A CG  1 
ATOM   840  C  CD  . LYS A 1 106 ? -3.933  2.550   -13.398 1.00 32.44  ? 145 LYS A CD  1 
ATOM   841  C  CE  . LYS A 1 106 ? -4.979  2.941   -14.433 1.00 29.97  ? 145 LYS A CE  1 
ATOM   842  N  NZ  . LYS A 1 106 ? -5.326  1.769   -15.265 1.00 35.13  ? 145 LYS A NZ  1 
ATOM   843  N  N   . VAL A 1 107 ? -0.570  2.023   -9.010  1.00 29.13  ? 146 VAL A N   1 
ATOM   844  C  CA  . VAL A 1 107 ? 0.785   1.803   -8.442  1.00 29.11  ? 146 VAL A CA  1 
ATOM   845  C  C   . VAL A 1 107 ? 1.229   0.408   -8.876  1.00 26.62  ? 146 VAL A C   1 
ATOM   846  O  O   . VAL A 1 107 ? 0.426   -0.516  -8.798  1.00 30.29  ? 146 VAL A O   1 
ATOM   847  C  CB  . VAL A 1 107 ? 0.851   1.959   -6.910  1.00 26.51  ? 146 VAL A CB  1 
ATOM   848  C  CG1 . VAL A 1 107 ? 0.002   0.906   -6.201  1.00 30.65  ? 146 VAL A CG1 1 
ATOM   849  C  CG2 . VAL A 1 107 ? 2.290   1.933   -6.436  1.00 29.90  ? 146 VAL A CG2 1 
ATOM   850  N  N   . LYS A 1 108 ? 2.488   0.294   -9.266  1.00 28.76  ? 147 LYS A N   1 
ATOM   851  C  CA  . LYS A 1 108 ? 3.132   -0.984  -9.618  1.00 31.67  ? 147 LYS A CA  1 
ATOM   852  C  C   . LYS A 1 108 ? 4.272   -1.266  -8.646  1.00 29.54  ? 147 LYS A C   1 
ATOM   853  O  O   . LYS A 1 108 ? 5.081   -0.358  -8.394  1.00 30.65  ? 147 LYS A O   1 
ATOM   854  C  CB  . LYS A 1 108 ? 3.679   -0.923  -11.040 1.00 36.10  ? 147 LYS A CB  1 
ATOM   855  C  CG  . LYS A 1 108 ? 2.631   -0.692  -12.115 1.00 40.85  ? 147 LYS A CG  1 
ATOM   856  C  CD  . LYS A 1 108 ? 3.253   -0.301  -13.442 1.00 45.75  ? 147 LYS A CD  1 
ATOM   857  C  CE  . LYS A 1 108 ? 3.063   -1.346  -14.511 1.00 49.75  ? 147 LYS A CE  1 
ATOM   858  N  NZ  . LYS A 1 108 ? 3.361   -0.775  -15.842 1.00 49.18  ? 147 LYS A NZ  1 
ATOM   859  N  N   . LEU A 1 109 ? 4.289   -2.478  -8.129  1.00 32.13  ? 148 LEU A N   1 
ATOM   860  C  CA  . LEU A 1 109 ? 5.295   -2.980  -7.156  1.00 30.83  ? 148 LEU A CA  1 
ATOM   861  C  C   . LEU A 1 109 ? 6.340   -3.796  -7.920  1.00 31.68  ? 148 LEU A C   1 
ATOM   862  O  O   . LEU A 1 109 ? 5.937   -4.751  -8.665  1.00 33.91  ? 148 LEU A O   1 
ATOM   863  C  CB  . LEU A 1 109 ? 4.563   -3.820  -6.120  1.00 27.49  ? 148 LEU A CB  1 
ATOM   864  C  CG  . LEU A 1 109 ? 3.396   -3.127  -5.408  1.00 28.01  ? 148 LEU A CG  1 
ATOM   865  C  CD1 . LEU A 1 109 ? 2.839   -4.022  -4.331  1.00 31.63  ? 148 LEU A CD1 1 
ATOM   866  C  CD2 . LEU A 1 109 ? 3.834   -1.764  -4.883  1.00 30.61  ? 148 LEU A CD2 1 
ATOM   867  N  N   . THR A 1 110 ? 7.610   -3.438  -7.791  1.00 33.28  ? 149 THR A N   1 
ATOM   868  C  CA  . THR A 1 110 ? 8.729   -4.125  -8.497  1.00 36.03  ? 149 THR A CA  1 
ATOM   869  C  C   . THR A 1 110 ? 9.747   -4.633  -7.470  1.00 39.72  ? 149 THR A C   1 
ATOM   870  O  O   . THR A 1 110 ? 9.717   -4.178  -6.311  1.00 38.08  ? 149 THR A O   1 
ATOM   871  C  CB  . THR A 1 110 ? 9.377   -3.206  -9.547  1.00 39.76  ? 149 THR A CB  1 
ATOM   872  O  OG1 . THR A 1 110 ? 10.434  -3.936  -10.180 1.00 40.34  ? 149 THR A OG1 1 
ATOM   873  C  CG2 . THR A 1 110 ? 9.935   -1.928  -8.960  1.00 36.40  ? 149 THR A CG2 1 
ATOM   874  N  N   . ASN A 1 111 ? 10.620  -5.545  -7.898  1.00 36.86  ? 150 ASN A N   1 
ATOM   875  C  CA  . ASN A 1 111 ? 11.769  -6.053  -7.100  1.00 42.24  ? 150 ASN A CA  1 
ATOM   876  C  C   . ASN A 1 111 ? 13.083  -5.489  -7.655  1.00 47.86  ? 150 ASN A C   1 
ATOM   877  O  O   . ASN A 1 111 ? 14.123  -5.881  -7.119  1.00 47.99  ? 150 ASN A O   1 
ATOM   878  C  CB  . ASN A 1 111 ? 11.766  -7.581  -7.029  1.00 42.30  ? 150 ASN A CB  1 
ATOM   879  C  CG  . ASN A 1 111 ? 11.609  -8.244  -8.388  1.00 36.93  ? 150 ASN A CG  1 
ATOM   880  O  OD1 . ASN A 1 111 ? 11.330  -9.432  -8.472  1.00 47.81  ? 150 ASN A OD1 1 
ATOM   881  N  ND2 . ASN A 1 111 ? 11.754  -7.490  -9.451  1.00 40.78  ? 150 ASN A ND2 1 
ATOM   882  N  N   . LYS A 1 112 ? 13.040  -4.573  -8.636  1.00 55.44  ? 151 LYS A N   1 
ATOM   883  C  CA  . LYS A 1 112 ? 14.248  -3.974  -9.286  1.00 61.78  ? 151 LYS A CA  1 
ATOM   884  C  C   . LYS A 1 112 ? 14.176  -2.442  -9.274  1.00 71.34  ? 151 LYS A C   1 
ATOM   885  O  O   . LYS A 1 112 ? 13.079  -1.899  -9.487  1.00 70.85  ? 151 LYS A O   1 
ATOM   886  C  CB  . LYS A 1 112 ? 14.390  -4.439  -10.742 1.00 66.35  ? 151 LYS A CB  1 
ATOM   887  C  CG  . LYS A 1 112 ? 14.584  -5.938  -10.937 1.00 69.98  ? 151 LYS A CG  1 
ATOM   888  C  CD  . LYS A 1 112 ? 15.908  -6.491  -10.420 1.00 72.91  ? 151 LYS A CD  1 
ATOM   889  C  CE  . LYS A 1 112 ? 15.876  -7.996  -10.239 1.00 74.32  ? 151 LYS A CE  1 
ATOM   890  N  NZ  . LYS A 1 112 ? 17.161  -8.514  -9.707  1.00 75.75  ? 151 LYS A NZ  1 
ATOM   891  N  N   . LEU A 1 113 ? 15.312  -1.783  -9.015  1.00 78.29  ? 152 LEU A N   1 
ATOM   892  C  CA  . LEU A 1 113 ? 15.556  -0.345  -9.313  1.00 82.55  ? 152 LEU A CA  1 
ATOM   893  C  C   . LEU A 1 113 ? 15.123  -0.065  -10.758 1.00 88.07  ? 152 LEU A C   1 
ATOM   894  O  O   . LEU A 1 113 ? 15.619  -0.756  -11.669 1.00 83.68  ? 152 LEU A O   1 
ATOM   895  C  CB  . LEU A 1 113 ? 17.030  0.025   -9.079  1.00 84.28  ? 152 LEU A CB  1 
ATOM   896  C  CG  . LEU A 1 113 ? 18.111  -1.048  -9.285  1.00 89.93  ? 152 LEU A CG  1 
ATOM   897  C  CD1 . LEU A 1 113 ? 18.232  -1.980  -8.081  1.00 88.63  ? 152 LEU A CD1 1 
ATOM   898  C  CD2 . LEU A 1 113 ? 17.942  -1.847  -10.576 1.00 91.08  ? 152 LEU A CD2 1 
ATOM   899  N  N   . ASN A 1 114 ? 14.210  0.890   -10.956 1.00 96.25  ? 153 ASN A N   1 
ATOM   900  C  CA  . ASN A 1 114 ? 13.501  1.092   -12.249 1.00 101.84 ? 153 ASN A CA  1 
ATOM   901  C  C   . ASN A 1 114 ? 13.414  2.584   -12.580 1.00 103.64 ? 153 ASN A C   1 
ATOM   902  O  O   . ASN A 1 114 ? 13.595  3.408   -11.660 1.00 107.07 ? 153 ASN A O   1 
ATOM   903  C  CB  . ASN A 1 114 ? 12.116  0.436   -12.234 1.00 103.86 ? 153 ASN A CB  1 
ATOM   904  C  CG  . ASN A 1 114 ? 12.158  -1.048  -12.538 1.00 107.16 ? 153 ASN A CG  1 
ATOM   905  O  OD1 . ASN A 1 114 ? 13.059  -1.531  -13.225 1.00 108.59 ? 153 ASN A OD1 1 
ATOM   906  N  ND2 . ASN A 1 114 ? 11.180  -1.784  -12.035 1.00 108.29 ? 153 ASN A ND2 1 
ATOM   907  N  N   . GLY A 1 115 ? 13.142  2.889   -13.857 1.00 101.90 ? 154 GLY A N   1 
ATOM   908  C  CA  . GLY A 1 115 ? 13.072  4.249   -14.428 1.00 98.90  ? 154 GLY A CA  1 
ATOM   909  C  C   . GLY A 1 115 ? 12.247  5.193   -13.575 1.00 90.78  ? 154 GLY A C   1 
ATOM   910  O  O   . GLY A 1 115 ? 12.845  6.032   -12.882 1.00 87.92  ? 154 GLY A O   1 
ATOM   911  N  N   . GLY A 1 116 ? 10.921  5.061   -13.629 1.00 86.01  ? 155 GLY A N   1 
ATOM   912  C  CA  . GLY A 1 116 ? 9.981   5.942   -12.911 1.00 84.13  ? 155 GLY A CA  1 
ATOM   913  C  C   . GLY A 1 116 ? 8.662   5.251   -12.630 1.00 75.28  ? 155 GLY A C   1 
ATOM   914  O  O   . GLY A 1 116 ? 8.407   4.197   -13.226 1.00 79.49  ? 155 GLY A O   1 
ATOM   915  N  N   . GLY A 1 117 ? 7.848   5.843   -11.758 1.00 71.29  ? 156 GLY A N   1 
ATOM   916  C  CA  . GLY A 1 117 ? 6.525   5.327   -11.362 1.00 64.52  ? 156 GLY A CA  1 
ATOM   917  C  C   . GLY A 1 117 ? 6.637   4.198   -10.347 1.00 59.40  ? 156 GLY A C   1 
ATOM   918  O  O   . GLY A 1 117 ? 6.312   4.441   -9.167  1.00 59.42  ? 156 GLY A O   1 
ATOM   919  N  N   . GLN A 1 118 ? 7.097   3.022   -10.798 1.00 51.64  ? 157 GLN A N   1 
ATOM   920  C  CA  . GLN A 1 118 ? 7.122   1.735   -10.043 1.00 45.87  ? 157 GLN A CA  1 
ATOM   921  C  C   . GLN A 1 118 ? 7.763   1.949   -8.668  1.00 41.26  ? 157 GLN A C   1 
ATOM   922  O  O   . GLN A 1 118 ? 8.663   2.775   -8.564  1.00 40.31  ? 157 GLN A O   1 
ATOM   923  C  CB  . GLN A 1 118 ? 7.946   0.683   -10.788 1.00 46.76  ? 157 GLN A CB  1 
ATOM   924  C  CG  . GLN A 1 118 ? 7.402   0.340   -12.163 1.00 55.17  ? 157 GLN A CG  1 
ATOM   925  C  CD  . GLN A 1 118 ? 8.460   0.512   -13.223 1.00 56.42  ? 157 GLN A CD  1 
ATOM   926  O  OE1 . GLN A 1 118 ? 8.943   -0.453  -13.808 1.00 66.44  ? 157 GLN A OE1 1 
ATOM   927  N  NE2 . GLN A 1 118 ? 8.837   1.753   -13.472 1.00 55.08  ? 157 GLN A NE2 1 
ATOM   928  N  N   . ILE A 1 119 ? 7.303   1.230   -7.657  1.00 35.38  ? 158 ILE A N   1 
ATOM   929  C  CA  . ILE A 1 119 ? 7.869   1.307   -6.282  1.00 33.44  ? 158 ILE A CA  1 
ATOM   930  C  C   . ILE A 1 119 ? 8.591   -0.016  -6.054  1.00 32.62  ? 158 ILE A C   1 
ATOM   931  O  O   . ILE A 1 119 ? 7.927   -1.073  -6.155  1.00 30.88  ? 158 ILE A O   1 
ATOM   932  C  CB  . ILE A 1 119 ? 6.764   1.526   -5.234  1.00 28.62  ? 158 ILE A CB  1 
ATOM   933  C  CG1 . ILE A 1 119 ? 5.943   2.786   -5.505  1.00 27.11  ? 158 ILE A CG1 1 
ATOM   934  C  CG2 . ILE A 1 119 ? 7.330   1.458   -3.841  1.00 31.21  ? 158 ILE A CG2 1 
ATOM   935  C  CD1 . ILE A 1 119 ? 6.709   4.094   -5.521  1.00 27.19  ? 158 ILE A CD1 1 
ATOM   936  N  N   . MET A 1 120 ? 9.890   0.056   -5.758  1.00 32.73  ? 159 MET A N   1 
ATOM   937  C  CA  . MET A 1 120 ? 10.728  -1.140  -5.515  1.00 38.05  ? 159 MET A CA  1 
ATOM   938  C  C   . MET A 1 120 ? 10.525  -1.591  -4.074  1.00 34.51  ? 159 MET A C   1 
ATOM   939  O  O   . MET A 1 120 ? 10.640  -0.742  -3.171  1.00 34.76  ? 159 MET A O   1 
ATOM   940  C  CB  . MET A 1 120 ? 12.214  -0.867  -5.765  1.00 40.16  ? 159 MET A CB  1 
ATOM   941  C  CG  . MET A 1 120 ? 13.055  -2.134  -5.739  1.00 46.93  ? 159 MET A CG  1 
ATOM   942  S  SD  . MET A 1 120 ? 14.799  -1.726  -5.814  1.00 59.08  ? 159 MET A SD  1 
ATOM   943  C  CE  . MET A 1 120 ? 15.122  -1.492  -4.064  1.00 61.35  ? 159 MET A CE  1 
ATOM   944  N  N   . LEU A 1 121 ? 10.113  -2.846  -3.891  1.00 31.84  ? 160 LEU A N   1 
ATOM   945  C  CA  . LEU A 1 121 ? 10.033  -3.502  -2.565  1.00 28.74  ? 160 LEU A CA  1 
ATOM   946  C  C   . LEU A 1 121 ? 11.018  -4.659  -2.566  1.00 36.01  ? 160 LEU A C   1 
ATOM   947  O  O   . LEU A 1 121 ? 11.311  -5.188  -3.664  1.00 35.17  ? 160 LEU A O   1 
ATOM   948  C  CB  . LEU A 1 121 ? 8.625   -3.996  -2.280  1.00 31.92  ? 160 LEU A CB  1 
ATOM   949  C  CG  . LEU A 1 121 ? 7.523   -2.958  -2.360  1.00 28.06  ? 160 LEU A CG  1 
ATOM   950  C  CD1 . LEU A 1 121 ? 6.186   -3.602  -2.042  1.00 27.72  ? 160 LEU A CD1 1 
ATOM   951  C  CD2 . LEU A 1 121 ? 7.788   -1.775  -1.416  1.00 29.03  ? 160 LEU A CD2 1 
ATOM   952  N  N   . ASN A 1 122 ? 11.488  -5.020  -1.377  1.00 39.54  ? 161 ASN A N   1 
ATOM   953  C  CA  . ASN A 1 122 ? 12.304  -6.234  -1.107  1.00 38.83  ? 161 ASN A CA  1 
ATOM   954  C  C   . ASN A 1 122 ? 11.376  -7.443  -1.019  1.00 42.18  ? 161 ASN A C   1 
ATOM   955  O  O   . ASN A 1 122 ? 10.501  -7.527  -0.090  1.00 40.40  ? 161 ASN A O   1 
ATOM   956  C  CB  . ASN A 1 122 ? 13.161  -6.078  0.153   1.00 46.26  ? 161 ASN A CB  1 
ATOM   957  C  CG  . ASN A 1 122 ? 14.253  -5.040  0.007   1.00 48.81  ? 161 ASN A CG  1 
ATOM   958  O  OD1 . ASN A 1 122 ? 14.828  -4.877  -1.073  1.00 45.40  ? 161 ASN A OD1 1 
ATOM   959  N  ND2 . ASN A 1 122 ? 14.522  -4.314  1.085   1.00 58.89  ? 161 ASN A ND2 1 
ATOM   960  N  N   . SER A 1 123 ? 11.554  -8.385  -1.946  1.00 36.93  ? 162 SER A N   1 
ATOM   961  C  CA  . SER A 1 123 ? 10.827  -9.670  -1.927  1.00 39.98  ? 162 SER A CA  1 
ATOM   962  C  C   . SER A 1 123 ? 11.018  -10.332 -0.557  1.00 31.97  ? 162 SER A C   1 
ATOM   963  O  O   . SER A 1 123 ? 12.108  -10.184 0.013   1.00 34.82  ? 162 SER A O   1 
ATOM   964  C  CB  . SER A 1 123 ? 11.296  -10.557 -3.058  1.00 45.11  ? 162 SER A CB  1 
ATOM   965  O  OG  . SER A 1 123 ? 10.360  -11.603 -3.251  1.00 57.50  ? 162 SER A OG  1 
ATOM   966  N  N   . LEU A 1 124 ? 10.004  -11.061 -0.087  1.00 34.14  ? 163 LEU A N   1 
ATOM   967  C  CA  . LEU A 1 124 ? 9.952   -11.825 1.182   1.00 36.47  ? 163 LEU A CA  1 
ATOM   968  C  C   . LEU A 1 124 ? 10.077  -10.898 2.409   1.00 37.23  ? 163 LEU A C   1 
ATOM   969  O  O   . LEU A 1 124 ? 10.383  -11.401 3.505   1.00 34.31  ? 163 LEU A O   1 
ATOM   970  C  CB  . LEU A 1 124 ? 11.034  -12.908 1.170   1.00 42.35  ? 163 LEU A CB  1 
ATOM   971  C  CG  . LEU A 1 124 ? 10.937  -13.880 -0.012  1.00 46.22  ? 163 LEU A CG  1 
ATOM   972  C  CD1 . LEU A 1 124 ? 12.086  -14.881 0.002   1.00 49.51  ? 163 LEU A CD1 1 
ATOM   973  C  CD2 . LEU A 1 124 ? 9.596   -14.602 -0.012  1.00 46.95  ? 163 LEU A CD2 1 
ATOM   974  N  N   . HIS A 1 125 ? 9.795   -9.607  2.258   1.00 32.26  ? 164 HIS A N   1 
ATOM   975  C  CA  . HIS A 1 125 ? 9.612   -8.685  3.408   1.00 31.82  ? 164 HIS A CA  1 
ATOM   976  C  C   . HIS A 1 125 ? 8.135   -8.372  3.518   1.00 34.04  ? 164 HIS A C   1 
ATOM   977  O  O   . HIS A 1 125 ? 7.394   -8.431  2.487   1.00 28.35  ? 164 HIS A O   1 
ATOM   978  C  CB  . HIS A 1 125 ? 10.486  -7.440  3.293   1.00 33.42  ? 164 HIS A CB  1 
ATOM   979  C  CG  . HIS A 1 125 ? 11.916  -7.789  3.504   1.00 40.66  ? 164 HIS A CG  1 
ATOM   980  N  ND1 . HIS A 1 125 ? 12.608  -8.652  2.653   1.00 47.20  ? 164 HIS A ND1 1 
ATOM   981  C  CD2 . HIS A 1 125 ? 12.767  -7.472  4.504   1.00 40.07  ? 164 HIS A CD2 1 
ATOM   982  C  CE1 . HIS A 1 125 ? 13.836  -8.841  3.125   1.00 44.19  ? 164 HIS A CE1 1 
ATOM   983  N  NE2 . HIS A 1 125 ? 13.966  -8.103  4.247   1.00 43.47  ? 164 HIS A NE2 1 
ATOM   984  N  N   . LYS A 1 126 ? 7.718   -8.128  4.746   1.00 27.52  ? 165 LYS A N   1 
ATOM   985  C  CA  . LYS A 1 126 ? 6.317   -7.859  5.055   1.00 28.41  ? 165 LYS A CA  1 
ATOM   986  C  C   . LYS A 1 126 ? 6.149   -6.336  5.116   1.00 30.62  ? 165 LYS A C   1 
ATOM   987  O  O   . LYS A 1 126 ? 6.947   -5.691  5.812   1.00 27.51  ? 165 LYS A O   1 
ATOM   988  C  CB  . LYS A 1 126 ? 5.983   -8.579  6.342   1.00 29.54  ? 165 LYS A CB  1 
ATOM   989  C  CG  . LYS A 1 126 ? 4.578   -8.322  6.840   1.00 34.86  ? 165 LYS A CG  1 
ATOM   990  C  CD  . LYS A 1 126 ? 4.222   -9.116  8.078   1.00 35.48  ? 165 LYS A CD  1 
ATOM   991  C  CE  . LYS A 1 126 ? 3.960   -10.577 7.775   1.00 40.58  ? 165 LYS A CE  1 
ATOM   992  N  NZ  . LYS A 1 126 ? 3.161   -11.236 8.838   1.00 41.79  ? 165 LYS A NZ  1 
ATOM   993  N  N   . TYR A 1 127 ? 5.069   -5.822  4.545   1.00 27.26  ? 166 TYR A N   1 
ATOM   994  C  CA  . TYR A 1 127 ? 4.880   -4.363  4.303   1.00 25.24  ? 166 TYR A CA  1 
ATOM   995  C  C   . TYR A 1 127 ? 3.525   -3.967  4.864   1.00 25.80  ? 166 TYR A C   1 
ATOM   996  O  O   . TYR A 1 127 ? 2.544   -4.715  4.711   1.00 25.77  ? 166 TYR A O   1 
ATOM   997  C  CB  . TYR A 1 127 ? 5.057   -3.989  2.824   1.00 25.80  ? 166 TYR A CB  1 
ATOM   998  C  CG  . TYR A 1 127 ? 6.482   -4.059  2.365   1.00 24.38  ? 166 TYR A CG  1 
ATOM   999  C  CD1 . TYR A 1 127 ? 7.409   -3.073  2.655   1.00 27.00  ? 166 TYR A CD1 1 
ATOM   1000 C  CD2 . TYR A 1 127 ? 6.932   -5.175  1.672   1.00 29.00  ? 166 TYR A CD2 1 
ATOM   1001 C  CE1 . TYR A 1 127 ? 8.727   -3.157  2.227   1.00 25.97  ? 166 TYR A CE1 1 
ATOM   1002 C  CE2 . TYR A 1 127 ? 8.249   -5.291  1.280   1.00 26.02  ? 166 TYR A CE2 1 
ATOM   1003 C  CZ  . TYR A 1 127 ? 9.154   -4.295  1.560   1.00 30.39  ? 166 TYR A CZ  1 
ATOM   1004 O  OH  . TYR A 1 127 ? 10.455  -4.476  1.149   1.00 33.81  ? 166 TYR A OH  1 
ATOM   1005 N  N   . GLU A 1 128 ? 3.476   -2.736  5.371   1.00 25.31  ? 167 GLU A N   1 
ATOM   1006 C  CA  . GLU A 1 128 ? 2.242   -2.025  5.776   1.00 24.49  ? 167 GLU A CA  1 
ATOM   1007 C  C   . GLU A 1 128 ? 2.114   -0.767  4.935   1.00 23.18  ? 167 GLU A C   1 
ATOM   1008 O  O   . GLU A 1 128 ? 2.873   0.178   5.053   1.00 23.77  ? 167 GLU A O   1 
ATOM   1009 C  CB  . GLU A 1 128 ? 2.277   -1.640  7.260   1.00 21.53  ? 167 GLU A CB  1 
ATOM   1010 C  CG  . GLU A 1 128 ? 0.938   -1.197  7.784   1.00 21.78  ? 167 GLU A CG  1 
ATOM   1011 C  CD  . GLU A 1 128 ? 0.941   -1.116  9.328   1.00 22.26  ? 167 GLU A CD  1 
ATOM   1012 O  OE1 . GLU A 1 128 ? 1.540   -0.139  9.816   1.00 24.33  ? 167 GLU A OE1 1 
ATOM   1013 O  OE2 . GLU A 1 128 ? 0.381   -2.010  9.919   1.00 20.49  ? 167 GLU A OE2 1 
ATOM   1014 N  N   . PRO A 1 129 ? 1.182   -0.789  3.959   1.00 21.82  ? 168 PRO A N   1 
ATOM   1015 C  CA  . PRO A 1 129 ? 0.819   0.401   3.236   1.00 22.94  ? 168 PRO A CA  1 
ATOM   1016 C  C   . PRO A 1 129 ? 0.496   1.577   4.172   1.00 23.25  ? 168 PRO A C   1 
ATOM   1017 O  O   . PRO A 1 129 ? -0.173  1.392   5.186   1.00 23.40  ? 168 PRO A O   1 
ATOM   1018 C  CB  . PRO A 1 129 ? -0.431  -0.007  2.438   1.00 24.44  ? 168 PRO A CB  1 
ATOM   1019 C  CG  . PRO A 1 129 ? -0.222  -1.544  2.263   1.00 24.50  ? 168 PRO A CG  1 
ATOM   1020 C  CD  . PRO A 1 129 ? 0.429   -1.999  3.564   1.00 25.02  ? 168 PRO A CD  1 
ATOM   1021 N  N   . ARG A 1 130 ? 0.862   2.749   3.680   1.00 23.95  ? 169 ARG A N   1 
ATOM   1022 C  CA  . ARG A 1 130 ? 0.761   4.015   4.415   1.00 23.38  ? 169 ARG A CA  1 
ATOM   1023 C  C   . ARG A 1 130 ? 0.488   5.142   3.414   1.00 24.77  ? 169 ARG A C   1 
ATOM   1024 O  O   . ARG A 1 130 ? 1.228   5.274   2.417   1.00 25.69  ? 169 ARG A O   1 
ATOM   1025 C  CB  . ARG A 1 130 ? 2.038   4.192   5.249   1.00 24.66  ? 169 ARG A CB  1 
ATOM   1026 C  CG  . ARG A 1 130 ? 2.027   5.445   6.120   1.00 27.03  ? 169 ARG A CG  1 
ATOM   1027 C  CD  . ARG A 1 130 ? 3.292   5.548   6.951   1.00 24.77  ? 169 ARG A CD  1 
ATOM   1028 N  NE  . ARG A 1 130 ? 4.457   5.777   6.118   1.00 23.80  ? 169 ARG A NE  1 
ATOM   1029 C  CZ  . ARG A 1 130 ? 5.667   5.943   6.554   1.00 25.41  ? 169 ARG A CZ  1 
ATOM   1030 N  NH1 . ARG A 1 130 ? 5.885   5.909   7.867   1.00 24.02  ? 169 ARG A NH1 1 
ATOM   1031 N  NH2 . ARG A 1 130 ? 6.643   6.227   5.707   1.00 24.33  ? 169 ARG A NH2 1 
ATOM   1032 N  N   . ILE A 1 131 ? -0.447  6.017   3.726   1.00 23.91  ? 170 ILE A N   1 
ATOM   1033 C  CA  . ILE A 1 131 ? -0.595  7.232   2.898   1.00 25.25  ? 170 ILE A CA  1 
ATOM   1034 C  C   . ILE A 1 131 ? -0.174  8.464   3.700   1.00 30.86  ? 170 ILE A C   1 
ATOM   1035 O  O   . ILE A 1 131 ? -0.200  8.430   4.970   1.00 26.70  ? 170 ILE A O   1 
ATOM   1036 C  CB  . ILE A 1 131 ? -2.019  7.340   2.365   1.00 27.09  ? 170 ILE A CB  1 
ATOM   1037 C  CG1 . ILE A 1 131 ? -3.026  7.538   3.492   1.00 28.36  ? 170 ILE A CG1 1 
ATOM   1038 C  CG2 . ILE A 1 131 ? -2.356  6.122   1.503   1.00 29.92  ? 170 ILE A CG2 1 
ATOM   1039 C  CD1 . ILE A 1 131 ? -4.351  8.097   3.023   1.00 33.99  ? 170 ILE A CD1 1 
ATOM   1040 N  N   . HIS A 1 132 ? 0.173   9.500   2.945   1.00 28.50  ? 171 HIS A N   1 
ATOM   1041 C  CA  . HIS A 1 132 ? 0.464   10.860  3.439   1.00 25.09  ? 171 HIS A CA  1 
ATOM   1042 C  C   . HIS A 1 132 ? -0.467  11.777  2.670   1.00 28.80  ? 171 HIS A C   1 
ATOM   1043 O  O   . HIS A 1 132 ? -0.489  11.671  1.410   1.00 27.10  ? 171 HIS A O   1 
ATOM   1044 C  CB  . HIS A 1 132 ? 1.902   11.273  3.225   1.00 27.08  ? 171 HIS A CB  1 
ATOM   1045 C  CG  . HIS A 1 132 ? 2.864   10.254  3.701   1.00 30.89  ? 171 HIS A CG  1 
ATOM   1046 N  ND1 . HIS A 1 132 ? 3.083   10.051  5.057   1.00 28.17  ? 171 HIS A ND1 1 
ATOM   1047 C  CD2 . HIS A 1 132 ? 3.667   9.399   3.037   1.00 29.01  ? 171 HIS A CD2 1 
ATOM   1048 C  CE1 . HIS A 1 132 ? 3.973   9.098   5.197   1.00 27.37  ? 171 HIS A CE1 1 
ATOM   1049 N  NE2 . HIS A 1 132 ? 4.339   8.677   3.971   1.00 30.66  ? 171 HIS A NE2 1 
ATOM   1050 N  N   . ILE A 1 133 ? -1.250  12.568  3.397   1.00 28.30  ? 172 ILE A N   1 
ATOM   1051 C  CA  . ILE A 1 133 ? -2.055  13.669  2.771   1.00 29.11  ? 172 ILE A CA  1 
ATOM   1052 C  C   . ILE A 1 133 ? -1.298  14.967  3.007   1.00 31.33  ? 172 ILE A C   1 
ATOM   1053 O  O   . ILE A 1 133 ? -1.083  15.344  4.200   1.00 28.11  ? 172 ILE A O   1 
ATOM   1054 C  CB  . ILE A 1 133 ? -3.479  13.671  3.324   1.00 32.26  ? 172 ILE A CB  1 
ATOM   1055 C  CG1 . ILE A 1 133 ? -4.143  12.310  3.147   1.00 31.85  ? 172 ILE A CG1 1 
ATOM   1056 C  CG2 . ILE A 1 133 ? -4.296  14.782  2.678   1.00 32.40  ? 172 ILE A CG2 1 
ATOM   1057 C  CD1 . ILE A 1 133 ? -5.457  12.153  3.875   1.00 34.22  ? 172 ILE A CD1 1 
ATOM   1058 N  N   . VAL A 1 134 ? -0.789  15.563  1.921   1.00 31.91  ? 173 VAL A N   1 
ATOM   1059 C  CA  . VAL A 1 134 ? 0.126   16.743  1.964   1.00 28.58  ? 173 VAL A CA  1 
ATOM   1060 C  C   . VAL A 1 134 ? -0.705  17.942  1.482   1.00 32.55  ? 173 VAL A C   1 
ATOM   1061 O  O   . VAL A 1 134 ? -1.195  17.895  0.315   1.00 33.16  ? 173 VAL A O   1 
ATOM   1062 C  CB  . VAL A 1 134 ? 1.416   16.538  1.152   1.00 32.40  ? 173 VAL A CB  1 
ATOM   1063 C  CG1 . VAL A 1 134 ? 2.383   17.706  1.303   1.00 30.85  ? 173 VAL A CG1 1 
ATOM   1064 C  CG2 . VAL A 1 134 ? 2.131   15.223  1.510   1.00 36.63  ? 173 VAL A CG2 1 
ATOM   1065 N  N   . ARG A 1 135 ? -0.983  18.874  2.388   1.00 34.39  ? 174 ARG A N   1 
ATOM   1066 C  CA  . ARG A 1 135 ? -1.560  20.197  2.011   1.00 39.19  ? 174 ARG A CA  1 
ATOM   1067 C  C   . ARG A 1 135 ? -0.479  21.053  1.355   1.00 36.25  ? 174 ARG A C   1 
ATOM   1068 O  O   . ARG A 1 135 ? 0.523   21.390  2.038   1.00 39.09  ? 174 ARG A O   1 
ATOM   1069 C  CB  . ARG A 1 135 ? -2.180  20.891  3.228   1.00 43.77  ? 174 ARG A CB  1 
ATOM   1070 C  CG  . ARG A 1 135 ? -3.010  22.106  2.845   1.00 46.02  ? 174 ARG A CG  1 
ATOM   1071 C  CD  . ARG A 1 135 ? -3.686  22.704  4.055   1.00 50.02  ? 174 ARG A CD  1 
ATOM   1072 N  NE  . ARG A 1 135 ? -4.349  23.955  3.706   1.00 55.15  ? 174 ARG A NE  1 
ATOM   1073 C  CZ  . ARG A 1 135 ? -5.331  24.510  4.412   1.00 54.93  ? 174 ARG A CZ  1 
ATOM   1074 N  NH1 . ARG A 1 135 ? -5.773  23.931  5.516   1.00 53.85  ? 174 ARG A NH1 1 
ATOM   1075 N  NH2 . ARG A 1 135 ? -5.879  25.637  4.000   1.00 54.53  ? 174 ARG A NH2 1 
ATOM   1076 N  N   . VAL A 1 136 ? -0.716  21.429  0.085   1.00 40.22  ? 175 VAL A N   1 
ATOM   1077 C  CA  . VAL A 1 136 ? 0.245   22.107  -0.829  1.00 42.37  ? 175 VAL A CA  1 
ATOM   1078 C  C   . VAL A 1 136 ? -0.349  23.461  -1.268  1.00 48.29  ? 175 VAL A C   1 
ATOM   1079 O  O   . VAL A 1 136 ? -1.592  23.650  -1.187  1.00 47.92  ? 175 VAL A O   1 
ATOM   1080 C  CB  . VAL A 1 136 ? 0.566   21.214  -2.051  1.00 48.99  ? 175 VAL A CB  1 
ATOM   1081 C  CG1 . VAL A 1 136 ? 1.201   19.885  -1.656  1.00 51.15  ? 175 VAL A CG1 1 
ATOM   1082 C  CG2 . VAL A 1 136 ? -0.643  20.939  -2.936  1.00 46.57  ? 175 VAL A CG2 1 
ATOM   1083 N  N   . GLY A 1 137 ? 0.487   24.368  -1.764  1.00 53.38  ? 176 GLY A N   1 
ATOM   1084 C  CA  . GLY A 1 137 ? 0.021   25.585  -2.459  1.00 60.89  ? 176 GLY A CA  1 
ATOM   1085 C  C   . GLY A 1 137 ? -0.412  26.675  -1.496  1.00 64.79  ? 176 GLY A C   1 
ATOM   1086 O  O   . GLY A 1 137 ? -0.346  27.856  -1.895  1.00 72.94  ? 176 GLY A O   1 
ATOM   1087 N  N   . GLY A 1 138 ? -0.885  26.298  -0.300  1.00 62.60  ? 177 GLY A N   1 
ATOM   1088 C  CA  . GLY A 1 138 ? -0.977  27.190  0.868   1.00 66.27  ? 177 GLY A CA  1 
ATOM   1089 C  C   . GLY A 1 138 ? 0.416   27.640  1.296   1.00 68.40  ? 177 GLY A C   1 
ATOM   1090 O  O   . GLY A 1 138 ? 1.422   27.135  0.798   1.00 64.31  ? 177 GLY A O   1 
ATOM   1091 N  N   . PRO A 1 139 ? 0.518   28.632  2.202   1.00 77.57  ? 178 PRO A N   1 
ATOM   1092 C  CA  . PRO A 1 139 ? 1.809   29.005  2.773   1.00 78.48  ? 178 PRO A CA  1 
ATOM   1093 C  C   . PRO A 1 139 ? 2.180   27.919  3.793   1.00 83.04  ? 178 PRO A C   1 
ATOM   1094 O  O   . PRO A 1 139 ? 3.338   27.510  3.827   1.00 75.06  ? 178 PRO A O   1 
ATOM   1095 C  CB  . PRO A 1 139 ? 1.526   30.374  3.405   1.00 83.83  ? 178 PRO A CB  1 
ATOM   1096 C  CG  . PRO A 1 139 ? 0.046   30.323  3.771   1.00 81.28  ? 178 PRO A CG  1 
ATOM   1097 C  CD  . PRO A 1 139 ? -0.604  29.419  2.741   1.00 81.08  ? 178 PRO A CD  1 
ATOM   1098 N  N   . GLN A 1 140 ? 1.162   27.468  4.544   1.00 83.55  ? 179 GLN A N   1 
ATOM   1099 C  CA  . GLN A 1 140 ? 1.214   26.423  5.600   1.00 85.68  ? 179 GLN A CA  1 
ATOM   1100 C  C   . GLN A 1 140 ? 1.138   25.047  4.926   1.00 71.97  ? 179 GLN A C   1 
ATOM   1101 O  O   . GLN A 1 140 ? 0.025   24.559  4.644   1.00 72.22  ? 179 GLN A O   1 
ATOM   1102 C  CB  . GLN A 1 140 ? 0.092   26.648  6.624   1.00 93.00  ? 179 GLN A CB  1 
ATOM   1103 C  CG  . GLN A 1 140 ? -1.314  26.335  6.105   1.00 102.70 ? 179 GLN A CG  1 
ATOM   1104 C  CD  . GLN A 1 140 ? -2.374  27.326  6.528   1.00 108.85 ? 179 GLN A CD  1 
ATOM   1105 O  OE1 . GLN A 1 140 ? -3.267  27.023  7.322   1.00 109.27 ? 179 GLN A OE1 1 
ATOM   1106 N  NE2 . GLN A 1 140 ? -2.299  28.524  5.968   1.00 110.21 ? 179 GLN A NE2 1 
ATOM   1107 N  N   . ARG A 1 141 ? 2.297   24.458  4.652   1.00 56.88  ? 180 ARG A N   1 
ATOM   1108 C  CA  . ARG A 1 141 ? 2.424   23.007  4.359   1.00 54.91  ? 180 ARG A CA  1 
ATOM   1109 C  C   . ARG A 1 141 ? 1.955   22.211  5.593   1.00 49.63  ? 180 ARG A C   1 
ATOM   1110 O  O   . ARG A 1 141 ? 2.218   22.671  6.724   1.00 43.90  ? 180 ARG A O   1 
ATOM   1111 C  CB  . ARG A 1 141 ? 3.874   22.704  3.981   1.00 58.96  ? 180 ARG A CB  1 
ATOM   1112 C  CG  . ARG A 1 141 ? 4.138   21.231  3.704   1.00 65.51  ? 180 ARG A CG  1 
ATOM   1113 C  CD  . ARG A 1 141 ? 5.103   21.005  2.557   1.00 66.38  ? 180 ARG A CD  1 
ATOM   1114 N  NE  . ARG A 1 141 ? 4.427   21.243  1.285   1.00 67.79  ? 180 ARG A NE  1 
ATOM   1115 C  CZ  . ARG A 1 141 ? 4.673   20.593  0.147   1.00 69.88  ? 180 ARG A CZ  1 
ATOM   1116 N  NH1 . ARG A 1 141 ? 3.984   20.898  -0.938  1.00 70.44  ? 180 ARG A NH1 1 
ATOM   1117 N  NH2 . ARG A 1 141 ? 5.594   19.642  0.091   1.00 74.60  ? 180 ARG A NH2 1 
ATOM   1118 N  N   . MET A 1 142 ? 1.224   21.107  5.388   1.00 42.41  ? 181 MET A N   1 
ATOM   1119 C  CA  . MET A 1 142 ? 0.817   20.157  6.457   1.00 38.69  ? 181 MET A CA  1 
ATOM   1120 C  C   . MET A 1 142 ? 0.794   18.747  5.870   1.00 38.19  ? 181 MET A C   1 
ATOM   1121 O  O   . MET A 1 142 ? 0.438   18.595  4.696   1.00 31.63  ? 181 MET A O   1 
ATOM   1122 C  CB  . MET A 1 142 ? -0.560  20.476  7.042   1.00 39.01  ? 181 MET A CB  1 
ATOM   1123 C  CG  . MET A 1 142 ? -0.923  19.654  8.301   1.00 40.74  ? 181 MET A CG  1 
ATOM   1124 S  SD  . MET A 1 142 ? 0.381   19.502  9.591   1.00 41.97  ? 181 MET A SD  1 
ATOM   1125 C  CE  . MET A 1 142 ? -0.485  18.373  10.678  1.00 46.09  ? 181 MET A CE  1 
ATOM   1126 N  N   . ILE A 1 143 ? 1.158   17.765  6.689   1.00 34.77  ? 182 ILE A N   1 
ATOM   1127 C  CA  . ILE A 1 143 ? 1.133   16.324  6.324   1.00 30.21  ? 182 ILE A CA  1 
ATOM   1128 C  C   . ILE A 1 143 ? 0.308   15.600  7.386   1.00 31.50  ? 182 ILE A C   1 
ATOM   1129 O  O   . ILE A 1 143 ? 0.577   15.813  8.605   1.00 33.25  ? 182 ILE A O   1 
ATOM   1130 C  CB  . ILE A 1 143 ? 2.536   15.714  6.225   1.00 33.20  ? 182 ILE A CB  1 
ATOM   1131 C  CG1 . ILE A 1 143 ? 3.367   16.390  5.138   1.00 32.98  ? 182 ILE A CG1 1 
ATOM   1132 C  CG2 . ILE A 1 143 ? 2.414   14.194  6.035   1.00 33.21  ? 182 ILE A CG2 1 
ATOM   1133 C  CD1 . ILE A 1 143 ? 4.800   16.083  5.217   1.00 37.03  ? 182 ILE A CD1 1 
ATOM   1134 N  N   . THR A 1 144 ? -0.660  14.793  6.957   1.00 32.08  ? 183 THR A N   1 
ATOM   1135 C  CA  . THR A 1 144 ? -1.353  13.805  7.821   1.00 35.57  ? 183 THR A CA  1 
ATOM   1136 C  C   . THR A 1 144 ? -1.035  12.420  7.255   1.00 34.01  ? 183 THR A C   1 
ATOM   1137 O  O   . THR A 1 144 ? -1.149  12.249  6.015   1.00 31.21  ? 183 THR A O   1 
ATOM   1138 C  CB  . THR A 1 144 ? -2.857  14.059  7.922   1.00 37.72  ? 183 THR A CB  1 
ATOM   1139 O  OG1 . THR A 1 144 ? -3.425  13.729  6.661   1.00 61.79  ? 183 THR A OG1 1 
ATOM   1140 C  CG2 . THR A 1 144 ? -3.205  15.495  8.232   1.00 35.41  ? 183 THR A CG2 1 
ATOM   1141 N  N   . SER A 1 145 ? -0.619  11.499  8.119   1.00 31.22  ? 184 SER A N   1 
ATOM   1142 C  CA  . SER A 1 145 ? -0.225  10.137  7.694   1.00 29.36  ? 184 SER A CA  1 
ATOM   1143 C  C   . SER A 1 145 ? -1.216  9.155   8.267   1.00 30.96  ? 184 SER A C   1 
ATOM   1144 O  O   . SER A 1 145 ? -1.742  9.334   9.399   1.00 32.66  ? 184 SER A O   1 
ATOM   1145 C  CB  . SER A 1 145 ? 1.158   9.802   8.046   1.00 29.93  ? 184 SER A CB  1 
ATOM   1146 O  OG  . SER A 1 145 ? 2.031   10.703  7.381   1.00 29.78  ? 184 SER A OG  1 
ATOM   1147 N  N   . HIS A 1 146 ? -1.425  8.089   7.540   1.00 26.95  ? 185 HIS A N   1 
ATOM   1148 C  CA  . HIS A 1 146 ? -2.298  7.005   7.983   1.00 27.26  ? 185 HIS A CA  1 
ATOM   1149 C  C   . HIS A 1 146 ? -1.811  5.661   7.453   1.00 26.22  ? 185 HIS A C   1 
ATOM   1150 O  O   . HIS A 1 146 ? -1.546  5.508   6.202   1.00 31.15  ? 185 HIS A O   1 
ATOM   1151 C  CB  . HIS A 1 146 ? -3.724  7.285   7.555   1.00 29.16  ? 185 HIS A CB  1 
ATOM   1152 C  CG  . HIS A 1 146 ? -4.718  6.562   8.376   1.00 34.00  ? 185 HIS A CG  1 
ATOM   1153 N  ND1 . HIS A 1 146 ? -5.033  5.237   8.145   1.00 39.59  ? 185 HIS A ND1 1 
ATOM   1154 C  CD2 . HIS A 1 146 ? -5.469  6.957   9.419   1.00 35.32  ? 185 HIS A CD2 1 
ATOM   1155 C  CE1 . HIS A 1 146 ? -5.946  4.856   8.997   1.00 36.79  ? 185 HIS A CE1 1 
ATOM   1156 N  NE2 . HIS A 1 146 ? -6.220  5.885   9.790   1.00 37.49  ? 185 HIS A NE2 1 
ATOM   1157 N  N   A CYS A 1 147 ? -1.779  4.696   8.375   0.25 28.13  ? 186 CYS A N   1 
ATOM   1158 N  N   B CYS A 1 147 ? -1.644  4.674   8.329   0.25 26.34  ? 186 CYS A N   1 
ATOM   1159 C  CA  A CYS A 1 147 ? -1.347  3.287   8.179   0.25 27.82  ? 186 CYS A CA  1 
ATOM   1160 C  CA  B CYS A 1 147 ? -1.227  3.308   7.902   0.25 24.16  ? 186 CYS A CA  1 
ATOM   1161 C  C   A CYS A 1 147 ? -2.558  2.398   8.007   0.25 27.35  ? 186 CYS A C   1 
ATOM   1162 C  C   B CYS A 1 147 ? -2.404  2.353   8.077   0.25 24.70  ? 186 CYS A C   1 
ATOM   1163 O  O   A CYS A 1 147 ? -3.612  2.733   8.591   0.25 26.91  ? 186 CYS A O   1 
ATOM   1164 O  O   B CYS A 1 147 ? -3.295  2.626   8.895   0.25 24.50  ? 186 CYS A O   1 
ATOM   1165 C  CB  A CYS A 1 147 ? -0.608  2.799   9.411   0.25 30.02  ? 186 CYS A CB  1 
ATOM   1166 C  CB  B CYS A 1 147 ? 0.024   2.842   8.634   0.25 23.51  ? 186 CYS A CB  1 
ATOM   1167 S  SG  A CYS A 1 147 ? 1.063   3.463   9.471   0.25 26.57  ? 186 CYS A SG  1 
ATOM   1168 S  SG  B CYS A 1 147 ? -0.138  2.850   10.439  0.25 19.55  ? 186 CYS A SG  1 
ATOM   1169 N  N   . PHE A 1 148 ? -2.417  1.290   7.269   1.00 26.82  ? 187 PHE A N   1 
ATOM   1170 C  CA  . PHE A 1 148 ? -3.567  0.393   7.097   1.00 27.13  ? 187 PHE A CA  1 
ATOM   1171 C  C   . PHE A 1 148 ? -3.109  -1.010  7.415   1.00 30.22  ? 187 PHE A C   1 
ATOM   1172 O  O   . PHE A 1 148 ? -2.696  -1.736  6.508   1.00 30.18  ? 187 PHE A O   1 
ATOM   1173 C  CB  . PHE A 1 148 ? -4.050  0.535   5.667   1.00 28.12  ? 187 PHE A CB  1 
ATOM   1174 C  CG  . PHE A 1 148 ? -4.581  1.896   5.340   1.00 26.32  ? 187 PHE A CG  1 
ATOM   1175 C  CD1 . PHE A 1 148 ? -5.913  2.216   5.602   1.00 29.59  ? 187 PHE A CD1 1 
ATOM   1176 C  CD2 . PHE A 1 148 ? -3.749  2.831   4.761   1.00 26.71  ? 187 PHE A CD2 1 
ATOM   1177 C  CE1 . PHE A 1 148 ? -6.398  3.477   5.287   1.00 32.33  ? 187 PHE A CE1 1 
ATOM   1178 C  CE2 . PHE A 1 148 ? -4.240  4.083   4.429   1.00 31.61  ? 187 PHE A CE2 1 
ATOM   1179 C  CZ  . PHE A 1 148 ? -5.560  4.398   4.688   1.00 30.63  ? 187 PHE A CZ  1 
ATOM   1180 N  N   . PRO A 1 149 ? -3.162  -1.399  8.703   1.00 28.75  ? 188 PRO A N   1 
ATOM   1181 C  CA  . PRO A 1 149 ? -2.750  -2.738  9.095   1.00 29.19  ? 188 PRO A CA  1 
ATOM   1182 C  C   . PRO A 1 149 ? -3.467  -3.847  8.317   1.00 27.13  ? 188 PRO A C   1 
ATOM   1183 O  O   . PRO A 1 149 ? -2.867  -4.887  8.194   1.00 27.37  ? 188 PRO A O   1 
ATOM   1184 C  CB  . PRO A 1 149 ? -3.129  -2.792  10.577  1.00 29.69  ? 188 PRO A CB  1 
ATOM   1185 C  CG  . PRO A 1 149 ? -3.125  -1.363  11.051  1.00 36.56  ? 188 PRO A CG  1 
ATOM   1186 C  CD  . PRO A 1 149 ? -3.520  -0.545  9.845   1.00 31.82  ? 188 PRO A CD  1 
ATOM   1187 N  N   . GLU A 1 150 ? -4.757  -3.648  8.037   1.00 27.89  ? 189 GLU A N   1 
ATOM   1188 C  CA  . GLU A 1 150 ? -5.658  -4.604  7.332   1.00 30.34  ? 189 GLU A CA  1 
ATOM   1189 C  C   . GLU A 1 150 ? -5.054  -4.986  5.981   1.00 27.63  ? 189 GLU A C   1 
ATOM   1190 O  O   . GLU A 1 150 ? -5.470  -6.019  5.406   1.00 29.16  ? 189 GLU A O   1 
ATOM   1191 C  CB  . GLU A 1 150 ? -7.047  -3.964  7.185   1.00 33.91  ? 189 GLU A CB  1 
ATOM   1192 C  CG  . GLU A 1 150 ? -7.490  -3.173  8.425   1.00 39.94  ? 189 GLU A CG  1 
ATOM   1193 C  CD  . GLU A 1 150 ? -7.522  -1.637  8.404   1.00 40.16  ? 189 GLU A CD  1 
ATOM   1194 O  OE1 . GLU A 1 150 ? -8.628  -1.112  8.732   1.00 52.35  ? 189 GLU A OE1 1 
ATOM   1195 O  OE2 . GLU A 1 150 ? -6.484  -0.933  8.102   1.00 25.84  ? 189 GLU A OE2 1 
ATOM   1196 N  N   . THR A 1 151 ? -4.179  -4.141  5.435   1.00 26.09  ? 190 THR A N   1 
ATOM   1197 C  CA  . THR A 1 151 ? -3.661  -4.216  4.046   1.00 26.36  ? 190 THR A CA  1 
ATOM   1198 C  C   . THR A 1 151 ? -2.226  -4.734  4.050   1.00 23.97  ? 190 THR A C   1 
ATOM   1199 O  O   . THR A 1 151 ? -1.593  -4.707  2.979   1.00 29.56  ? 190 THR A O   1 
ATOM   1200 C  CB  . THR A 1 151 ? -3.812  -2.872  3.322   1.00 27.36  ? 190 THR A CB  1 
ATOM   1201 O  OG1 . THR A 1 151 ? -2.871  -1.912  3.827   1.00 26.11  ? 190 THR A OG1 1 
ATOM   1202 C  CG2 . THR A 1 151 ? -5.238  -2.362  3.372   1.00 28.42  ? 190 THR A CG2 1 
ATOM   1203 N  N   . GLN A 1 152 ? -1.700  -5.162  5.220   1.00 22.84  ? 191 GLN A N   1 
ATOM   1204 C  CA  . GLN A 1 152 ? -0.359  -5.783  5.270   1.00 23.47  ? 191 GLN A CA  1 
ATOM   1205 C  C   . GLN A 1 152 ? -0.242  -6.934  4.256   1.00 25.95  ? 191 GLN A C   1 
ATOM   1206 O  O   . GLN A 1 152 ? -1.211  -7.689  4.052   1.00 29.77  ? 191 GLN A O   1 
ATOM   1207 C  CB  . GLN A 1 152 ? 0.022   -6.313  6.648   1.00 26.00  ? 191 GLN A CB  1 
ATOM   1208 C  CG  . GLN A 1 152 ? 0.464   -5.173  7.568   1.00 29.03  ? 191 GLN A CG  1 
ATOM   1209 C  CD  . GLN A 1 152 ? 1.089   -5.673  8.845   1.00 33.91  ? 191 GLN A CD  1 
ATOM   1210 O  OE1 . GLN A 1 152 ? 1.341   -6.867  8.990   1.00 36.27  ? 191 GLN A OE1 1 
ATOM   1211 N  NE2 . GLN A 1 152 ? 1.314   -4.770  9.801   1.00 35.34  ? 191 GLN A NE2 1 
ATOM   1212 N  N   . PHE A 1 153 ? 0.934   -7.054  3.674   1.00 25.53  ? 192 PHE A N   1 
ATOM   1213 C  CA  . PHE A 1 153 ? 1.255   -8.207  2.803   1.00 25.89  ? 192 PHE A CA  1 
ATOM   1214 C  C   . PHE A 1 153 ? 2.757   -8.490  2.792   1.00 25.71  ? 192 PHE A C   1 
ATOM   1215 O  O   . PHE A 1 153 ? 3.595   -7.664  3.085   1.00 25.88  ? 192 PHE A O   1 
ATOM   1216 C  CB  . PHE A 1 153 ? 0.784   -7.879  1.373   1.00 24.56  ? 192 PHE A CB  1 
ATOM   1217 C  CG  . PHE A 1 153 ? 1.521   -6.729  0.743   1.00 25.20  ? 192 PHE A CG  1 
ATOM   1218 C  CD1 . PHE A 1 153 ? 2.739   -6.891  0.105   1.00 25.33  ? 192 PHE A CD1 1 
ATOM   1219 C  CD2 . PHE A 1 153 ? 0.994   -5.456  0.801   1.00 25.52  ? 192 PHE A CD2 1 
ATOM   1220 C  CE1 . PHE A 1 153 ? 3.403   -5.801  -0.459  1.00 24.41  ? 192 PHE A CE1 1 
ATOM   1221 C  CE2 . PHE A 1 153 ? 1.665   -4.378  0.260   1.00 22.65  ? 192 PHE A CE2 1 
ATOM   1222 C  CZ  . PHE A 1 153 ? 2.853   -4.540  -0.381  1.00 23.40  ? 192 PHE A CZ  1 
ATOM   1223 N  N   . ILE A 1 154 ? 3.097   -9.697  2.320   1.00 25.22  ? 193 ILE A N   1 
ATOM   1224 C  CA  . ILE A 1 154 ? 4.471   -10.096 1.984   1.00 24.94  ? 193 ILE A CA  1 
ATOM   1225 C  C   . ILE A 1 154 ? 4.630   -9.986  0.478   1.00 28.41  ? 193 ILE A C   1 
ATOM   1226 O  O   . ILE A 1 154 ? 3.695   -10.459 -0.217  1.00 29.76  ? 193 ILE A O   1 
ATOM   1227 C  CB  . ILE A 1 154 ? 4.715   -11.533 2.474   1.00 29.52  ? 193 ILE A CB  1 
ATOM   1228 C  CG1 . ILE A 1 154 ? 4.341   -11.675 3.955   1.00 32.40  ? 193 ILE A CG1 1 
ATOM   1229 C  CG2 . ILE A 1 154 ? 6.159   -11.917 2.182   1.00 28.63  ? 193 ILE A CG2 1 
ATOM   1230 C  CD1 . ILE A 1 154 ? 4.507   -13.063 4.511   1.00 39.05  ? 193 ILE A CD1 1 
ATOM   1231 N  N   . ALA A 1 155 ? 5.695   -9.329  0.051   1.00 27.81  ? 194 ALA A N   1 
ATOM   1232 C  CA  . ALA A 1 155 ? 6.091   -9.153  -1.356  1.00 27.68  ? 194 ALA A CA  1 
ATOM   1233 C  C   . ALA A 1 155 ? 6.699   -10.485 -1.819  1.00 30.51  ? 194 ALA A C   1 
ATOM   1234 O  O   . ALA A 1 155 ? 7.562   -11.014 -1.087  1.00 32.51  ? 194 ALA A O   1 
ATOM   1235 C  CB  . ALA A 1 155 ? 7.067   -7.998  -1.451  1.00 29.27  ? 194 ALA A CB  1 
ATOM   1236 N  N   . VAL A 1 156 ? 6.182   -11.049 -2.907  1.00 29.54  ? 195 VAL A N   1 
ATOM   1237 C  CA  . VAL A 1 156 ? 6.550   -12.423 -3.390  1.00 30.88  ? 195 VAL A CA  1 
ATOM   1238 C  C   . VAL A 1 156 ? 6.729   -12.361 -4.911  1.00 31.84  ? 195 VAL A C   1 
ATOM   1239 O  O   . VAL A 1 156 ? 6.098   -11.531 -5.523  1.00 30.24  ? 195 VAL A O   1 
ATOM   1240 C  CB  . VAL A 1 156 ? 5.521   -13.495 -2.984  1.00 29.51  ? 195 VAL A CB  1 
ATOM   1241 C  CG1 . VAL A 1 156 ? 5.391   -13.630 -1.472  1.00 32.21  ? 195 VAL A CG1 1 
ATOM   1242 C  CG2 . VAL A 1 156 ? 4.157   -13.303 -3.642  1.00 29.16  ? 195 VAL A CG2 1 
ATOM   1243 N  N   . THR A 1 157 ? 7.594   -13.184 -5.511  1.00 33.01  ? 196 THR A N   1 
ATOM   1244 C  CA  . THR A 1 157 ? 7.709   -13.219 -6.998  1.00 37.12  ? 196 THR A CA  1 
ATOM   1245 C  C   . THR A 1 157 ? 6.675   -14.192 -7.576  1.00 34.52  ? 196 THR A C   1 
ATOM   1246 O  O   . THR A 1 157 ? 6.375   -14.073 -8.770  1.00 30.83  ? 196 THR A O   1 
ATOM   1247 C  CB  . THR A 1 157 ? 9.124   -13.569 -7.458  1.00 39.21  ? 196 THR A CB  1 
ATOM   1248 O  OG1 . THR A 1 157 ? 9.392   -14.818 -6.832  1.00 39.62  ? 196 THR A OG1 1 
ATOM   1249 C  CG2 . THR A 1 157 ? 10.144  -12.515 -7.093  1.00 38.46  ? 196 THR A CG2 1 
ATOM   1250 N  N   . ALA A 1 158 ? 6.091   -15.044 -6.744  1.00 35.57  ? 197 ALA A N   1 
ATOM   1251 C  CA  . ALA A 1 158 ? 4.927   -15.907 -7.063  1.00 35.21  ? 197 ALA A CA  1 
ATOM   1252 C  C   . ALA A 1 158 ? 4.199   -16.279 -5.776  1.00 30.96  ? 197 ALA A C   1 
ATOM   1253 O  O   . ALA A 1 158 ? 4.873   -16.367 -4.748  1.00 35.21  ? 197 ALA A O   1 
ATOM   1254 C  CB  . ALA A 1 158 ? 5.395   -17.151 -7.785  1.00 36.28  ? 197 ALA A CB  1 
ATOM   1255 N  N   . TYR A 1 159 ? 2.903   -16.582 -5.842  1.00 32.27  ? 198 TYR A N   1 
ATOM   1256 C  CA  . TYR A 1 159 ? 2.080   -16.925 -4.659  1.00 30.02  ? 198 TYR A CA  1 
ATOM   1257 C  C   . TYR A 1 159 ? 2.538   -18.242 -4.028  1.00 38.20  ? 198 TYR A C   1 
ATOM   1258 O  O   . TYR A 1 159 ? 2.821   -19.192 -4.748  1.00 33.67  ? 198 TYR A O   1 
ATOM   1259 C  CB  . TYR A 1 159 ? 0.596   -16.978 -4.982  1.00 34.42  ? 198 TYR A CB  1 
ATOM   1260 C  CG  . TYR A 1 159 ? 0.019   -15.666 -5.431  1.00 34.82  ? 198 TYR A CG  1 
ATOM   1261 C  CD1 . TYR A 1 159 ? 0.240   -14.512 -4.686  1.00 35.82  ? 198 TYR A CD1 1 
ATOM   1262 C  CD2 . TYR A 1 159 ? -0.698  -15.566 -6.612  1.00 32.85  ? 198 TYR A CD2 1 
ATOM   1263 C  CE1 . TYR A 1 159 ? -0.265  -13.293 -5.083  1.00 34.57  ? 198 TYR A CE1 1 
ATOM   1264 C  CE2 . TYR A 1 159 ? -1.174  -14.341 -7.048  1.00 34.68  ? 198 TYR A CE2 1 
ATOM   1265 C  CZ  . TYR A 1 159 ? -0.997  -13.218 -6.251  1.00 35.55  ? 198 TYR A CZ  1 
ATOM   1266 O  OH  . TYR A 1 159 ? -1.493  -12.025 -6.619  1.00 33.32  ? 198 TYR A OH  1 
ATOM   1267 N  N   . GLN A 1 160 ? 2.609   -18.286 -2.690  1.00 33.54  ? 199 GLN A N   1 
ATOM   1268 C  CA  . GLN A 1 160 ? 3.017   -19.484 -1.910  1.00 32.60  ? 199 GLN A CA  1 
ATOM   1269 C  C   . GLN A 1 160 ? 1.787   -20.195 -1.377  1.00 34.91  ? 199 GLN A C   1 
ATOM   1270 O  O   . GLN A 1 160 ? 1.691   -21.417 -1.546  1.00 34.60  ? 199 GLN A O   1 
ATOM   1271 C  CB  . GLN A 1 160 ? 3.984   -19.054 -0.809  1.00 37.40  ? 199 GLN A CB  1 
ATOM   1272 C  CG  . GLN A 1 160 ? 5.190   -18.318 -1.358  1.00 39.91  ? 199 GLN A CG  1 
ATOM   1273 C  CD  . GLN A 1 160 ? 5.983   -19.209 -2.278  1.00 44.59  ? 199 GLN A CD  1 
ATOM   1274 O  OE1 . GLN A 1 160 ? 6.395   -20.297 -1.890  1.00 52.71  ? 199 GLN A OE1 1 
ATOM   1275 N  NE2 . GLN A 1 160 ? 6.166   -18.765 -3.514  1.00 45.45  ? 199 GLN A NE2 1 
ATOM   1276 N  N   . ASN A 1 161 ? 0.836   -19.441 -0.831  1.00 29.92  ? 200 ASN A N   1 
ATOM   1277 C  CA  . ASN A 1 161 ? -0.373  -19.990 -0.205  1.00 33.50  ? 200 ASN A CA  1 
ATOM   1278 C  C   . ASN A 1 161 ? -1.463  -20.007 -1.275  1.00 34.04  ? 200 ASN A C   1 
ATOM   1279 O  O   . ASN A 1 161 ? -1.921  -18.943 -1.671  1.00 31.59  ? 200 ASN A O   1 
ATOM   1280 C  CB  . ASN A 1 161 ? -0.749  -19.160 1.010   1.00 33.61  ? 200 ASN A CB  1 
ATOM   1281 C  CG  . ASN A 1 161 ? -2.003  -19.627 1.693   1.00 33.39  ? 200 ASN A CG  1 
ATOM   1282 O  OD1 . ASN A 1 161 ? -2.580  -20.648 1.349   1.00 32.93  ? 200 ASN A OD1 1 
ATOM   1283 N  ND2 . ASN A 1 161 ? -2.438  -18.855 2.670   1.00 33.21  ? 200 ASN A ND2 1 
ATOM   1284 N  N   . GLU A 1 162 ? -1.886  -21.196 -1.710  1.00 35.22  ? 201 GLU A N   1 
ATOM   1285 C  CA  . GLU A 1 162 ? -2.900  -21.296 -2.790  1.00 30.75  ? 201 GLU A CA  1 
ATOM   1286 C  C   . GLU A 1 162 ? -4.211  -20.667 -2.291  1.00 30.35  ? 201 GLU A C   1 
ATOM   1287 O  O   . GLU A 1 162 ? -5.012  -20.295 -3.115  1.00 32.46  ? 201 GLU A O   1 
ATOM   1288 C  CB  . GLU A 1 162 ? -3.066  -22.770 -3.195  1.00 33.59  ? 201 GLU A CB  1 
ATOM   1289 C  CG  . GLU A 1 162 ? -3.901  -23.526 -2.190  1.00 37.77  ? 201 GLU A CG  1 
ATOM   1290 C  CD  . GLU A 1 162 ? -3.797  -25.045 -2.143  1.00 55.93  ? 201 GLU A CD  1 
ATOM   1291 O  OE1 . GLU A 1 162 ? -4.851  -25.726 -2.303  1.00 54.23  ? 201 GLU A OE1 1 
ATOM   1292 O  OE2 . GLU A 1 162 ? -2.681  -25.545 -1.867  1.00 76.17  ? 201 GLU A OE2 1 
ATOM   1293 N  N   . GLU A 1 163 ? -4.464  -20.600 -0.973  1.00 31.78  ? 202 GLU A N   1 
ATOM   1294 C  CA  . GLU A 1 163 ? -5.695  -19.964 -0.453  1.00 33.53  ? 202 GLU A CA  1 
ATOM   1295 C  C   . GLU A 1 163 ? -5.723  -18.497 -0.911  1.00 28.39  ? 202 GLU A C   1 
ATOM   1296 O  O   . GLU A 1 163 ? -6.817  -18.000 -1.181  1.00 31.02  ? 202 GLU A O   1 
ATOM   1297 C  CB  . GLU A 1 163 ? -5.807  -20.060 1.073   1.00 34.34  ? 202 GLU A CB  1 
ATOM   1298 C  CG  . GLU A 1 163 ? -5.971  -21.462 1.624   1.00 40.51  ? 202 GLU A CG  1 
ATOM   1299 C  CD  . GLU A 1 163 ? -5.685  -21.503 3.122   1.00 48.94  ? 202 GLU A CD  1 
ATOM   1300 O  OE1 . GLU A 1 163 ? -6.226  -22.390 3.801   1.00 54.93  ? 202 GLU A OE1 1 
ATOM   1301 O  OE2 . GLU A 1 163 ? -4.942  -20.613 3.615   1.00 48.76  ? 202 GLU A OE2 1 
ATOM   1302 N  N   . ILE A 1 164 ? -4.576  -17.832 -1.008  1.00 27.88  ? 203 ILE A N   1 
ATOM   1303 C  CA  . ILE A 1 164 ? -4.449  -16.427 -1.507  1.00 29.52  ? 203 ILE A CA  1 
ATOM   1304 C  C   . ILE A 1 164 ? -4.738  -16.415 -3.019  1.00 29.03  ? 203 ILE A C   1 
ATOM   1305 O  O   . ILE A 1 164 ? -5.488  -15.567 -3.484  1.00 27.50  ? 203 ILE A O   1 
ATOM   1306 C  CB  . ILE A 1 164 ? -3.053  -15.866 -1.153  1.00 27.69  ? 203 ILE A CB  1 
ATOM   1307 C  CG1 . ILE A 1 164 ? -2.940  -15.618 0.354   1.00 29.44  ? 203 ILE A CG1 1 
ATOM   1308 C  CG2 . ILE A 1 164 ? -2.673  -14.637 -1.969  1.00 30.48  ? 203 ILE A CG2 1 
ATOM   1309 C  CD1 . ILE A 1 164 ? -3.880  -14.509 0.864   1.00 33.42  ? 203 ILE A CD1 1 
ATOM   1310 N  N   . THR A 1 165 ? -4.122  -17.325 -3.756  1.00 29.83  ? 204 THR A N   1 
ATOM   1311 C  CA  . THR A 1 165 ? -4.323  -17.450 -5.228  1.00 30.48  ? 204 THR A CA  1 
ATOM   1312 C  C   . THR A 1 165 ? -5.820  -17.493 -5.479  1.00 28.52  ? 204 THR A C   1 
ATOM   1313 O  O   . THR A 1 165 ? -6.294  -16.688 -6.261  1.00 32.53  ? 204 THR A O   1 
ATOM   1314 C  CB  . THR A 1 165 ? -3.584  -18.656 -5.798  1.00 32.39  ? 204 THR A CB  1 
ATOM   1315 O  OG1 . THR A 1 165 ? -2.266  -18.553 -5.266  1.00 31.61  ? 204 THR A OG1 1 
ATOM   1316 C  CG2 . THR A 1 165 ? -3.583  -18.678 -7.314  1.00 31.04  ? 204 THR A CG2 1 
ATOM   1317 N  N   . ALA A 1 166 ? -6.513  -18.372 -4.773  1.00 31.41  ? 205 ALA A N   1 
ATOM   1318 C  CA  . ALA A 1 166 ? -7.965  -18.612 -4.932  1.00 31.78  ? 205 ALA A CA  1 
ATOM   1319 C  C   . ALA A 1 166 ? -8.733  -17.338 -4.602  1.00 32.72  ? 205 ALA A C   1 
ATOM   1320 O  O   . ALA A 1 166 ? -9.678  -17.002 -5.311  1.00 28.28  ? 205 ALA A O   1 
ATOM   1321 C  CB  . ALA A 1 166 ? -8.383  -19.755 -4.054  1.00 34.05  ? 205 ALA A CB  1 
ATOM   1322 N  N   . LEU A 1 167 ? -8.381  -16.645 -3.509  1.00 32.76  ? 206 LEU A N   1 
ATOM   1323 C  CA  . LEU A 1 167 ? -9.139  -15.434 -3.127  1.00 32.16  ? 206 LEU A CA  1 
ATOM   1324 C  C   . LEU A 1 167 ? -8.923  -14.348 -4.172  1.00 27.55  ? 206 LEU A C   1 
ATOM   1325 O  O   . LEU A 1 167 ? -9.899  -13.639 -4.461  1.00 33.62  ? 206 LEU A O   1 
ATOM   1326 C  CB  . LEU A 1 167 ? -8.652  -14.882 -1.776  1.00 32.91  ? 206 LEU A CB  1 
ATOM   1327 C  CG  . LEU A 1 167 ? -9.493  -15.138 -0.530  1.00 39.70  ? 206 LEU A CG  1 
ATOM   1328 C  CD1 . LEU A 1 167 ? -9.305  -13.966 0.445   1.00 35.92  ? 206 LEU A CD1 1 
ATOM   1329 C  CD2 . LEU A 1 167 ? -10.978 -15.343 -0.811  1.00 40.43  ? 206 LEU A CD2 1 
ATOM   1330 N  N   . LYS A 1 168 ? -7.689  -14.197 -4.654  1.00 26.26  ? 207 LYS A N   1 
ATOM   1331 C  CA  . LYS A 1 168 ? -7.312  -13.170 -5.648  1.00 27.07  ? 207 LYS A CA  1 
ATOM   1332 C  C   . LYS A 1 168 ? -8.229  -13.349 -6.869  1.00 32.67  ? 207 LYS A C   1 
ATOM   1333 O  O   . LYS A 1 168 ? -8.849  -12.383 -7.354  1.00 35.21  ? 207 LYS A O   1 
ATOM   1334 C  CB  . LYS A 1 168 ? -5.848  -13.264 -6.098  1.00 26.42  ? 207 LYS A CB  1 
ATOM   1335 C  CG  . LYS A 1 168 ? -4.780  -13.045 -5.032  1.00 32.69  ? 207 LYS A CG  1 
ATOM   1336 C  CD  . LYS A 1 168 ? -4.437  -11.605 -4.772  1.00 31.25  ? 207 LYS A CD  1 
ATOM   1337 C  CE  . LYS A 1 168 ? -3.370  -11.473 -3.695  1.00 31.92  ? 207 LYS A CE  1 
ATOM   1338 N  NZ  . LYS A 1 168 ? -2.674  -10.178 -3.822  1.00 34.96  ? 207 LYS A NZ  1 
ATOM   1339 N  N   . ILE A 1 169 ? -8.341  -14.583 -7.338  1.00 31.72  ? 208 ILE A N   1 
ATOM   1340 C  CA  . ILE A 1 169 ? -9.166  -14.861 -8.553  1.00 30.23  ? 208 ILE A CA  1 
ATOM   1341 C  C   . ILE A 1 169 ? -10.651 -14.684 -8.183  1.00 29.58  ? 208 ILE A C   1 
ATOM   1342 O  O   . ILE A 1 169 ? -11.399 -14.070 -8.967  1.00 31.68  ? 208 ILE A O   1 
ATOM   1343 C  CB  . ILE A 1 169 ? -8.812  -16.271 -9.090  1.00 29.54  ? 208 ILE A CB  1 
ATOM   1344 C  CG1 . ILE A 1 169 ? -7.385  -16.313 -9.643  1.00 27.11  ? 208 ILE A CG1 1 
ATOM   1345 C  CG2 . ILE A 1 169 ? -9.843  -16.712 -10.131 1.00 30.40  ? 208 ILE A CG2 1 
ATOM   1346 C  CD1 . ILE A 1 169 ? -6.779  -17.680 -9.676  1.00 29.98  ? 208 ILE A CD1 1 
ATOM   1347 N  N   . LYS A 1 170 ? -11.091 -15.188 -7.036  1.00 28.20  ? 209 LYS A N   1 
ATOM   1348 C  CA  . LYS A 1 170 ? -12.539 -15.174 -6.695  1.00 32.04  ? 209 LYS A CA  1 
ATOM   1349 C  C   . LYS A 1 170 ? -13.072 -13.736 -6.776  1.00 33.87  ? 209 LYS A C   1 
ATOM   1350 O  O   . LYS A 1 170 ? -14.213 -13.548 -7.283  1.00 35.97  ? 209 LYS A O   1 
ATOM   1351 C  CB  . LYS A 1 170 ? -12.818 -15.805 -5.329  1.00 34.59  ? 209 LYS A CB  1 
ATOM   1352 C  CG  . LYS A 1 170 ? -14.291 -16.081 -5.050  1.00 37.31  ? 209 LYS A CG  1 
ATOM   1353 C  CD  . LYS A 1 170 ? -14.545 -16.850 -3.735  1.00 40.43  ? 209 LYS A CD  1 
ATOM   1354 C  CE  . LYS A 1 170 ? -15.955 -17.385 -3.609  1.00 47.68  ? 209 LYS A CE  1 
ATOM   1355 N  NZ  . LYS A 1 170 ? -16.884 -16.355 -3.082  1.00 49.50  ? 209 LYS A NZ  1 
ATOM   1356 N  N   . TYR A 1 171 ? -12.318 -12.762 -6.254  1.00 34.09  ? 210 TYR A N   1 
ATOM   1357 C  CA  . TYR A 1 171 ? -12.818 -11.384 -6.034  1.00 34.80  ? 210 TYR A CA  1 
ATOM   1358 C  C   . TYR A 1 171 ? -12.308 -10.436 -7.106  1.00 34.37  ? 210 TYR A C   1 
ATOM   1359 O  O   . TYR A 1 171 ? -12.670 -9.247  -7.040  1.00 39.39  ? 210 TYR A O   1 
ATOM   1360 C  CB  . TYR A 1 171 ? -12.533 -10.960 -4.588  1.00 36.25  ? 210 TYR A CB  1 
ATOM   1361 C  CG  . TYR A 1 171 ? -13.428 -11.721 -3.654  1.00 36.41  ? 210 TYR A CG  1 
ATOM   1362 C  CD1 . TYR A 1 171 ? -14.787 -11.462 -3.648  1.00 44.34  ? 210 TYR A CD1 1 
ATOM   1363 C  CD2 . TYR A 1 171 ? -12.966 -12.793 -2.910  1.00 36.83  ? 210 TYR A CD2 1 
ATOM   1364 C  CE1 . TYR A 1 171 ? -15.650 -12.198 -2.857  1.00 44.22  ? 210 TYR A CE1 1 
ATOM   1365 C  CE2 . TYR A 1 171 ? -13.813 -13.545 -2.116  1.00 39.76  ? 210 TYR A CE2 1 
ATOM   1366 C  CZ  . TYR A 1 171 ? -15.163 -13.245 -2.098  1.00 47.03  ? 210 TYR A CZ  1 
ATOM   1367 O  OH  . TYR A 1 171 ? -16.031 -13.957 -1.326  1.00 52.40  ? 210 TYR A OH  1 
ATOM   1368 N  N   . ASN A 1 172 ? -11.520 -10.903 -8.070  1.00 37.35  ? 211 ASN A N   1 
ATOM   1369 C  CA  . ASN A 1 172 ? -11.079 -10.017 -9.171  1.00 41.07  ? 211 ASN A CA  1 
ATOM   1370 C  C   . ASN A 1 172 ? -12.182 -10.028 -10.240 1.00 50.10  ? 211 ASN A C   1 
ATOM   1371 O  O   . ASN A 1 172 ? -13.092 -10.868 -10.184 1.00 47.26  ? 211 ASN A O   1 
ATOM   1372 C  CB  . ASN A 1 172 ? -9.647  -10.314 -9.630  1.00 48.98  ? 211 ASN A CB  1 
ATOM   1373 C  CG  . ASN A 1 172 ? -9.472  -11.494 -10.573 1.00 51.89  ? 211 ASN A CG  1 
ATOM   1374 O  OD1 . ASN A 1 172 ? -8.339  -11.880 -10.866 1.00 52.33  ? 211 ASN A OD1 1 
ATOM   1375 N  ND2 . ASN A 1 172 ? -10.558 -12.064 -11.059 1.00 51.05  ? 211 ASN A ND2 1 
HETATM 1376 CD CD  . CD  B 2 .   ? 1.954   1.841   11.240  0.50 24.54  ? 301 CD  A CD  1 
HETATM 1377 CD CD  . CD  C 2 .   ? 1.076   -1.599  12.006  1.00 25.92  ? 302 CD  A CD  1 
HETATM 1378 CD CD  . CD  D 2 .   ? 12.360  5.131   -6.482  1.00 52.10  ? 303 CD  A CD  1 
HETATM 1379 CD CD  . CD  E 2 .   ? 13.371  -8.807  15.101  1.00 35.61  ? 304 CD  A CD  1 
HETATM 1380 CD CD  . CD  F 2 .   ? 12.669  7.859   -3.712  1.00 47.02  ? 305 CD  A CD  1 
HETATM 1381 N  N1  . NY1 G 3 .   ? 12.535  8.515   -1.288  0.90 52.14  ? 306 NY1 A N1  1 
HETATM 1382 C  C4  . NY1 G 3 .   ? 11.087  10.431  -1.838  0.90 51.42  ? 306 NY1 A C4  1 
HETATM 1383 C  C5  . NY1 G 3 .   ? 10.391  9.905   -3.092  0.90 51.19  ? 306 NY1 A C5  1 
HETATM 1384 C  C6  . NY1 G 3 .   ? 9.272   10.427  -5.201  0.90 53.52  ? 306 NY1 A C6  1 
HETATM 1385 C  C7  . NY1 G 3 .   ? 7.907   10.994  -5.532  0.90 55.74  ? 306 NY1 A C7  1 
HETATM 1386 C  C8  . NY1 G 3 .   ? 8.732   12.941  -4.525  0.90 54.36  ? 306 NY1 A C8  1 
HETATM 1387 C  C10 . NY1 G 3 .   ? 11.013  9.103   0.334   0.90 54.34  ? 306 NY1 A C10 1 
HETATM 1388 C  C1  . NY1 G 3 .   ? 13.551  6.344   -0.650  0.90 51.18  ? 306 NY1 A C1  1 
HETATM 1389 C  C2  . NY1 G 3 .   ? 12.709  7.554   -0.419  0.90 52.82  ? 306 NY1 A C2  1 
HETATM 1390 C  C3  . NY1 G 3 .   ? 11.519  9.355   -0.897  0.90 53.38  ? 306 NY1 A C3  1 
HETATM 1391 C  C9  . NY1 G 3 .   ? 9.727   12.249  -3.624  0.90 53.40  ? 306 NY1 A C9  1 
HETATM 1392 N  N2  . NY1 G 3 .   ? 9.694   10.795  -3.840  0.90 52.71  ? 306 NY1 A N2  1 
HETATM 1393 O  O1  . NY1 G 3 .   ? 10.462  8.713   -3.396  0.90 41.26  ? 306 NY1 A O1  1 
HETATM 1394 O  O2  . NY1 G 3 .   ? 7.578   12.138  -4.745  0.90 57.33  ? 306 NY1 A O2  1 
HETATM 1395 S  S1  . NY1 G 3 .   ? 11.864  7.805   1.067   0.90 52.86  ? 306 NY1 A S1  1 
HETATM 1396 O  O   . HOH H 4 .   ? -15.271 11.993  1.497   1.00 52.46  ? 401 HOH A O   1 
HETATM 1397 O  O   . HOH H 4 .   ? -12.086 17.283  -9.653  1.00 29.44  ? 402 HOH A O   1 
HETATM 1398 O  O   . HOH H 4 .   ? -6.706  20.698  5.850   1.00 40.96  ? 403 HOH A O   1 
HETATM 1399 O  O   . HOH H 4 .   ? -4.385  17.871  -10.742 0.50 47.53  ? 404 HOH A O   1 
HETATM 1400 O  O   . HOH H 4 .   ? -10.456 19.643  -9.136  1.00 46.63  ? 405 HOH A O   1 
HETATM 1401 O  O   . HOH H 4 .   ? 0.348   6.129   -11.873 1.00 33.58  ? 406 HOH A O   1 
HETATM 1402 O  O   . HOH H 4 .   ? -1.834  8.905   11.927  1.00 41.28  ? 407 HOH A O   1 
HETATM 1403 O  O   . HOH H 4 .   ? 10.018  -9.985  -13.373 1.00 50.17  ? 408 HOH A O   1 
HETATM 1404 O  O   . HOH H 4 .   ? -8.998  -19.334 -0.543  1.00 38.36  ? 409 HOH A O   1 
HETATM 1405 O  O   . HOH H 4 .   ? 1.506   -6.230  -6.792  1.00 32.28  ? 410 HOH A O   1 
HETATM 1406 O  O   . HOH H 4 .   ? -0.132  -16.543 2.625   1.00 30.51  ? 411 HOH A O   1 
HETATM 1407 O  O   . HOH H 4 .   ? 1.617   14.156  10.395  1.00 38.57  ? 412 HOH A O   1 
HETATM 1408 O  O   . HOH H 4 .   ? 13.629  -8.350  -3.602  1.00 62.70  ? 413 HOH A O   1 
HETATM 1409 O  O   . HOH H 4 .   ? 9.831   -7.960  6.548   1.00 33.66  ? 414 HOH A O   1 
HETATM 1410 O  O   . HOH H 4 .   ? -9.154  10.180  -6.559  1.00 40.20  ? 415 HOH A O   1 
HETATM 1411 O  O   . HOH H 4 .   ? 11.142  1.889   -3.089  1.00 35.43  ? 416 HOH A O   1 
HETATM 1412 O  O   . HOH H 4 .   ? -10.375 -2.349  -2.586  1.00 45.20  ? 417 HOH A O   1 
HETATM 1413 O  O   . HOH H 4 .   ? -9.531  -0.825  -0.388  1.00 33.51  ? 418 HOH A O   1 
HETATM 1414 O  O   . HOH H 4 .   ? -2.078  -1.106  -7.971  1.00 28.43  ? 419 HOH A O   1 
HETATM 1415 O  O   . HOH H 4 .   ? 2.962   12.224  9.424   1.00 31.70  ? 420 HOH A O   1 
HETATM 1416 O  O   . HOH H 4 .   ? -10.484 10.313  -9.893  1.00 43.00  ? 421 HOH A O   1 
HETATM 1417 O  O   . HOH H 4 .   ? 8.660   6.436   2.554   1.00 34.72  ? 422 HOH A O   1 
HETATM 1418 O  O   . HOH H 4 .   ? -3.946  -7.739  3.714   1.00 26.17  ? 423 HOH A O   1 
HETATM 1419 O  O   . HOH H 4 .   ? 4.508   -15.209 -10.470 1.00 45.83  ? 424 HOH A O   1 
HETATM 1420 O  O   . HOH H 4 .   ? -17.987 -14.501 -4.846  1.00 43.87  ? 425 HOH A O   1 
HETATM 1421 O  O   . HOH H 4 .   ? -0.571  -23.506 -0.867  1.00 40.20  ? 426 HOH A O   1 
HETATM 1422 O  O   . HOH H 4 .   ? -1.228  -10.003 5.610   1.00 32.23  ? 427 HOH A O   1 
HETATM 1423 O  O   . HOH H 4 .   ? -3.153  4.918   -8.664  1.00 26.65  ? 428 HOH A O   1 
HETATM 1424 O  O   . HOH H 4 .   ? -0.456  12.288  10.815  1.00 34.82  ? 429 HOH A O   1 
HETATM 1425 O  O   . HOH H 4 .   ? -3.339  -0.157  -4.423  1.00 30.08  ? 430 HOH A O   1 
HETATM 1426 O  O   . HOH H 4 .   ? -16.785 -14.683 -7.542  1.00 36.87  ? 431 HOH A O   1 
HETATM 1427 O  O   . HOH H 4 .   ? 1.358   -18.594 7.276   1.00 39.80  ? 432 HOH A O   1 
HETATM 1428 O  O   . HOH H 4 .   ? -11.574 10.966  -5.092  1.00 36.28  ? 433 HOH A O   1 
HETATM 1429 O  O   . HOH H 4 .   ? -4.246  2.732   11.590  1.00 49.18  ? 434 HOH A O   1 
HETATM 1430 O  O   . HOH H 4 .   ? -12.873 10.202  0.016   1.00 37.67  ? 435 HOH A O   1 
HETATM 1431 O  O   . HOH H 4 .   ? 3.881   2.747   -9.960  1.00 34.06  ? 436 HOH A O   1 
HETATM 1432 O  O   . HOH H 4 .   ? -9.235  7.587   -7.214  1.00 37.27  ? 437 HOH A O   1 
HETATM 1433 O  O   . HOH H 4 .   ? -14.861 -0.904  4.495   1.00 54.73  ? 438 HOH A O   1 
HETATM 1434 O  O   . HOH H 4 .   ? -5.941  -5.877  10.877  1.00 48.43  ? 439 HOH A O   1 
HETATM 1435 O  O   . HOH H 4 .   ? 1.886   -16.761 -8.587  1.00 35.96  ? 440 HOH A O   1 
HETATM 1436 O  O   . HOH H 4 .   ? -3.009  1.548   -17.073 1.00 40.97  ? 441 HOH A O   1 
HETATM 1437 O  O   . HOH H 4 .   ? -2.359  17.371  5.951   1.00 42.77  ? 442 HOH A O   1 
HETATM 1438 O  O   . HOH H 4 .   ? -2.776  15.815  -12.042 1.00 39.34  ? 443 HOH A O   1 
HETATM 1439 O  O   . HOH H 4 .   ? 0.194   -5.027  -13.584 1.00 35.46  ? 444 HOH A O   1 
HETATM 1440 O  O   . HOH H 4 .   ? 4.092   5.295   10.271  1.00 25.59  ? 445 HOH A O   1 
HETATM 1441 O  O   . HOH H 4 .   ? 9.918   5.356   -7.477  1.00 50.58  ? 446 HOH A O   1 
HETATM 1442 O  O   . HOH H 4 .   ? -8.516  9.041   10.768  1.00 42.97  ? 447 HOH A O   1 
HETATM 1443 O  O   . HOH H 4 .   ? -16.308 -3.510  4.511   1.00 45.72  ? 448 HOH A O   1 
HETATM 1444 O  O   . HOH H 4 .   ? 15.447  -12.647 8.820   1.00 36.86  ? 449 HOH A O   1 
HETATM 1445 O  O   . HOH H 4 .   ? 9.303   -15.046 -3.658  1.00 40.34  ? 450 HOH A O   1 
HETATM 1446 O  O   . HOH H 4 .   ? -0.763  -3.187  -17.686 1.00 49.69  ? 451 HOH A O   1 
HETATM 1447 O  O   . HOH H 4 .   ? -9.945  -3.884  -5.181  1.00 37.73  ? 452 HOH A O   1 
HETATM 1448 O  O   . HOH H 4 .   ? -4.040  -15.515 -8.335  1.00 57.36  ? 453 HOH A O   1 
HETATM 1449 O  O   . HOH H 4 .   ? 11.622  -6.622  13.772  1.00 35.09  ? 454 HOH A O   1 
HETATM 1450 O  O   . HOH H 4 .   ? -5.477  6.001   -10.012 1.00 41.36  ? 455 HOH A O   1 
HETATM 1451 O  O   . HOH H 4 .   ? -2.061  5.675   11.525  1.00 22.28  ? 456 HOH A O   1 
HETATM 1452 O  O   . HOH H 4 .   ? 4.184   1.548   10.938  0.50 18.67  ? 457 HOH A O   1 
HETATM 1453 O  O   . HOH H 4 .   ? 11.683  2.805   -6.327  1.00 28.66  ? 458 HOH A O   1 
HETATM 1454 O  O   . HOH H 4 .   ? 11.113  -8.359  15.197  1.00 28.15  ? 459 HOH A O   1 
HETATM 1455 O  O   . HOH H 4 .   ? -8.044  6.756   -9.472  1.00 39.71  ? 460 HOH A O   1 
HETATM 1456 O  O   . HOH H 4 .   ? 2.994   -3.005  12.312  1.00 20.13  ? 461 HOH A O   1 
HETATM 1457 O  O   . HOH H 4 .   ? 14.534  -7.092  14.925  1.00 34.30  ? 462 HOH A O   1 
HETATM 1458 O  O   . HOH H 4 .   ? 14.173  -10.377 16.772  1.00 26.13  ? 463 HOH A O   1 
HETATM 1459 O  O   . HOH H 4 .   ? 14.845  7.436   -3.928  0.90 52.97  ? 464 HOH A O   1 
HETATM 1460 O  O   . HOH H 4 .   ? -12.816 19.704  -7.276  1.00 42.78  ? 465 HOH A O   1 
HETATM 1461 O  O   . HOH H 4 .   ? -11.289 -18.615 -2.119  1.00 39.42  ? 466 HOH A O   1 
HETATM 1462 O  O   . HOH H 4 .   ? 12.803  7.760   -6.450  1.00 48.09  ? 467 HOH A O   1 
HETATM 1463 O  O   . HOH H 4 .   ? -13.675 -17.733 -9.071  1.00 37.23  ? 468 HOH A O   1 
HETATM 1464 O  O   . HOH H 4 .   ? -2.769  3.832   -17.953 1.00 36.59  ? 469 HOH A O   1 
HETATM 1465 O  O   . HOH H 4 .   ? -9.926  -23.054 1.796   1.00 37.34  ? 470 HOH A O   1 
HETATM 1466 O  O   . HOH H 4 .   ? -1.277  6.649   -13.883 1.00 31.00  ? 471 HOH A O   1 
HETATM 1467 O  O   . HOH H 4 .   ? 4.457   16.586  -3.501  1.00 48.67  ? 472 HOH A O   1 
HETATM 1468 O  O   . HOH H 4 .   ? -3.895  19.491  6.400   1.00 36.21  ? 473 HOH A O   1 
HETATM 1469 O  O   . HOH H 4 .   ? -1.679  -22.089 -8.812  1.00 54.60  ? 474 HOH A O   1 
# 
